data_2XKH
# 
_entry.id   2XKH 
# 
_audit_conform.dict_name       mmcif_pdbx.dic 
_audit_conform.dict_version    5.383 
_audit_conform.dict_location   http://mmcif.pdb.org/dictionaries/ascii/mmcif_pdbx.dic 
# 
loop_
_database_2.database_id 
_database_2.database_code 
_database_2.pdbx_database_accession 
_database_2.pdbx_DOI 
PDB   2XKH         pdb_00002xkh 10.2210/pdb2xkh/pdb 
PDBE  EBI-44557    ?            ?                   
WWPDB D_1290044557 ?            ?                   
# 
loop_
_pdbx_database_related.db_name 
_pdbx_database_related.db_id 
_pdbx_database_related.content_type 
_pdbx_database_related.details 
PDB 2VYZ unspecified 'MUTANT ALA55PHE OF CEREBRATULUS LACTEUS MINI- HEMOGLOBIN' 
PDB 1V07 unspecified 
'CRYSTAL STRUCTURE OF THRE11VAL MUTANT OF THE NERVE TISSUE MINI-HEMOGLOBIN FROM THE NEMERTEAN WORM CEREBRATULUS LACTEUS' 
PDB 2VYY unspecified 'MUTANT ALA55TRP OF CEREBRATULS LACTEUS MINI- HEMOGLOBIN' 
PDB 1KR7 unspecified 'CRYSTAL STRUCTURE OF THE NERVE TISSUE MINI- HEMOGLOBIN FROMTHE NEMERTEAN WORM CEREBRATULUS LACTEUS' 
PDB 2XKG unspecified 'C.LACTEUS MINI-HB LEU86ALA MUTANT' 
PDB 2XKI unspecified 'AQUO-MET STRUCTURE OF C.LACTEUS MINI-HB' 
# 
_pdbx_database_status.status_code                     REL 
_pdbx_database_status.entry_id                        2XKH 
_pdbx_database_status.deposit_site                    PDBE 
_pdbx_database_status.process_site                    PDBE 
_pdbx_database_status.SG_entry                        . 
_pdbx_database_status.recvd_initial_deposition_date   2010-07-08 
_pdbx_database_status.pdb_format_compatible           Y 
_pdbx_database_status.status_code_sf                  REL 
_pdbx_database_status.status_code_mr                  ? 
_pdbx_database_status.status_code_cs                  ? 
_pdbx_database_status.methods_development_category    ? 
_pdbx_database_status.status_code_nmr_data            ? 
# 
loop_
_audit_author.name 
_audit_author.pdbx_ordinal 
'Pesce, A.'     1  
'Nardini, M.'   2  
'Dewilde, S.'   3  
'Capece, L.'    4  
'Marti, M.A.'   5  
'Congia, S.'    6  
'Salter, M.D.'  7  
'Blouin, G.C.'  8  
'Estrin, D.A.'  9  
'Ascenzi, P.'   10 
'Moens, L.'     11 
'Bolognesi, M.' 12 
'Olson, J.S.'   13 
# 
_citation.id                        primary 
_citation.title                     'Ligand Migration in the Apolar Tunnel of Cerebratulus Lacteus Mini-Hemoglobin.' 
_citation.journal_abbrev            J.Biol.Chem. 
_citation.journal_volume            286 
_citation.page_first                5347 
_citation.page_last                 ? 
_citation.year                      2011 
_citation.journal_id_ASTM           JBCHA3 
_citation.country                   US 
_citation.journal_id_ISSN           0021-9258 
_citation.journal_id_CSD            0071 
_citation.book_publisher            ? 
_citation.pdbx_database_id_PubMed   21147768 
_citation.pdbx_database_id_DOI      10.1074/JBC.M110.169045 
# 
loop_
_citation_author.citation_id 
_citation_author.name 
_citation_author.ordinal 
_citation_author.identifier_ORCID 
primary 'Pesce, A.'     1  ? 
primary 'Nardini, M.'   2  ? 
primary 'Dewilde, S.'   3  ? 
primary 'Capece, L.'    4  ? 
primary 'Marti, M.A.'   5  ? 
primary 'Congia, S.'    6  ? 
primary 'Salter, M.D.'  7  ? 
primary 'Blouin, G.C.'  8  ? 
primary 'Estrin, D.A.'  9  ? 
primary 'Ascenzi, P.'   10 ? 
primary 'Moens, L.'     11 ? 
primary 'Bolognesi, M.' 12 ? 
primary 'Olson, J.S.'   13 ? 
# 
_cell.entry_id           2XKH 
_cell.length_a           42.919 
_cell.length_b           43.011 
_cell.length_c           59.472 
_cell.angle_alpha        90.00 
_cell.angle_beta         90.00 
_cell.angle_gamma        90.00 
_cell.Z_PDB              4 
_cell.pdbx_unique_axis   ? 
# 
_symmetry.entry_id                         2XKH 
_symmetry.space_group_name_H-M             'P 21 21 21' 
_symmetry.pdbx_full_space_group_name_H-M   ? 
_symmetry.cell_setting                     ? 
_symmetry.Int_Tables_number                19 
# 
loop_
_entity.id 
_entity.type 
_entity.src_method 
_entity.pdbx_description 
_entity.formula_weight 
_entity.pdbx_number_of_molecules 
_entity.pdbx_ec 
_entity.pdbx_mutation 
_entity.pdbx_fragment 
_entity.details 
1 polymer     man 'NEURAL HEMOGLOBIN'               11504.869 1  ? YES ? ? 
2 non-polymer syn 'PROTOPORPHYRIN IX CONTAINING FE' 616.487   1  ? ?   ? ? 
3 non-polymer syn 'OXYGEN MOLECULE'                 31.999    1  ? ?   ? ? 
4 non-polymer syn 'SULFATE ION'                     96.063    1  ? ?   ? ? 
5 non-polymer syn XENON                             131.293   2  ? ?   ? ? 
6 water       nat water                             18.015    61 ? ?   ? ? 
# 
_entity_name_com.entity_id   1 
_entity_name_com.name        'MINI-HEMOGLOBIN, NRHB' 
# 
_entity_poly.entity_id                      1 
_entity_poly.type                           'polypeptide(L)' 
_entity_poly.nstd_linkage                   no 
_entity_poly.nstd_monomer                   no 
_entity_poly.pdbx_seq_one_letter_code       
;MVNWAAVVDDFYQELFKAHPEYQNKFGFKGVALGSLKGNAAYKTQAGKTVDYINAAIGGSADAAGLASRHKGRNVGSAEF
HNAKACAAKACSAHGAPDLGHAIDDILSHL
;
_entity_poly.pdbx_seq_one_letter_code_can   
;MVNWAAVVDDFYQELFKAHPEYQNKFGFKGVALGSLKGNAAYKTQAGKTVDYINAAIGGSADAAGLASRHKGRNVGSAEF
HNAKACAAKACSAHGAPDLGHAIDDILSHL
;
_entity_poly.pdbx_strand_id                 A 
_entity_poly.pdbx_target_identifier         ? 
# 
loop_
_entity_poly_seq.entity_id 
_entity_poly_seq.num 
_entity_poly_seq.mon_id 
_entity_poly_seq.hetero 
1 1   MET n 
1 2   VAL n 
1 3   ASN n 
1 4   TRP n 
1 5   ALA n 
1 6   ALA n 
1 7   VAL n 
1 8   VAL n 
1 9   ASP n 
1 10  ASP n 
1 11  PHE n 
1 12  TYR n 
1 13  GLN n 
1 14  GLU n 
1 15  LEU n 
1 16  PHE n 
1 17  LYS n 
1 18  ALA n 
1 19  HIS n 
1 20  PRO n 
1 21  GLU n 
1 22  TYR n 
1 23  GLN n 
1 24  ASN n 
1 25  LYS n 
1 26  PHE n 
1 27  GLY n 
1 28  PHE n 
1 29  LYS n 
1 30  GLY n 
1 31  VAL n 
1 32  ALA n 
1 33  LEU n 
1 34  GLY n 
1 35  SER n 
1 36  LEU n 
1 37  LYS n 
1 38  GLY n 
1 39  ASN n 
1 40  ALA n 
1 41  ALA n 
1 42  TYR n 
1 43  LYS n 
1 44  THR n 
1 45  GLN n 
1 46  ALA n 
1 47  GLY n 
1 48  LYS n 
1 49  THR n 
1 50  VAL n 
1 51  ASP n 
1 52  TYR n 
1 53  ILE n 
1 54  ASN n 
1 55  ALA n 
1 56  ALA n 
1 57  ILE n 
1 58  GLY n 
1 59  GLY n 
1 60  SER n 
1 61  ALA n 
1 62  ASP n 
1 63  ALA n 
1 64  ALA n 
1 65  GLY n 
1 66  LEU n 
1 67  ALA n 
1 68  SER n 
1 69  ARG n 
1 70  HIS n 
1 71  LYS n 
1 72  GLY n 
1 73  ARG n 
1 74  ASN n 
1 75  VAL n 
1 76  GLY n 
1 77  SER n 
1 78  ALA n 
1 79  GLU n 
1 80  PHE n 
1 81  HIS n 
1 82  ASN n 
1 83  ALA n 
1 84  LYS n 
1 85  ALA n 
1 86  CYS n 
1 87  ALA n 
1 88  ALA n 
1 89  LYS n 
1 90  ALA n 
1 91  CYS n 
1 92  SER n 
1 93  ALA n 
1 94  HIS n 
1 95  GLY n 
1 96  ALA n 
1 97  PRO n 
1 98  ASP n 
1 99  LEU n 
1 100 GLY n 
1 101 HIS n 
1 102 ALA n 
1 103 ILE n 
1 104 ASP n 
1 105 ASP n 
1 106 ILE n 
1 107 LEU n 
1 108 SER n 
1 109 HIS n 
1 110 LEU n 
# 
_entity_src_gen.entity_id                          1 
_entity_src_gen.pdbx_src_id                        1 
_entity_src_gen.pdbx_alt_source_flag               sample 
_entity_src_gen.pdbx_seq_type                      ? 
_entity_src_gen.pdbx_beg_seq_num                   ? 
_entity_src_gen.pdbx_end_seq_num                   ? 
_entity_src_gen.gene_src_common_name               'MILKY RIBBON-WORM' 
_entity_src_gen.gene_src_genus                     ? 
_entity_src_gen.pdbx_gene_src_gene                 ? 
_entity_src_gen.gene_src_species                   ? 
_entity_src_gen.gene_src_strain                    ? 
_entity_src_gen.gene_src_tissue                    'NERVE TISSUE' 
_entity_src_gen.gene_src_tissue_fraction           ? 
_entity_src_gen.gene_src_details                   ? 
_entity_src_gen.pdbx_gene_src_fragment             ? 
_entity_src_gen.pdbx_gene_src_scientific_name      'CEREBRATULUS LACTEUS' 
_entity_src_gen.pdbx_gene_src_ncbi_taxonomy_id     6221 
_entity_src_gen.pdbx_gene_src_variant              ? 
_entity_src_gen.pdbx_gene_src_cell_line            ? 
_entity_src_gen.pdbx_gene_src_atcc                 ? 
_entity_src_gen.pdbx_gene_src_organ                ? 
_entity_src_gen.pdbx_gene_src_organelle            ? 
_entity_src_gen.pdbx_gene_src_cell                 ? 
_entity_src_gen.pdbx_gene_src_cellular_location    ? 
_entity_src_gen.host_org_common_name               ? 
_entity_src_gen.pdbx_host_org_scientific_name      'ESCHERICHIA COLI' 
_entity_src_gen.pdbx_host_org_ncbi_taxonomy_id     562 
_entity_src_gen.host_org_genus                     ? 
_entity_src_gen.pdbx_host_org_gene                 ? 
_entity_src_gen.pdbx_host_org_organ                ? 
_entity_src_gen.host_org_species                   ? 
_entity_src_gen.pdbx_host_org_tissue               ? 
_entity_src_gen.pdbx_host_org_tissue_fraction      ? 
_entity_src_gen.pdbx_host_org_strain               ? 
_entity_src_gen.pdbx_host_org_variant              ? 
_entity_src_gen.pdbx_host_org_cell_line            ? 
_entity_src_gen.pdbx_host_org_atcc                 ? 
_entity_src_gen.pdbx_host_org_culture_collection   ? 
_entity_src_gen.pdbx_host_org_cell                 ? 
_entity_src_gen.pdbx_host_org_organelle            ? 
_entity_src_gen.pdbx_host_org_cellular_location    ? 
_entity_src_gen.pdbx_host_org_vector_type          ? 
_entity_src_gen.pdbx_host_org_vector               ? 
_entity_src_gen.host_org_details                   ? 
_entity_src_gen.expression_system_id               ? 
_entity_src_gen.plasmid_name                       ? 
_entity_src_gen.plasmid_details                    ? 
_entity_src_gen.pdbx_description                   ? 
# 
_struct_ref.id                         1 
_struct_ref.db_name                    UNP 
_struct_ref.db_code                    GLBN_CERLA 
_struct_ref.entity_id                  1 
_struct_ref.pdbx_seq_one_letter_code   ? 
_struct_ref.pdbx_align_begin           ? 
_struct_ref.pdbx_db_accession          O76242 
_struct_ref.pdbx_db_isoform            ? 
# 
_struct_ref_seq.align_id                      1 
_struct_ref_seq.ref_id                        1 
_struct_ref_seq.pdbx_PDB_id_code              2XKH 
_struct_ref_seq.pdbx_strand_id                A 
_struct_ref_seq.seq_align_beg                 1 
_struct_ref_seq.pdbx_seq_align_beg_ins_code   ? 
_struct_ref_seq.seq_align_end                 110 
_struct_ref_seq.pdbx_seq_align_end_ins_code   ? 
_struct_ref_seq.pdbx_db_accession             O76242 
_struct_ref_seq.db_align_beg                  1 
_struct_ref_seq.pdbx_db_align_beg_ins_code    ? 
_struct_ref_seq.db_align_end                  110 
_struct_ref_seq.pdbx_db_align_end_ins_code    ? 
_struct_ref_seq.pdbx_auth_seq_align_beg       0 
_struct_ref_seq.pdbx_auth_seq_align_end       109 
# 
_struct_ref_seq_dif.align_id                     1 
_struct_ref_seq_dif.pdbx_pdb_id_code             2XKH 
_struct_ref_seq_dif.mon_id                       ALA 
_struct_ref_seq_dif.pdbx_pdb_strand_id           A 
_struct_ref_seq_dif.seq_num                      87 
_struct_ref_seq_dif.pdbx_pdb_ins_code            ? 
_struct_ref_seq_dif.pdbx_seq_db_name             UNP 
_struct_ref_seq_dif.pdbx_seq_db_accession_code   ? 
_struct_ref_seq_dif.db_mon_id                    LEU 
_struct_ref_seq_dif.pdbx_seq_db_seq_num          87 
_struct_ref_seq_dif.details                      'engineered mutation' 
_struct_ref_seq_dif.pdbx_auth_seq_num            86 
_struct_ref_seq_dif.pdbx_ordinal                 1 
# 
loop_
_chem_comp.id 
_chem_comp.type 
_chem_comp.mon_nstd_flag 
_chem_comp.name 
_chem_comp.pdbx_synonyms 
_chem_comp.formula 
_chem_comp.formula_weight 
ALA 'L-peptide linking' y ALANINE                           ?    'C3 H7 N O2'       89.093  
ARG 'L-peptide linking' y ARGININE                          ?    'C6 H15 N4 O2 1'   175.209 
ASN 'L-peptide linking' y ASPARAGINE                        ?    'C4 H8 N2 O3'      132.118 
ASP 'L-peptide linking' y 'ASPARTIC ACID'                   ?    'C4 H7 N O4'       133.103 
CYS 'L-peptide linking' y CYSTEINE                          ?    'C3 H7 N O2 S'     121.158 
GLN 'L-peptide linking' y GLUTAMINE                         ?    'C5 H10 N2 O3'     146.144 
GLU 'L-peptide linking' y 'GLUTAMIC ACID'                   ?    'C5 H9 N O4'       147.129 
GLY 'peptide linking'   y GLYCINE                           ?    'C2 H5 N O2'       75.067  
HEM non-polymer         . 'PROTOPORPHYRIN IX CONTAINING FE' HEME 'C34 H32 Fe N4 O4' 616.487 
HIS 'L-peptide linking' y HISTIDINE                         ?    'C6 H10 N3 O2 1'   156.162 
HOH non-polymer         . WATER                             ?    'H2 O'             18.015  
ILE 'L-peptide linking' y ISOLEUCINE                        ?    'C6 H13 N O2'      131.173 
LEU 'L-peptide linking' y LEUCINE                           ?    'C6 H13 N O2'      131.173 
LYS 'L-peptide linking' y LYSINE                            ?    'C6 H15 N2 O2 1'   147.195 
MET 'L-peptide linking' y METHIONINE                        ?    'C5 H11 N O2 S'    149.211 
OXY non-polymer         . 'OXYGEN MOLECULE'                 ?    O2                 31.999  
PHE 'L-peptide linking' y PHENYLALANINE                     ?    'C9 H11 N O2'      165.189 
PRO 'L-peptide linking' y PROLINE                           ?    'C5 H9 N O2'       115.130 
SER 'L-peptide linking' y SERINE                            ?    'C3 H7 N O3'       105.093 
SO4 non-polymer         . 'SULFATE ION'                     ?    'O4 S -2'          96.063  
THR 'L-peptide linking' y THREONINE                         ?    'C4 H9 N O3'       119.119 
TRP 'L-peptide linking' y TRYPTOPHAN                        ?    'C11 H12 N2 O2'    204.225 
TYR 'L-peptide linking' y TYROSINE                          ?    'C9 H11 N O3'      181.189 
VAL 'L-peptide linking' y VALINE                            ?    'C5 H11 N O2'      117.146 
XE  non-polymer         . XENON                             ?    Xe                 131.293 
# 
_exptl.entry_id          2XKH 
_exptl.method            'X-RAY DIFFRACTION' 
_exptl.crystals_number   1 
# 
_exptl_crystal.id                    1 
_exptl_crystal.density_meas          ? 
_exptl_crystal.density_Matthews      2.5 
_exptl_crystal.density_percent_sol   51 
_exptl_crystal.description           NONE 
# 
_exptl_crystal_grow.crystal_id      1 
_exptl_crystal_grow.method          ? 
_exptl_crystal_grow.temp            277 
_exptl_crystal_grow.temp_details    ? 
_exptl_crystal_grow.pH              6.0 
_exptl_crystal_grow.pdbx_pH_range   ? 
_exptl_crystal_grow.pdbx_details    '60% AMMONIUM SULPHATE, 50MM SODIUM ACETATE PH 6.0, AT 4C' 
# 
_diffrn.id                     1 
_diffrn.ambient_temp           100 
_diffrn.ambient_temp_details   ? 
_diffrn.crystal_id             1 
# 
_diffrn_detector.diffrn_id              1 
_diffrn_detector.detector               'IMAGE PLATE' 
_diffrn_detector.type                   MARRESEARCH 
_diffrn_detector.pdbx_collection_date   ? 
_diffrn_detector.details                ? 
# 
_diffrn_radiation.diffrn_id                        1 
_diffrn_radiation.wavelength_id                    1 
_diffrn_radiation.pdbx_monochromatic_or_laue_m_l   M 
_diffrn_radiation.monochromator                    ? 
_diffrn_radiation.pdbx_diffrn_protocol             'SINGLE WAVELENGTH' 
_diffrn_radiation.pdbx_scattering_type             x-ray 
# 
_diffrn_radiation_wavelength.id           1 
_diffrn_radiation_wavelength.wavelength   1.5418 
_diffrn_radiation_wavelength.wt           1.0 
# 
_diffrn_source.diffrn_id                   1 
_diffrn_source.source                      'ROTATING ANODE' 
_diffrn_source.type                        'RIGAKU RUH3R' 
_diffrn_source.pdbx_synchrotron_site       ? 
_diffrn_source.pdbx_synchrotron_beamline   ? 
_diffrn_source.pdbx_wavelength             1.5418 
_diffrn_source.pdbx_wavelength_list        ? 
# 
_reflns.pdbx_diffrn_id               1 
_reflns.pdbx_ordinal                 1 
_reflns.entry_id                     2XKH 
_reflns.observed_criterion_sigma_I   0.0 
_reflns.observed_criterion_sigma_F   ? 
_reflns.d_resolution_low             35.00 
_reflns.d_resolution_high            2.30 
_reflns.number_obs                   5031 
_reflns.number_all                   ? 
_reflns.percent_possible_obs         97.5 
_reflns.pdbx_Rmerge_I_obs            0.09 
_reflns.pdbx_Rsym_value              ? 
_reflns.pdbx_netI_over_sigmaI        8.60 
_reflns.B_iso_Wilson_estimate        ? 
_reflns.pdbx_redundancy              3.5 
# 
_reflns_shell.pdbx_diffrn_id         1 
_reflns_shell.pdbx_ordinal           1 
_reflns_shell.d_res_high             2.30 
_reflns_shell.d_res_low              2.34 
_reflns_shell.percent_possible_all   93.0 
_reflns_shell.Rmerge_I_obs           0.40 
_reflns_shell.pdbx_Rsym_value        ? 
_reflns_shell.meanI_over_sigI_obs    ? 
_reflns_shell.pdbx_redundancy        ? 
# 
_refine.pdbx_refine_id                           'X-RAY DIFFRACTION' 
_refine.entry_id                                 2XKH 
_refine.pdbx_diffrn_id                           1 
_refine.pdbx_TLS_residual_ADP_flag               ? 
_refine.ls_number_reflns_obs                     4518 
_refine.ls_number_reflns_all                     ? 
_refine.pdbx_ls_sigma_I                          ? 
_refine.pdbx_ls_sigma_F                          . 
_refine.pdbx_data_cutoff_high_absF               ? 
_refine.pdbx_data_cutoff_low_absF                ? 
_refine.pdbx_data_cutoff_high_rms_absF           ? 
_refine.ls_d_res_low                             18.29 
_refine.ls_d_res_high                            2.31 
_refine.ls_percent_reflns_obs                    100.00 
_refine.ls_R_factor_obs                          0.20102 
_refine.ls_R_factor_all                          ? 
_refine.ls_R_factor_R_work                       0.19381 
_refine.ls_R_factor_R_free                       0.26610 
_refine.ls_R_factor_R_free_error                 ? 
_refine.ls_R_factor_R_free_error_details         ? 
_refine.ls_percent_reflns_R_free                 10.1 
_refine.ls_number_reflns_R_free                  509 
_refine.ls_number_parameters                     ? 
_refine.ls_number_restraints                     ? 
_refine.occupancy_min                            ? 
_refine.occupancy_max                            ? 
_refine.correlation_coeff_Fo_to_Fc               0.934 
_refine.correlation_coeff_Fo_to_Fc_free          0.869 
_refine.B_iso_mean                               16.631 
_refine.aniso_B[1][1]                            0.19 
_refine.aniso_B[2][2]                            -0.10 
_refine.aniso_B[3][3]                            -0.09 
_refine.aniso_B[1][2]                            0.00 
_refine.aniso_B[1][3]                            0.00 
_refine.aniso_B[2][3]                            0.00 
_refine.solvent_model_details                    MASK 
_refine.solvent_model_param_ksol                 ? 
_refine.solvent_model_param_bsol                 ? 
_refine.pdbx_solvent_vdw_probe_radii             1.40 
_refine.pdbx_solvent_ion_probe_radii             0.80 
_refine.pdbx_solvent_shrinkage_radii             0.80 
_refine.pdbx_ls_cross_valid_method               THROUGHOUT 
_refine.details                                  'HYDROGENS HAVE BEEN ADDED IN THE RIDING POSITIONS.' 
_refine.pdbx_starting_model                      'PDB ENTRY 1KR7' 
_refine.pdbx_method_to_determine_struct          'MOLECULAR REPLACEMENT' 
_refine.pdbx_isotropic_thermal_model             ? 
_refine.pdbx_stereochemistry_target_values       'MAXIMUM LIKELIHOOD' 
_refine.pdbx_stereochem_target_val_spec_case     ? 
_refine.pdbx_R_Free_selection_details            RANDOM 
_refine.pdbx_overall_ESU_R                       0.503 
_refine.pdbx_overall_ESU_R_Free                  0.290 
_refine.overall_SU_ML                            0.202 
_refine.pdbx_overall_phase_error                 ? 
_refine.overall_SU_B                             8.313 
_refine.overall_SU_R_Cruickshank_DPI             ? 
_refine.pdbx_overall_SU_R_free_Cruickshank_DPI   ? 
_refine.pdbx_overall_SU_R_Blow_DPI               ? 
_refine.pdbx_overall_SU_R_free_Blow_DPI          ? 
# 
_refine_hist.pdbx_refine_id                   'X-RAY DIFFRACTION' 
_refine_hist.cycle_id                         LAST 
_refine_hist.pdbx_number_atoms_protein        811 
_refine_hist.pdbx_number_atoms_nucleic_acid   0 
_refine_hist.pdbx_number_atoms_ligand         52 
_refine_hist.number_atoms_solvent             61 
_refine_hist.number_atoms_total               924 
_refine_hist.d_res_high                       2.31 
_refine_hist.d_res_low                        18.29 
# 
loop_
_refine_ls_restr.type 
_refine_ls_restr.dev_ideal 
_refine_ls_restr.dev_ideal_target 
_refine_ls_restr.weight 
_refine_ls_restr.number 
_refine_ls_restr.pdbx_refine_id 
_refine_ls_restr.pdbx_restraint_function 
r_bond_refined_d             0.010  0.021  ? 891  'X-RAY DIFFRACTION' ? 
r_bond_other_d               ?      ?      ? ?    'X-RAY DIFFRACTION' ? 
r_angle_refined_deg          1.073  2.074  ? 1218 'X-RAY DIFFRACTION' ? 
r_angle_other_deg            ?      ?      ? ?    'X-RAY DIFFRACTION' ? 
r_dihedral_angle_1_deg       5.423  5.000  ? 111  'X-RAY DIFFRACTION' ? 
r_dihedral_angle_2_deg       35.832 24.737 ? 38   'X-RAY DIFFRACTION' ? 
r_dihedral_angle_3_deg       17.767 15.000 ? 126  'X-RAY DIFFRACTION' ? 
r_dihedral_angle_4_deg       21.884 15.000 ? 2    'X-RAY DIFFRACTION' ? 
r_chiral_restr               0.076  0.200  ? 118  'X-RAY DIFFRACTION' ? 
r_gen_planes_refined         0.009  0.020  ? 699  'X-RAY DIFFRACTION' ? 
r_gen_planes_other           ?      ?      ? ?    'X-RAY DIFFRACTION' ? 
r_nbd_refined                ?      ?      ? ?    'X-RAY DIFFRACTION' ? 
r_nbd_other                  ?      ?      ? ?    'X-RAY DIFFRACTION' ? 
r_nbtor_refined              ?      ?      ? ?    'X-RAY DIFFRACTION' ? 
r_nbtor_other                ?      ?      ? ?    'X-RAY DIFFRACTION' ? 
r_xyhbond_nbd_refined        ?      ?      ? ?    'X-RAY DIFFRACTION' ? 
r_xyhbond_nbd_other          ?      ?      ? ?    'X-RAY DIFFRACTION' ? 
r_metal_ion_refined          ?      ?      ? ?    'X-RAY DIFFRACTION' ? 
r_metal_ion_other            ?      ?      ? ?    'X-RAY DIFFRACTION' ? 
r_symmetry_vdw_refined       ?      ?      ? ?    'X-RAY DIFFRACTION' ? 
r_symmetry_vdw_other         ?      ?      ? ?    'X-RAY DIFFRACTION' ? 
r_symmetry_hbond_refined     ?      ?      ? ?    'X-RAY DIFFRACTION' ? 
r_symmetry_hbond_other       ?      ?      ? ?    'X-RAY DIFFRACTION' ? 
r_symmetry_metal_ion_refined ?      ?      ? ?    'X-RAY DIFFRACTION' ? 
r_symmetry_metal_ion_other   ?      ?      ? ?    'X-RAY DIFFRACTION' ? 
r_mcbond_it                  0.629  1.500  ? 543  'X-RAY DIFFRACTION' ? 
r_mcbond_other               ?      ?      ? ?    'X-RAY DIFFRACTION' ? 
r_mcangle_it                 1.172  2.000  ? 845  'X-RAY DIFFRACTION' ? 
r_mcangle_other              ?      ?      ? ?    'X-RAY DIFFRACTION' ? 
r_scbond_it                  2.401  3.000  ? 348  'X-RAY DIFFRACTION' ? 
r_scbond_other               ?      ?      ? ?    'X-RAY DIFFRACTION' ? 
r_scangle_it                 3.487  4.500  ? 372  'X-RAY DIFFRACTION' ? 
r_scangle_other              ?      ?      ? ?    'X-RAY DIFFRACTION' ? 
r_long_range_B_refined       ?      ?      ? ?    'X-RAY DIFFRACTION' ? 
r_long_range_B_other         ?      ?      ? ?    'X-RAY DIFFRACTION' ? 
r_rigid_bond_restr           ?      ?      ? ?    'X-RAY DIFFRACTION' ? 
r_sphericity_free            ?      ?      ? ?    'X-RAY DIFFRACTION' ? 
r_sphericity_bonded          ?      ?      ? ?    'X-RAY DIFFRACTION' ? 
# 
_refine_ls_shell.pdbx_refine_id                   'X-RAY DIFFRACTION' 
_refine_ls_shell.pdbx_total_number_of_bins_used   20 
_refine_ls_shell.d_res_high                       2.315 
_refine_ls_shell.d_res_low                        2.374 
_refine_ls_shell.number_reflns_R_work             299 
_refine_ls_shell.R_factor_R_work                  0.270 
_refine_ls_shell.percent_reflns_obs               100.00 
_refine_ls_shell.R_factor_R_free                  0.357 
_refine_ls_shell.R_factor_R_free_error            ? 
_refine_ls_shell.percent_reflns_R_free            ? 
_refine_ls_shell.number_reflns_R_free             44 
_refine_ls_shell.number_reflns_all                ? 
_refine_ls_shell.R_factor_all                     ? 
# 
_struct.entry_id                  2XKH 
_struct.title                     'Xe derivative of C.lacteus mini-Hb Leu86Ala mutant' 
_struct.pdbx_model_details        ? 
_struct.pdbx_CASP_flag            ? 
_struct.pdbx_model_type_details   ? 
# 
_struct_keywords.entry_id        2XKH 
_struct_keywords.pdbx_keywords   'OXYGEN STORAGE' 
_struct_keywords.text            'OXYGEN STORAGE, OXYGEN TRANSPORT, XE DERIVATIVE, METAL-BINDING' 
# 
loop_
_struct_asym.id 
_struct_asym.pdbx_blank_PDB_chainid_flag 
_struct_asym.pdbx_modified 
_struct_asym.entity_id 
_struct_asym.details 
A N N 1 ? 
B N N 2 ? 
C N N 3 ? 
D N N 4 ? 
E N N 5 ? 
F N N 5 ? 
G N N 6 ? 
# 
_struct_biol.id   1 
# 
loop_
_struct_conf.conf_type_id 
_struct_conf.id 
_struct_conf.pdbx_PDB_helix_id 
_struct_conf.beg_label_comp_id 
_struct_conf.beg_label_asym_id 
_struct_conf.beg_label_seq_id 
_struct_conf.pdbx_beg_PDB_ins_code 
_struct_conf.end_label_comp_id 
_struct_conf.end_label_asym_id 
_struct_conf.end_label_seq_id 
_struct_conf.pdbx_end_PDB_ins_code 
_struct_conf.beg_auth_comp_id 
_struct_conf.beg_auth_asym_id 
_struct_conf.beg_auth_seq_id 
_struct_conf.end_auth_comp_id 
_struct_conf.end_auth_asym_id 
_struct_conf.end_auth_seq_id 
_struct_conf.pdbx_PDB_helix_class 
_struct_conf.details 
_struct_conf.pdbx_PDB_helix_length 
HELX_P HELX_P1 1 ASN A 3  ? HIS A 19  ? ASN A 2  HIS A 18  1 ? 17 
HELX_P HELX_P2 2 PRO A 20 ? PHE A 26  ? PRO A 19 PHE A 25  5 ? 7  
HELX_P HELX_P3 3 ALA A 32 ? GLY A 38  ? ALA A 31 GLY A 37  5 ? 7  
HELX_P HELX_P4 4 ASN A 39 ? GLY A 59  ? ASN A 38 GLY A 58  1 ? 21 
HELX_P HELX_P5 5 ASP A 62 ? GLY A 72  ? ASP A 61 GLY A 71  1 ? 11 
HELX_P HELX_P6 6 GLY A 76 ? HIS A 94  ? GLY A 75 HIS A 93  1 ? 19 
HELX_P HELX_P7 7 LEU A 99 ? SER A 108 ? LEU A 98 SER A 107 1 ? 10 
# 
_struct_conf_type.id          HELX_P 
_struct_conf_type.criteria    ? 
_struct_conf_type.reference   ? 
# 
loop_
_struct_conn.id 
_struct_conn.conn_type_id 
_struct_conn.pdbx_leaving_atom_flag 
_struct_conn.pdbx_PDB_id 
_struct_conn.ptnr1_label_asym_id 
_struct_conn.ptnr1_label_comp_id 
_struct_conn.ptnr1_label_seq_id 
_struct_conn.ptnr1_label_atom_id 
_struct_conn.pdbx_ptnr1_label_alt_id 
_struct_conn.pdbx_ptnr1_PDB_ins_code 
_struct_conn.pdbx_ptnr1_standard_comp_id 
_struct_conn.ptnr1_symmetry 
_struct_conn.ptnr2_label_asym_id 
_struct_conn.ptnr2_label_comp_id 
_struct_conn.ptnr2_label_seq_id 
_struct_conn.ptnr2_label_atom_id 
_struct_conn.pdbx_ptnr2_label_alt_id 
_struct_conn.pdbx_ptnr2_PDB_ins_code 
_struct_conn.ptnr1_auth_asym_id 
_struct_conn.ptnr1_auth_comp_id 
_struct_conn.ptnr1_auth_seq_id 
_struct_conn.ptnr2_auth_asym_id 
_struct_conn.ptnr2_auth_comp_id 
_struct_conn.ptnr2_auth_seq_id 
_struct_conn.ptnr2_symmetry 
_struct_conn.pdbx_ptnr3_label_atom_id 
_struct_conn.pdbx_ptnr3_label_seq_id 
_struct_conn.pdbx_ptnr3_label_comp_id 
_struct_conn.pdbx_ptnr3_label_asym_id 
_struct_conn.pdbx_ptnr3_label_alt_id 
_struct_conn.pdbx_ptnr3_PDB_ins_code 
_struct_conn.details 
_struct_conn.pdbx_dist_value 
_struct_conn.pdbx_value_order 
_struct_conn.pdbx_role 
metalc1 metalc ? ? A HIS 70 NE2 ? ? ? 1_555 B HEM . FE ? ? A HIS 69   A HEM 1110 1_555 ? ? ? ? ? ? ? 2.126 ? ? 
metalc2 metalc ? ? B HEM .  FE  ? ? ? 1_555 C OXY . O2 ? ? A HEM 1110 A OXY 1111 1_555 ? ? ? ? ? ? ? 2.494 ? ? 
metalc3 metalc ? ? B HEM .  FE  ? ? ? 1_555 C OXY . O1 ? ? A HEM 1110 A OXY 1111 1_555 ? ? ? ? ? ? ? 1.895 ? ? 
# 
_struct_conn_type.id          metalc 
_struct_conn_type.criteria    ? 
_struct_conn_type.reference   ? 
# 
loop_
_struct_site.id 
_struct_site.pdbx_evidence_code 
_struct_site.pdbx_auth_asym_id 
_struct_site.pdbx_auth_comp_id 
_struct_site.pdbx_auth_seq_id 
_struct_site.pdbx_auth_ins_code 
_struct_site.pdbx_num_residues 
_struct_site.details 
AC1 Software A HEM 1110 ? 18 'BINDING SITE FOR RESIDUE HEM A 1110' 
AC2 Software A OXY 1111 ? 4  'BINDING SITE FOR RESIDUE OXY A 1111' 
AC3 Software A SO4 1112 ? 8  'BINDING SITE FOR RESIDUE SO4 A 1112' 
# 
loop_
_struct_site_gen.id 
_struct_site_gen.site_id 
_struct_site_gen.pdbx_num_res 
_struct_site_gen.label_comp_id 
_struct_site_gen.label_asym_id 
_struct_site_gen.label_seq_id 
_struct_site_gen.pdbx_auth_ins_code 
_struct_site_gen.auth_comp_id 
_struct_site_gen.auth_asym_id 
_struct_site_gen.auth_seq_id 
_struct_site_gen.label_atom_id 
_struct_site_gen.label_alt_id 
_struct_site_gen.symmetry 
_struct_site_gen.details 
1  AC1 18 LYS A 25 ? LYS A 24   . ? 1_555 ? 
2  AC1 18 PHE A 26 ? PHE A 25   . ? 1_555 ? 
3  AC1 18 GLN A 45 ? GLN A 44   . ? 1_555 ? 
4  AC1 18 LYS A 48 ? LYS A 47   . ? 1_555 ? 
5  AC1 18 LEU A 66 ? LEU A 65   . ? 1_555 ? 
6  AC1 18 ARG A 69 ? ARG A 68   . ? 1_555 ? 
7  AC1 18 HIS A 70 ? HIS A 69   . ? 1_555 ? 
8  AC1 18 ARG A 73 ? ARG A 72   . ? 1_555 ? 
9  AC1 18 VAL A 75 ? VAL A 74   . ? 1_555 ? 
10 AC1 18 PHE A 80 ? PHE A 79   . ? 1_555 ? 
11 AC1 18 OXY C .  ? OXY A 1111 . ? 1_555 ? 
12 AC1 18 HOH G .  ? HOH A 2012 . ? 1_555 ? 
13 AC1 18 HOH G .  ? HOH A 2054 . ? 1_555 ? 
14 AC1 18 HOH G .  ? HOH A 2055 . ? 1_555 ? 
15 AC1 18 HOH G .  ? HOH A 2056 . ? 1_555 ? 
16 AC1 18 HOH G .  ? HOH A 2057 . ? 1_555 ? 
17 AC1 18 HOH G .  ? HOH A 2058 . ? 1_555 ? 
18 AC1 18 HOH G .  ? HOH A 2059 . ? 1_555 ? 
19 AC2 4  TYR A 12 ? TYR A 11   . ? 1_555 ? 
20 AC2 4  PHE A 26 ? PHE A 25   . ? 1_555 ? 
21 AC2 4  GLN A 45 ? GLN A 44   . ? 1_555 ? 
22 AC2 4  HEM B .  ? HEM A 1110 . ? 1_555 ? 
23 AC3 8  MET A 1  ? MET A 0    . ? 3_645 ? 
24 AC3 8  VAL A 2  ? VAL A 1    . ? 3_645 ? 
25 AC3 8  TRP A 4  ? TRP A 3    . ? 3_645 ? 
26 AC3 8  ARG A 69 ? ARG A 68   . ? 1_555 ? 
27 AC3 8  HOH G .  ? HOH A 2030 . ? 1_555 ? 
28 AC3 8  HOH G .  ? HOH A 2058 . ? 1_555 ? 
29 AC3 8  HOH G .  ? HOH A 2059 . ? 1_555 ? 
30 AC3 8  HOH G .  ? HOH A 2060 . ? 1_555 ? 
# 
_atom_sites.entry_id                    2XKH 
_atom_sites.fract_transf_matrix[1][1]   -0.01235967 
_atom_sites.fract_transf_matrix[1][2]   0.00000428 
_atom_sites.fract_transf_matrix[1][3]   -0.01975167 
_atom_sites.fract_transf_matrix[2][1]   -0.01714725 
_atom_sites.fract_transf_matrix[2][2]   0.01146076 
_atom_sites.fract_transf_matrix[2][3]   0.01073244 
_atom_sites.fract_transf_matrix[3][1]   0.00702786 
_atom_sites.fract_transf_matrix[3][2]   0.01463015 
_atom_sites.fract_transf_matrix[3][3]   -0.00439454 
_atom_sites.fract_transf_vector[1]      0.729049 
_atom_sites.fract_transf_vector[2]      0.833365 
_atom_sites.fract_transf_vector[3]      0.179970 
# 
loop_
_atom_type.symbol 
C  
FE 
N  
O  
S  
XE 
# 
loop_
_atom_site.group_PDB 
_atom_site.id 
_atom_site.type_symbol 
_atom_site.label_atom_id 
_atom_site.label_alt_id 
_atom_site.label_comp_id 
_atom_site.label_asym_id 
_atom_site.label_entity_id 
_atom_site.label_seq_id 
_atom_site.pdbx_PDB_ins_code 
_atom_site.Cartn_x 
_atom_site.Cartn_y 
_atom_site.Cartn_z 
_atom_site.occupancy 
_atom_site.B_iso_or_equiv 
_atom_site.pdbx_formal_charge 
_atom_site.auth_seq_id 
_atom_site.auth_comp_id 
_atom_site.auth_asym_id 
_atom_site.auth_atom_id 
_atom_site.pdbx_PDB_model_num 
ATOM   1   N  N   . MET A 1 1   ? -10.041 14.467  9.856   1.00 29.74 ? 0    MET A N   1 
ATOM   2   C  CA  . MET A 1 1   ? -9.333  13.172  9.623   1.00 30.09 ? 0    MET A CA  1 
ATOM   3   C  C   . MET A 1 1   ? -9.923  12.424  8.424   1.00 28.50 ? 0    MET A C   1 
ATOM   4   O  O   . MET A 1 1   ? -11.113 12.076  8.418   1.00 29.01 ? 0    MET A O   1 
ATOM   5   C  CB  . MET A 1 1   ? -9.360  12.279  10.882  1.00 30.74 ? 0    MET A CB  1 
ATOM   6   C  CG  . MET A 1 1   ? -8.635  12.865  12.115  1.00 35.11 ? 0    MET A CG  1 
ATOM   7   S  SD  . MET A 1 1   ? -7.573  11.726  13.067  1.00 45.13 ? 0    MET A SD  1 
ATOM   8   C  CE  . MET A 1 1   ? -8.530  10.200  13.061  1.00 44.29 ? 0    MET A CE  1 
ATOM   9   N  N   . VAL A 1 2   ? -9.092  12.222  7.405   1.00 25.30 ? 1    VAL A N   1 
ATOM   10  C  CA  . VAL A 1 2   ? -9.300  11.174  6.414   1.00 22.41 ? 1    VAL A CA  1 
ATOM   11  C  C   . VAL A 1 2   ? -9.302  9.795   7.089   1.00 20.81 ? 1    VAL A C   1 
ATOM   12  O  O   . VAL A 1 2   ? -8.478  9.515   7.952   1.00 20.67 ? 1    VAL A O   1 
ATOM   13  C  CB  . VAL A 1 2   ? -8.185  11.221  5.334   1.00 22.78 ? 1    VAL A CB  1 
ATOM   14  C  CG1 . VAL A 1 2   ? -8.334  10.076  4.331   1.00 21.20 ? 1    VAL A CG1 1 
ATOM   15  C  CG2 . VAL A 1 2   ? -8.181  12.576  4.624   1.00 21.62 ? 1    VAL A CG2 1 
ATOM   16  N  N   . ASN A 1 3   ? -10.239 8.938   6.703   1.00 19.26 ? 2    ASN A N   1 
ATOM   17  C  CA  . ASN A 1 3   ? -10.218 7.550   7.162   1.00 17.93 ? 2    ASN A CA  1 
ATOM   18  C  C   . ASN A 1 3   ? -9.173  6.741   6.400   1.00 16.32 ? 2    ASN A C   1 
ATOM   19  O  O   . ASN A 1 3   ? -9.510  5.918   5.557   1.00 16.15 ? 2    ASN A O   1 
ATOM   20  C  CB  . ASN A 1 3   ? -11.608 6.909   7.036   1.00 17.97 ? 2    ASN A CB  1 
ATOM   21  C  CG  . ASN A 1 3   ? -11.704 5.553   7.734   1.00 18.73 ? 2    ASN A CG  1 
ATOM   22  O  OD1 . ASN A 1 3   ? -10.691 4.926   8.050   1.00 21.35 ? 2    ASN A OD1 1 
ATOM   23  N  ND2 . ASN A 1 3   ? -12.931 5.100   7.979   1.00 17.23 ? 2    ASN A ND2 1 
ATOM   24  N  N   . TRP A 1 4   ? -7.902  6.965   6.725   1.00 15.09 ? 3    TRP A N   1 
ATOM   25  C  CA  . TRP A 1 4   ? -6.801  6.298   6.035   1.00 14.33 ? 3    TRP A CA  1 
ATOM   26  C  C   . TRP A 1 4   ? -6.902  4.771   6.086   1.00 14.37 ? 3    TRP A C   1 
ATOM   27  O  O   . TRP A 1 4   ? -6.729  4.097   5.066   1.00 14.88 ? 3    TRP A O   1 
ATOM   28  C  CB  . TRP A 1 4   ? -5.443  6.788   6.559   1.00 13.73 ? 3    TRP A CB  1 
ATOM   29  C  CG  . TRP A 1 4   ? -5.109  8.166   6.078   1.00 12.09 ? 3    TRP A CG  1 
ATOM   30  C  CD1 . TRP A 1 4   ? -4.837  9.270   6.848   1.00 9.95  ? 3    TRP A CD1 1 
ATOM   31  C  CD2 . TRP A 1 4   ? -5.071  8.611   4.711   1.00 10.59 ? 3    TRP A CD2 1 
ATOM   32  N  NE1 . TRP A 1 4   ? -4.596  10.363  6.038   1.00 9.35  ? 3    TRP A NE1 1 
ATOM   33  C  CE2 . TRP A 1 4   ? -4.737  9.985   4.726   1.00 11.19 ? 3    TRP A CE2 1 
ATOM   34  C  CE3 . TRP A 1 4   ? -5.281  7.981   3.478   1.00 10.61 ? 3    TRP A CE3 1 
ATOM   35  C  CZ2 . TRP A 1 4   ? -4.619  10.739  3.553   1.00 11.08 ? 3    TRP A CZ2 1 
ATOM   36  C  CZ3 . TRP A 1 4   ? -5.159  8.729   2.315   1.00 11.08 ? 3    TRP A CZ3 1 
ATOM   37  C  CH2 . TRP A 1 4   ? -4.823  10.093  2.363   1.00 13.12 ? 3    TRP A CH2 1 
ATOM   38  N  N   . ALA A 1 5   ? -7.258  4.231   7.246   1.00 13.87 ? 4    ALA A N   1 
ATOM   39  C  CA  . ALA A 1 5   ? -7.373  2.788   7.388   1.00 13.31 ? 4    ALA A CA  1 
ATOM   40  C  C   . ALA A 1 5   ? -8.294  2.254   6.303   1.00 13.66 ? 4    ALA A C   1 
ATOM   41  O  O   . ALA A 1 5   ? -7.992  1.233   5.676   1.00 14.02 ? 4    ALA A O   1 
ATOM   42  C  CB  . ALA A 1 5   ? -7.897  2.418   8.777   1.00 12.59 ? 4    ALA A CB  1 
ATOM   43  N  N   . ALA A 1 6   ? -9.400  2.961   6.068   1.00 13.09 ? 5    ALA A N   1 
ATOM   44  C  CA  . ALA A 1 6   ? -10.410 2.506   5.116   1.00 12.88 ? 5    ALA A CA  1 
ATOM   45  C  C   . ALA A 1 6   ? -9.863  2.596   3.715   1.00 12.28 ? 5    ALA A C   1 
ATOM   46  O  O   . ALA A 1 6   ? -10.137 1.740   2.880   1.00 14.11 ? 5    ALA A O   1 
ATOM   47  C  CB  . ALA A 1 6   ? -11.693 3.343   5.235   1.00 13.23 ? 5    ALA A CB  1 
ATOM   48  N  N   . VAL A 1 7   ? -9.071  3.632   3.463   1.00 12.21 ? 6    VAL A N   1 
ATOM   49  C  CA  . VAL A 1 7   ? -8.457  3.823   2.157   1.00 11.17 ? 6    VAL A CA  1 
ATOM   50  C  C   . VAL A 1 7   ? -7.439  2.715   1.899   1.00 11.83 ? 6    VAL A C   1 
ATOM   51  O  O   . VAL A 1 7   ? -7.378  2.160   0.802   1.00 10.92 ? 6    VAL A O   1 
ATOM   52  C  CB  . VAL A 1 7   ? -7.758  5.198   2.042   1.00 10.85 ? 6    VAL A CB  1 
ATOM   53  C  CG1 . VAL A 1 7   ? -7.125  5.361   0.664   1.00 9.12  ? 6    VAL A CG1 1 
ATOM   54  C  CG2 . VAL A 1 7   ? -8.733  6.326   2.312   1.00 10.68 ? 6    VAL A CG2 1 
ATOM   55  N  N   . VAL A 1 8   ? -6.642  2.394   2.918   1.00 12.36 ? 7    VAL A N   1 
ATOM   56  C  CA  . VAL A 1 8   ? -5.667  1.320   2.794   1.00 12.44 ? 7    VAL A CA  1 
ATOM   57  C  C   . VAL A 1 8   ? -6.376  0.009   2.476   1.00 12.84 ? 7    VAL A C   1 
ATOM   58  O  O   . VAL A 1 8   ? -5.962  -0.723  1.570   1.00 12.98 ? 7    VAL A O   1 
ATOM   59  C  CB  . VAL A 1 8   ? -4.749  1.227   4.028   1.00 12.13 ? 7    VAL A CB  1 
ATOM   60  C  CG1 . VAL A 1 8   ? -4.105  -0.153  4.140   1.00 10.96 ? 7    VAL A CG1 1 
ATOM   61  C  CG2 . VAL A 1 8   ? -3.680  2.292   3.934   1.00 13.87 ? 7    VAL A CG2 1 
ATOM   62  N  N   . ASP A 1 9   ? -7.511  -0.220  3.131   1.00 13.13 ? 8    ASP A N   1 
ATOM   63  C  CA  . ASP A 1 9   ? -8.297  -1.428  2.878   1.00 13.87 ? 8    ASP A CA  1 
ATOM   64  C  C   . ASP A 1 9   ? -8.749  -1.533  1.416   1.00 13.88 ? 8    ASP A C   1 
ATOM   65  O  O   . ASP A 1 9   ? -8.508  -2.550  0.775   1.00 14.58 ? 8    ASP A O   1 
ATOM   66  C  CB  . ASP A 1 9   ? -9.472  -1.551  3.855   1.00 13.31 ? 8    ASP A CB  1 
ATOM   67  C  CG  . ASP A 1 9   ? -9.030  -1.950  5.274   1.00 15.59 ? 8    ASP A CG  1 
ATOM   68  O  OD1 . ASP A 1 9   ? -7.874  -2.400  5.472   1.00 15.87 ? 8    ASP A OD1 1 
ATOM   69  O  OD2 . ASP A 1 9   ? -9.856  -1.813  6.201   1.00 16.94 ? 8    ASP A OD2 1 
ATOM   70  N  N   . ASP A 1 10  ? -9.361  -0.474  0.885   1.00 14.13 ? 9    ASP A N   1 
ATOM   71  C  CA  . ASP A 1 10  ? -9.714  -0.408  -0.541  1.00 14.09 ? 9    ASP A CA  1 
ATOM   72  C  C   . ASP A 1 10  ? -8.510  -0.555  -1.468  1.00 13.77 ? 9    ASP A C   1 
ATOM   73  O  O   . ASP A 1 10  ? -8.576  -1.251  -2.494  1.00 14.39 ? 9    ASP A O   1 
ATOM   74  C  CB  . ASP A 1 10  ? -10.458 0.893   -0.866  1.00 14.79 ? 9    ASP A CB  1 
ATOM   75  C  CG  . ASP A 1 10  ? -11.927 0.847   -0.463  1.00 19.13 ? 9    ASP A CG  1 
ATOM   76  O  OD1 . ASP A 1 10  ? -12.398 -0.210  0.015   1.00 24.31 ? 9    ASP A OD1 1 
ATOM   77  O  OD2 . ASP A 1 10  ? -12.617 1.875   -0.618  1.00 23.68 ? 9    ASP A OD2 1 
ATOM   78  N  N   . PHE A 1 11  ? -7.422  0.123   -1.120  1.00 12.52 ? 10   PHE A N   1 
ATOM   79  C  CA  . PHE A 1 11  ? -6.176  0.007   -1.849  1.00 11.81 ? 10   PHE A CA  1 
ATOM   80  C  C   . PHE A 1 11  ? -5.675  -1.449  -1.990  1.00 12.17 ? 10   PHE A C   1 
ATOM   81  O  O   . PHE A 1 11  ? -5.322  -1.891  -3.084  1.00 12.14 ? 10   PHE A O   1 
ATOM   82  C  CB  . PHE A 1 11  ? -5.102  0.891   -1.208  1.00 10.62 ? 10   PHE A CB  1 
ATOM   83  C  CG  . PHE A 1 11  ? -3.726  0.604   -1.706  1.00 10.76 ? 10   PHE A CG  1 
ATOM   84  C  CD1 . PHE A 1 11  ? -3.299  1.108   -2.927  1.00 10.89 ? 10   PHE A CD1 1 
ATOM   85  C  CD2 . PHE A 1 11  ? -2.872  -0.208  -0.986  1.00 10.68 ? 10   PHE A CD2 1 
ATOM   86  C  CE1 . PHE A 1 11  ? -2.033  0.832   -3.405  1.00 9.93  ? 10   PHE A CE1 1 
ATOM   87  C  CE2 . PHE A 1 11  ? -1.622  -0.513  -1.471  1.00 10.54 ? 10   PHE A CE2 1 
ATOM   88  C  CZ  . PHE A 1 11  ? -1.198  0.021   -2.690  1.00 10.41 ? 10   PHE A CZ  1 
ATOM   89  N  N   . TYR A 1 12  ? -5.627  -2.199  -0.913  1.00 12.83 ? 11   TYR A N   1 
ATOM   90  C  CA  . TYR A 1 12  ? -5.310  -3.585  -0.955  1.00 13.32 ? 11   TYR A CA  1 
ATOM   91  C  C   . TYR A 1 12  ? -6.253  -4.425  -1.752  1.00 13.42 ? 11   TYR A C   1 
ATOM   92  O  O   . TYR A 1 12  ? -5.835  -5.278  -2.480  1.00 13.01 ? 11   TYR A O   1 
ATOM   93  C  CB  . TYR A 1 12  ? -4.936  -4.185  0.402   1.00 13.41 ? 11   TYR A CB  1 
ATOM   94  C  CG  . TYR A 1 12  ? -3.558  -3.771  0.847   1.00 14.43 ? 11   TYR A CG  1 
ATOM   95  C  CD1 . TYR A 1 12  ? -2.478  -3.969  0.044   1.00 15.37 ? 11   TYR A CD1 1 
ATOM   96  C  CD2 . TYR A 1 12  ? -3.360  -3.190  2.062   1.00 13.52 ? 11   TYR A CD2 1 
ATOM   97  C  CE1 . TYR A 1 12  ? -1.289  -3.573  0.410   1.00 17.12 ? 11   TYR A CE1 1 
ATOM   98  C  CE2 . TYR A 1 12  ? -2.209  -2.803  2.431   1.00 15.53 ? 11   TYR A CE2 1 
ATOM   99  C  CZ  . TYR A 1 12  ? -1.143  -2.974  1.600   1.00 19.50 ? 11   TYR A CZ  1 
ATOM   100 O  OH  . TYR A 1 12  ? 0.061   -2.575  1.957   1.00 19.68 ? 11   TYR A OH  1 
ATOM   101 N  N   . GLN A 1 13  ? -7.512  -4.046  -1.712  1.00 13.87 ? 12   GLN A N   1 
ATOM   102 C  CA  . GLN A 1 13  ? -8.523  -4.716  -2.533  1.00 14.92 ? 12   GLN A CA  1 
ATOM   103 C  C   . GLN A 1 13  ? -8.221  -4.517  -4.011  1.00 15.15 ? 12   GLN A C   1 
ATOM   104 O  O   . GLN A 1 13  ? -8.181  -5.476  -4.776  1.00 15.02 ? 12   GLN A O   1 
ATOM   105 C  CB  . GLN A 1 13  ? -9.937  -4.229  -2.207  1.00 14.65 ? 12   GLN A CB  1 
ATOM   106 C  CG  . GLN A 1 13  ? -10.475 -4.672  -0.841  1.00 17.73 ? 12   GLN A CG  1 
ATOM   107 C  CD  . GLN A 1 13  ? -10.688 -6.180  -0.728  1.00 20.08 ? 12   GLN A CD  1 
ATOM   108 O  OE1 . GLN A 1 13  ? -10.156 -6.830  0.177   1.00 21.04 ? 12   GLN A OE1 1 
ATOM   109 N  NE2 . GLN A 1 13  ? -11.478 -6.730  -1.629  1.00 18.15 ? 12   GLN A NE2 1 
ATOM   110 N  N   . GLU A 1 14  ? -7.958  -3.269  -4.387  1.00 15.76 ? 13   GLU A N   1 
ATOM   111 C  CA  . GLU A 1 14  ? -7.633  -2.911  -5.766  1.00 16.38 ? 13   GLU A CA  1 
ATOM   112 C  C   . GLU A 1 14  ? -6.372  -3.609  -6.259  1.00 16.19 ? 13   GLU A C   1 
ATOM   113 O  O   . GLU A 1 14  ? -6.356  -4.185  -7.341  1.00 16.55 ? 13   GLU A O   1 
ATOM   114 C  CB  . GLU A 1 14  ? -7.436  -1.398  -5.873  1.00 16.50 ? 13   GLU A CB  1 
ATOM   115 C  CG  . GLU A 1 14  ? -8.715  -0.585  -5.894  1.00 20.32 ? 13   GLU A CG  1 
ATOM   116 C  CD  . GLU A 1 14  ? -9.680  -1.042  -6.965  1.00 24.84 ? 13   GLU A CD  1 
ATOM   117 O  OE1 . GLU A 1 14  ? -9.244  -1.257  -8.117  1.00 28.35 ? 13   GLU A OE1 1 
ATOM   118 O  OE2 . GLU A 1 14  ? -10.876 -1.198  -6.649  1.00 27.33 ? 13   GLU A OE2 1 
ATOM   119 N  N   . LEU A 1 15  ? -5.309  -3.525  -5.459  1.00 16.35 ? 14   LEU A N   1 
ATOM   120 C  CA  . LEU A 1 15  ? -3.999  -4.040  -5.832  1.00 14.55 ? 14   LEU A CA  1 
ATOM   121 C  C   . LEU A 1 15  ? -4.015  -5.545  -6.051  1.00 14.09 ? 14   LEU A C   1 
ATOM   122 O  O   . LEU A 1 15  ? -3.521  -6.034  -7.067  1.00 14.60 ? 14   LEU A O   1 
ATOM   123 C  CB  . LEU A 1 15  ? -2.968  -3.654  -4.774  1.00 14.11 ? 14   LEU A CB  1 
ATOM   124 C  CG  . LEU A 1 15  ? -1.511  -4.069  -4.999  1.00 14.70 ? 14   LEU A CG  1 
ATOM   125 C  CD1 . LEU A 1 15  ? -0.830  -3.197  -6.056  1.00 13.77 ? 14   LEU A CD1 1 
ATOM   126 C  CD2 . LEU A 1 15  ? -0.728  -4.058  -3.681  1.00 13.38 ? 14   LEU A CD2 1 
ATOM   127 N  N   . PHE A 1 16  ? -4.604  -6.283  -5.114  1.00 13.96 ? 15   PHE A N   1 
ATOM   128 C  CA  . PHE A 1 16  ? -4.667  -7.745  -5.225  1.00 12.94 ? 15   PHE A CA  1 
ATOM   129 C  C   . PHE A 1 16  ? -5.675  -8.265  -6.246  1.00 13.59 ? 15   PHE A C   1 
ATOM   130 O  O   . PHE A 1 16  ? -5.501  -9.347  -6.796  1.00 12.99 ? 15   PHE A O   1 
ATOM   131 C  CB  . PHE A 1 16  ? -4.885  -8.386  -3.862  1.00 11.80 ? 15   PHE A CB  1 
ATOM   132 C  CG  . PHE A 1 16  ? -3.803  -8.065  -2.884  1.00 10.43 ? 15   PHE A CG  1 
ATOM   133 C  CD1 . PHE A 1 16  ? -2.477  -7.979  -3.304  1.00 6.88  ? 15   PHE A CD1 1 
ATOM   134 C  CD2 . PHE A 1 16  ? -4.102  -7.806  -1.553  1.00 7.93  ? 15   PHE A CD2 1 
ATOM   135 C  CE1 . PHE A 1 16  ? -1.456  -7.665  -2.408  1.00 7.39  ? 15   PHE A CE1 1 
ATOM   136 C  CE2 . PHE A 1 16  ? -3.086  -7.477  -0.648  1.00 8.02  ? 15   PHE A CE2 1 
ATOM   137 C  CZ  . PHE A 1 16  ? -1.763  -7.421  -1.072  1.00 7.67  ? 15   PHE A CZ  1 
ATOM   138 N  N   . LYS A 1 17  ? -6.716  -7.484  -6.506  1.00 14.70 ? 16   LYS A N   1 
ATOM   139 C  CA  . LYS A 1 17  ? -7.677  -7.813  -7.559  1.00 15.85 ? 16   LYS A CA  1 
ATOM   140 C  C   . LYS A 1 17  ? -7.008  -7.748  -8.935  1.00 15.58 ? 16   LYS A C   1 
ATOM   141 O  O   . LYS A 1 17  ? -7.243  -8.597  -9.792  1.00 15.95 ? 16   LYS A O   1 
ATOM   142 C  CB  . LYS A 1 17  ? -8.871  -6.858  -7.512  1.00 15.48 ? 16   LYS A CB  1 
ATOM   143 C  CG  . LYS A 1 17  ? -9.932  -7.151  -8.564  1.00 19.46 ? 16   LYS A CG  1 
ATOM   144 C  CD  . LYS A 1 17  ? -11.247 -6.415  -8.276  1.00 22.94 ? 16   LYS A CD  1 
ATOM   145 C  CE  . LYS A 1 17  ? -11.196 -4.966  -8.725  1.00 24.37 ? 16   LYS A CE  1 
ATOM   146 N  NZ  . LYS A 1 17  ? -12.445 -4.245  -8.356  1.00 27.61 ? 16   LYS A NZ  1 
ATOM   147 N  N   . ALA A 1 18  ? -6.172  -6.735  -9.132  1.00 15.39 ? 17   ALA A N   1 
ATOM   148 C  CA  . ALA A 1 18  ? -5.507  -6.512  -10.413 1.00 14.81 ? 17   ALA A CA  1 
ATOM   149 C  C   . ALA A 1 18  ? -4.217  -7.322  -10.547 1.00 15.17 ? 17   ALA A C   1 
ATOM   150 O  O   . ALA A 1 18  ? -3.850  -7.730  -11.652 1.00 15.66 ? 17   ALA A O   1 
ATOM   151 C  CB  . ALA A 1 18  ? -5.228  -5.029  -10.591 1.00 15.39 ? 17   ALA A CB  1 
ATOM   152 N  N   . HIS A 1 19  ? -3.535  -7.557  -9.425  1.00 14.83 ? 18   HIS A N   1 
ATOM   153 C  CA  . HIS A 1 19  ? -2.302  -8.341  -9.414  1.00 14.77 ? 18   HIS A CA  1 
ATOM   154 C  C   . HIS A 1 19  ? -2.294  -9.352  -8.267  1.00 15.14 ? 18   HIS A C   1 
ATOM   155 O  O   . HIS A 1 19  ? -1.565  -9.181  -7.288  1.00 13.98 ? 18   HIS A O   1 
ATOM   156 C  CB  . HIS A 1 19  ? -1.083  -7.429  -9.318  1.00 15.00 ? 18   HIS A CB  1 
ATOM   157 C  CG  . HIS A 1 19  ? -1.165  -6.216  -10.187 1.00 15.57 ? 18   HIS A CG  1 
ATOM   158 N  ND1 . HIS A 1 19  ? -0.647  -6.177  -11.463 1.00 18.21 ? 18   HIS A ND1 1 
ATOM   159 C  CD2 . HIS A 1 19  ? -1.700  -4.992  -9.959  1.00 16.29 ? 18   HIS A CD2 1 
ATOM   160 C  CE1 . HIS A 1 19  ? -0.882  -4.989  -11.994 1.00 16.58 ? 18   HIS A CE1 1 
ATOM   161 N  NE2 . HIS A 1 19  ? -1.517  -4.252  -11.101 1.00 16.11 ? 18   HIS A NE2 1 
ATOM   162 N  N   . PRO A 1 20  ? -3.102  -10.422 -8.394  1.00 16.10 ? 19   PRO A N   1 
ATOM   163 C  CA  . PRO A 1 20  ? -3.320  -11.380 -7.315  1.00 16.58 ? 19   PRO A CA  1 
ATOM   164 C  C   . PRO A 1 20  ? -2.023  -12.011 -6.808  1.00 16.90 ? 19   PRO A C   1 
ATOM   165 O  O   . PRO A 1 20  ? -1.933  -12.377 -5.632  1.00 16.66 ? 19   PRO A O   1 
ATOM   166 C  CB  . PRO A 1 20  ? -4.210  -12.444 -7.967  1.00 16.44 ? 19   PRO A CB  1 
ATOM   167 C  CG  . PRO A 1 20  ? -4.873  -11.757 -9.086  1.00 16.00 ? 19   PRO A CG  1 
ATOM   168 C  CD  . PRO A 1 20  ? -3.866  -10.783 -9.603  1.00 16.54 ? 19   PRO A CD  1 
ATOM   169 N  N   . GLU A 1 21  ? -1.024  -12.111 -7.680  1.00 16.80 ? 20   GLU A N   1 
ATOM   170 C  CA  . GLU A 1 21  ? 0.216   -12.807 -7.336  1.00 17.39 ? 20   GLU A CA  1 
ATOM   171 C  C   . GLU A 1 21  ? 1.078   -11.995 -6.363  1.00 16.51 ? 20   GLU A C   1 
ATOM   172 O  O   . GLU A 1 21  ? 1.919   -12.549 -5.644  1.00 17.00 ? 20   GLU A O   1 
ATOM   173 C  CB  . GLU A 1 21  ? 0.990   -13.217 -8.605  1.00 18.22 ? 20   GLU A CB  1 
ATOM   174 C  CG  . GLU A 1 21  ? 1.784   -12.098 -9.286  1.00 20.86 ? 20   GLU A CG  1 
ATOM   175 C  CD  . GLU A 1 21  ? 0.939   -11.244 -10.244 1.00 24.79 ? 20   GLU A CD  1 
ATOM   176 O  OE1 . GLU A 1 21  ? -0.286  -11.499 -10.376 1.00 22.80 ? 20   GLU A OE1 1 
ATOM   177 O  OE2 . GLU A 1 21  ? 1.511   -10.308 -10.860 1.00 25.83 ? 20   GLU A OE2 1 
ATOM   178 N  N   . TYR A 1 22  ? 0.824   -10.690 -6.303  1.00 14.94 ? 21   TYR A N   1 
ATOM   179 C  CA  . TYR A 1 22  ? 1.462   -9.831  -5.314  1.00 14.04 ? 21   TYR A CA  1 
ATOM   180 C  C   . TYR A 1 22  ? 1.219   -10.366 -3.913  1.00 13.76 ? 21   TYR A C   1 
ATOM   181 O  O   . TYR A 1 22  ? 2.085   -10.247 -3.038  1.00 14.33 ? 21   TYR A O   1 
ATOM   182 C  CB  . TYR A 1 22  ? 0.925   -8.405  -5.411  1.00 14.02 ? 21   TYR A CB  1 
ATOM   183 C  CG  . TYR A 1 22  ? 1.430   -7.603  -6.591  1.00 13.41 ? 21   TYR A CG  1 
ATOM   184 C  CD1 . TYR A 1 22  ? 2.194   -8.193  -7.597  1.00 14.96 ? 21   TYR A CD1 1 
ATOM   185 C  CD2 . TYR A 1 22  ? 1.121   -6.255  -6.710  1.00 14.38 ? 21   TYR A CD2 1 
ATOM   186 C  CE1 . TYR A 1 22  ? 2.662   -7.442  -8.688  1.00 14.40 ? 21   TYR A CE1 1 
ATOM   187 C  CE2 . TYR A 1 22  ? 1.574   -5.502  -7.791  1.00 15.57 ? 21   TYR A CE2 1 
ATOM   188 C  CZ  . TYR A 1 22  ? 2.338   -6.100  -8.776  1.00 15.31 ? 21   TYR A CZ  1 
ATOM   189 O  OH  . TYR A 1 22  ? 2.779   -5.345  -9.834  1.00 16.32 ? 21   TYR A OH  1 
ATOM   190 N  N   . GLN A 1 23  ? 0.041   -10.959 -3.710  1.00 12.85 ? 22   GLN A N   1 
ATOM   191 C  CA  . GLN A 1 23  ? -0.419  -11.389 -2.389  1.00 12.26 ? 22   GLN A CA  1 
ATOM   192 C  C   . GLN A 1 23  ? 0.387   -12.563 -1.839  1.00 12.31 ? 22   GLN A C   1 
ATOM   193 O  O   . GLN A 1 23  ? 0.366   -12.827 -0.644  1.00 12.21 ? 22   GLN A O   1 
ATOM   194 C  CB  . GLN A 1 23  ? -1.910  -11.751 -2.426  1.00 11.68 ? 22   GLN A CB  1 
ATOM   195 C  CG  . GLN A 1 23  ? -2.552  -11.921 -1.041  1.00 11.74 ? 22   GLN A CG  1 
ATOM   196 C  CD  . GLN A 1 23  ? -4.024  -12.287 -1.116  1.00 12.19 ? 22   GLN A CD  1 
ATOM   197 O  OE1 . GLN A 1 23  ? -4.703  -11.956 -2.088  1.00 16.40 ? 22   GLN A OE1 1 
ATOM   198 N  NE2 . GLN A 1 23  ? -4.535  -12.955 -0.077  1.00 9.80  ? 22   GLN A NE2 1 
ATOM   199 N  N   . ASN A 1 24  ? 1.089   -13.262 -2.723  1.00 13.08 ? 23   ASN A N   1 
ATOM   200 C  CA  . ASN A 1 24  ? 1.918   -14.409 -2.353  1.00 13.53 ? 23   ASN A CA  1 
ATOM   201 C  C   . ASN A 1 24  ? 3.192   -14.000 -1.607  1.00 13.43 ? 23   ASN A C   1 
ATOM   202 O  O   . ASN A 1 24  ? 3.867   -14.830 -0.996  1.00 12.19 ? 23   ASN A O   1 
ATOM   203 C  CB  . ASN A 1 24  ? 2.279   -15.218 -3.604  1.00 13.45 ? 23   ASN A CB  1 
ATOM   204 C  CG  . ASN A 1 24  ? 1.061   -15.805 -4.280  1.00 15.08 ? 23   ASN A CG  1 
ATOM   205 O  OD1 . ASN A 1 24  ? 0.053   -16.082 -3.629  1.00 18.01 ? 23   ASN A OD1 1 
ATOM   206 N  ND2 . ASN A 1 24  ? 1.138   -15.992 -5.593  1.00 19.03 ? 23   ASN A ND2 1 
ATOM   207 N  N   . LYS A 1 25  ? 3.498   -12.708 -1.654  1.00 13.64 ? 24   LYS A N   1 
ATOM   208 C  CA  . LYS A 1 25  ? 4.681   -12.175 -0.993  1.00 13.91 ? 24   LYS A CA  1 
ATOM   209 C  C   . LYS A 1 25  ? 4.417   -11.772 0.470   1.00 14.37 ? 24   LYS A C   1 
ATOM   210 O  O   . LYS A 1 25  ? 5.355   -11.473 1.218   1.00 14.85 ? 24   LYS A O   1 
ATOM   211 C  CB  . LYS A 1 25  ? 5.234   -11.008 -1.808  1.00 14.27 ? 24   LYS A CB  1 
ATOM   212 C  CG  . LYS A 1 25  ? 5.768   -11.434 -3.165  1.00 13.05 ? 24   LYS A CG  1 
ATOM   213 C  CD  . LYS A 1 25  ? 6.735   -10.412 -3.715  1.00 16.45 ? 24   LYS A CD  1 
ATOM   214 C  CE  . LYS A 1 25  ? 7.633   -11.025 -4.785  1.00 16.89 ? 24   LYS A CE  1 
ATOM   215 N  NZ  . LYS A 1 25  ? 8.630   -10.030 -5.229  1.00 16.55 ? 24   LYS A NZ  1 
ATOM   216 N  N   . PHE A 1 26  ? 3.149   -11.835 0.884   1.00 13.38 ? 25   PHE A N   1 
ATOM   217 C  CA  . PHE A 1 26  ? 2.763   -11.568 2.271   1.00 13.43 ? 25   PHE A CA  1 
ATOM   218 C  C   . PHE A 1 26  ? 2.427   -12.830 3.097   1.00 12.93 ? 25   PHE A C   1 
ATOM   219 O  O   . PHE A 1 26  ? 2.258   -13.917 2.558   1.00 11.82 ? 25   PHE A O   1 
ATOM   220 C  CB  . PHE A 1 26  ? 1.572   -10.622 2.308   1.00 12.93 ? 25   PHE A CB  1 
ATOM   221 C  CG  . PHE A 1 26  ? 1.798   -9.326  1.600   1.00 14.61 ? 25   PHE A CG  1 
ATOM   222 C  CD1 . PHE A 1 26  ? 1.636   -9.233  0.216   1.00 13.17 ? 25   PHE A CD1 1 
ATOM   223 C  CD2 . PHE A 1 26  ? 2.100   -8.177  2.320   1.00 13.13 ? 25   PHE A CD2 1 
ATOM   224 C  CE1 . PHE A 1 26  ? 1.813   -8.030  -0.429  1.00 12.60 ? 25   PHE A CE1 1 
ATOM   225 C  CE2 . PHE A 1 26  ? 2.263   -6.962  1.680   1.00 13.01 ? 25   PHE A CE2 1 
ATOM   226 C  CZ  . PHE A 1 26  ? 2.108   -6.882  0.307   1.00 12.36 ? 25   PHE A CZ  1 
ATOM   227 N  N   . GLY A 1 27  ? 2.297   -12.654 4.411   1.00 14.08 ? 26   GLY A N   1 
ATOM   228 C  CA  . GLY A 1 27  ? 1.904   -13.740 5.323   1.00 14.68 ? 26   GLY A CA  1 
ATOM   229 C  C   . GLY A 1 27  ? 0.414   -14.045 5.307   1.00 15.60 ? 26   GLY A C   1 
ATOM   230 O  O   . GLY A 1 27  ? -0.042  -14.947 6.004   1.00 17.21 ? 26   GLY A O   1 
ATOM   231 N  N   . PHE A 1 28  ? -0.351  -13.273 4.533   1.00 15.96 ? 27   PHE A N   1 
ATOM   232 C  CA  . PHE A 1 28  ? -1.746  -13.608 4.208   1.00 15.75 ? 27   PHE A CA  1 
ATOM   233 C  C   . PHE A 1 28  ? -1.914  -14.188 2.796   1.00 16.48 ? 27   PHE A C   1 
ATOM   234 O  O   . PHE A 1 28  ? -3.004  -14.147 2.221   1.00 16.83 ? 27   PHE A O   1 
ATOM   235 C  CB  . PHE A 1 28  ? -2.683  -12.410 4.415   1.00 14.93 ? 27   PHE A CB  1 
ATOM   236 C  CG  . PHE A 1 28  ? -2.166  -11.113 3.843   1.00 14.83 ? 27   PHE A CG  1 
ATOM   237 C  CD1 . PHE A 1 28  ? -2.426  -10.766 2.525   1.00 13.70 ? 27   PHE A CD1 1 
ATOM   238 C  CD2 . PHE A 1 28  ? -1.448  -10.223 4.640   1.00 14.23 ? 27   PHE A CD2 1 
ATOM   239 C  CE1 . PHE A 1 28  ? -1.982  -9.550  2.010   1.00 14.12 ? 27   PHE A CE1 1 
ATOM   240 C  CE2 . PHE A 1 28  ? -0.968  -9.026  4.124   1.00 11.86 ? 27   PHE A CE2 1 
ATOM   241 C  CZ  . PHE A 1 28  ? -1.242  -8.682  2.819   1.00 13.04 ? 27   PHE A CZ  1 
ATOM   242 N  N   . LYS A 1 29  ? -0.842  -14.761 2.258   1.00 16.86 ? 28   LYS A N   1 
ATOM   243 C  CA  . LYS A 1 29  ? -0.918  -15.514 1.005   1.00 16.99 ? 28   LYS A CA  1 
ATOM   244 C  C   . LYS A 1 29  ? -2.076  -16.495 1.046   1.00 16.43 ? 28   LYS A C   1 
ATOM   245 O  O   . LYS A 1 29  ? -2.296  -17.152 2.062   1.00 16.94 ? 28   LYS A O   1 
ATOM   246 C  CB  . LYS A 1 29  ? 0.407   -16.249 0.760   1.00 17.21 ? 28   LYS A CB  1 
ATOM   247 C  CG  . LYS A 1 29  ? 0.327   -17.529 -0.067  1.00 19.36 ? 28   LYS A CG  1 
ATOM   248 C  CD  . LYS A 1 29  ? 1.689   -18.230 -0.070  1.00 23.78 ? 28   LYS A CD  1 
ATOM   249 C  CE  . LYS A 1 29  ? 1.736   -19.389 -1.051  1.00 26.06 ? 28   LYS A CE  1 
ATOM   250 N  NZ  . LYS A 1 29  ? 3.104   -19.549 -1.641  1.00 27.12 ? 28   LYS A NZ  1 
ATOM   251 N  N   . GLY A 1 30  ? -2.845  -16.553 -0.037  1.00 15.57 ? 29   GLY A N   1 
ATOM   252 C  CA  . GLY A 1 30  ? -3.884  -17.573 -0.199  1.00 16.00 ? 29   GLY A CA  1 
ATOM   253 C  C   . GLY A 1 30  ? -5.156  -17.322 0.599   1.00 16.20 ? 29   GLY A C   1 
ATOM   254 O  O   . GLY A 1 30  ? -6.053  -18.170 0.642   1.00 16.36 ? 29   GLY A O   1 
ATOM   255 N  N   . VAL A 1 31  ? -5.226  -16.172 1.260   1.00 14.94 ? 30   VAL A N   1 
ATOM   256 C  CA  . VAL A 1 31  ? -6.429  -15.793 1.984   1.00 14.48 ? 30   VAL A CA  1 
ATOM   257 C  C   . VAL A 1 31  ? -7.352  -15.026 1.038   1.00 14.29 ? 30   VAL A C   1 
ATOM   258 O  O   . VAL A 1 31  ? -6.896  -14.123 0.302   1.00 13.01 ? 30   VAL A O   1 
ATOM   259 C  CB  . VAL A 1 31  ? -6.096  -14.927 3.223   1.00 14.40 ? 30   VAL A CB  1 
ATOM   260 C  CG1 . VAL A 1 31  ? -7.362  -14.518 3.947   1.00 14.04 ? 30   VAL A CG1 1 
ATOM   261 C  CG2 . VAL A 1 31  ? -5.168  -15.695 4.157   1.00 14.46 ? 30   VAL A CG2 1 
ATOM   262 N  N   . ALA A 1 32  ? -8.631  -15.415 1.031   1.00 12.80 ? 31   ALA A N   1 
ATOM   263 C  CA  . ALA A 1 32  ? -9.605  -14.792 0.138   1.00 12.71 ? 31   ALA A CA  1 
ATOM   264 C  C   . ALA A 1 32  ? -9.629  -13.301 0.400   1.00 12.18 ? 31   ALA A C   1 
ATOM   265 O  O   . ALA A 1 32  ? -9.547  -12.860 1.555   1.00 11.91 ? 31   ALA A O   1 
ATOM   266 C  CB  . ALA A 1 32  ? -11.011 -15.397 0.322   1.00 12.05 ? 31   ALA A CB  1 
ATOM   267 N  N   . LEU A 1 33  ? -9.725  -12.534 -0.679  1.00 11.65 ? 32   LEU A N   1 
ATOM   268 C  CA  . LEU A 1 33  ? -9.747  -11.083 -0.597  1.00 11.47 ? 32   LEU A CA  1 
ATOM   269 C  C   . LEU A 1 33  ? -10.776 -10.586 0.405   1.00 11.73 ? 32   LEU A C   1 
ATOM   270 O  O   . LEU A 1 33  ? -10.502 -9.680  1.201   1.00 11.95 ? 32   LEU A O   1 
ATOM   271 C  CB  . LEU A 1 33  ? -9.999  -10.481 -1.979  1.00 12.00 ? 32   LEU A CB  1 
ATOM   272 C  CG  . LEU A 1 33  ? -8.802  -10.515 -2.942  1.00 12.07 ? 32   LEU A CG  1 
ATOM   273 C  CD1 . LEU A 1 33  ? -8.991  -9.465  -4.010  1.00 12.70 ? 32   LEU A CD1 1 
ATOM   274 C  CD2 . LEU A 1 33  ? -7.511  -10.248 -2.189  1.00 11.57 ? 32   LEU A CD2 1 
ATOM   275 N  N   . GLY A 1 34  ? -11.950 -11.202 0.395   1.00 11.53 ? 33   GLY A N   1 
ATOM   276 C  CA  . GLY A 1 34  ? -13.045 -10.733 1.230   1.00 11.87 ? 33   GLY A CA  1 
ATOM   277 C  C   . GLY A 1 34  ? -12.882 -11.125 2.688   1.00 12.27 ? 33   GLY A C   1 
ATOM   278 O  O   . GLY A 1 34  ? -13.696 -10.747 3.522   1.00 11.66 ? 33   GLY A O   1 
ATOM   279 N  N   . SER A 1 35  ? -11.813 -11.860 2.999   1.00 12.29 ? 34   SER A N   1 
ATOM   280 C  CA  . SER A 1 35  ? -11.546 -12.302 4.369   1.00 12.70 ? 34   SER A CA  1 
ATOM   281 C  C   . SER A 1 35  ? -10.362 -11.572 4.990   1.00 12.92 ? 34   SER A C   1 
ATOM   282 O  O   . SER A 1 35  ? -10.050 -11.762 6.164   1.00 13.22 ? 34   SER A O   1 
ATOM   283 C  CB  . SER A 1 35  ? -11.291 -13.810 4.405   1.00 12.54 ? 34   SER A CB  1 
ATOM   284 O  OG  . SER A 1 35  ? -12.495 -14.534 4.583   1.00 13.70 ? 34   SER A OG  1 
ATOM   285 N  N   . LEU A 1 36  ? -9.701  -10.732 4.205   1.00 13.04 ? 35   LEU A N   1 
ATOM   286 C  CA  . LEU A 1 36  ? -8.456  -10.133 4.651   1.00 12.95 ? 35   LEU A CA  1 
ATOM   287 C  C   . LEU A 1 36  ? -8.583  -9.440  6.009   1.00 13.91 ? 35   LEU A C   1 
ATOM   288 O  O   . LEU A 1 36  ? -7.693  -9.578  6.856   1.00 13.86 ? 35   LEU A O   1 
ATOM   289 C  CB  . LEU A 1 36  ? -7.892  -9.191  3.593   1.00 12.54 ? 35   LEU A CB  1 
ATOM   290 C  CG  . LEU A 1 36  ? -7.242  -9.861  2.387   1.00 11.12 ? 35   LEU A CG  1 
ATOM   291 C  CD1 . LEU A 1 36  ? -6.913  -8.840  1.360   1.00 7.33  ? 35   LEU A CD1 1 
ATOM   292 C  CD2 . LEU A 1 36  ? -5.999  -10.646 2.793   1.00 10.19 ? 35   LEU A CD2 1 
ATOM   293 N  N   . LYS A 1 37  ? -9.706  -8.753  6.234   1.00 14.02 ? 36   LYS A N   1 
ATOM   294 C  CA  . LYS A 1 37  ? -9.908  -7.994  7.473   1.00 15.05 ? 36   LYS A CA  1 
ATOM   295 C  C   . LYS A 1 37  ? -9.999  -8.886  8.718   1.00 14.72 ? 36   LYS A C   1 
ATOM   296 O  O   . LYS A 1 37  ? -9.929  -8.395  9.848   1.00 14.61 ? 36   LYS A O   1 
ATOM   297 C  CB  . LYS A 1 37  ? -11.158 -7.104  7.379   1.00 15.83 ? 36   LYS A CB  1 
ATOM   298 C  CG  . LYS A 1 37  ? -11.091 -6.001  6.323   1.00 18.13 ? 36   LYS A CG  1 
ATOM   299 C  CD  . LYS A 1 37  ? -12.094 -4.909  6.642   1.00 24.16 ? 36   LYS A CD  1 
ATOM   300 C  CE  . LYS A 1 37  ? -12.802 -4.414  5.394   1.00 27.47 ? 36   LYS A CE  1 
ATOM   301 N  NZ  . LYS A 1 37  ? -13.362 -3.034  5.588   1.00 28.92 ? 36   LYS A NZ  1 
ATOM   302 N  N   . GLY A 1 38  ? -10.182 -10.191 8.507   1.00 14.52 ? 37   GLY A N   1 
ATOM   303 C  CA  . GLY A 1 38  ? -10.186 -11.159 9.607   1.00 13.59 ? 37   GLY A CA  1 
ATOM   304 C  C   . GLY A 1 38  ? -8.890  -11.946 9.750   1.00 13.11 ? 37   GLY A C   1 
ATOM   305 O  O   . GLY A 1 38  ? -8.855  -12.970 10.437  1.00 13.42 ? 37   GLY A O   1 
ATOM   306 N  N   . ASN A 1 39  ? -7.832  -11.481 9.085   1.00 11.81 ? 38   ASN A N   1 
ATOM   307 C  CA  . ASN A 1 39  ? -6.538  -12.171 9.097   1.00 11.43 ? 38   ASN A CA  1 
ATOM   308 C  C   . ASN A 1 39  ? -5.494  -11.342 9.825   1.00 11.04 ? 38   ASN A C   1 
ATOM   309 O  O   . ASN A 1 39  ? -5.239  -10.206 9.454   1.00 11.78 ? 38   ASN A O   1 
ATOM   310 C  CB  . ASN A 1 39  ? -6.067  -12.484 7.670   1.00 10.25 ? 38   ASN A CB  1 
ATOM   311 C  CG  . ASN A 1 39  ? -4.654  -13.059 7.625   1.00 10.44 ? 38   ASN A CG  1 
ATOM   312 O  OD1 . ASN A 1 39  ? -3.668  -12.319 7.661   1.00 8.53  ? 38   ASN A OD1 1 
ATOM   313 N  ND2 . ASN A 1 39  ? -4.552  -14.383 7.507   1.00 8.20  ? 38   ASN A ND2 1 
ATOM   314 N  N   . ALA A 1 40  ? -4.877  -11.926 10.843  1.00 11.28 ? 39   ALA A N   1 
ATOM   315 C  CA  . ALA A 1 40  ? -3.945  -11.205 11.708  1.00 10.96 ? 39   ALA A CA  1 
ATOM   316 C  C   . ALA A 1 40  ? -2.796  -10.569 10.933  1.00 10.87 ? 39   ALA A C   1 
ATOM   317 O  O   . ALA A 1 40  ? -2.404  -9.439  11.205  1.00 11.77 ? 39   ALA A O   1 
ATOM   318 C  CB  . ALA A 1 40  ? -3.408  -12.133 12.774  1.00 11.16 ? 39   ALA A CB  1 
ATOM   319 N  N   . ALA A 1 41  ? -2.235  -11.313 9.990   1.00 10.73 ? 40   ALA A N   1 
ATOM   320 C  CA  . ALA A 1 41  ? -1.062  -10.859 9.260   1.00 10.22 ? 40   ALA A CA  1 
ATOM   321 C  C   . ALA A 1 41  ? -1.419  -9.642  8.415   1.00 10.55 ? 40   ALA A C   1 
ATOM   322 O  O   . ALA A 1 41  ? -0.686  -8.664  8.388   1.00 11.14 ? 40   ALA A O   1 
ATOM   323 C  CB  . ALA A 1 41  ? -0.525  -11.978 8.399   1.00 9.77  ? 40   ALA A CB  1 
ATOM   324 N  N   . TYR A 1 42  ? -2.565  -9.697  7.745   1.00 10.63 ? 41   TYR A N   1 
ATOM   325 C  CA  . TYR A 1 42  ? -3.064  -8.539  7.017   1.00 11.15 ? 41   TYR A CA  1 
ATOM   326 C  C   . TYR A 1 42  ? -3.252  -7.339  7.932   1.00 11.53 ? 41   TYR A C   1 
ATOM   327 O  O   . TYR A 1 42  ? -2.822  -6.229  7.606   1.00 11.90 ? 41   TYR A O   1 
ATOM   328 C  CB  . TYR A 1 42  ? -4.389  -8.847  6.325   1.00 10.64 ? 41   TYR A CB  1 
ATOM   329 C  CG  . TYR A 1 42  ? -4.989  -7.619  5.689   1.00 12.23 ? 41   TYR A CG  1 
ATOM   330 C  CD1 . TYR A 1 42  ? -4.543  -7.162  4.442   1.00 12.51 ? 41   TYR A CD1 1 
ATOM   331 C  CD2 . TYR A 1 42  ? -5.949  -6.871  6.361   1.00 13.01 ? 41   TYR A CD2 1 
ATOM   332 C  CE1 . TYR A 1 42  ? -5.080  -6.018  3.872   1.00 12.79 ? 41   TYR A CE1 1 
ATOM   333 C  CE2 . TYR A 1 42  ? -6.487  -5.733  5.804   1.00 13.23 ? 41   TYR A CE2 1 
ATOM   334 C  CZ  . TYR A 1 42  ? -6.054  -5.310  4.567   1.00 14.39 ? 41   TYR A CZ  1 
ATOM   335 O  OH  . TYR A 1 42  ? -6.598  -4.166  4.040   1.00 16.47 ? 41   TYR A OH  1 
ATOM   336 N  N   . LYS A 1 43  ? -3.937  -7.561  9.056   1.00 11.33 ? 42   LYS A N   1 
ATOM   337 C  CA  . LYS A 1 43  ? -4.196  -6.504  10.014  1.00 12.76 ? 42   LYS A CA  1 
ATOM   338 C  C   . LYS A 1 43  ? -2.915  -5.722  10.366  1.00 12.83 ? 42   LYS A C   1 
ATOM   339 O  O   . LYS A 1 43  ? -2.926  -4.479  10.405  1.00 13.26 ? 42   LYS A O   1 
ATOM   340 C  CB  . LYS A 1 43  ? -4.844  -7.074  11.282  1.00 13.11 ? 42   LYS A CB  1 
ATOM   341 C  CG  . LYS A 1 43  ? -6.263  -7.607  11.076  1.00 16.61 ? 42   LYS A CG  1 
ATOM   342 C  CD  . LYS A 1 43  ? -6.924  -7.956  12.418  1.00 18.41 ? 42   LYS A CD  1 
ATOM   343 C  CE  . LYS A 1 43  ? -7.794  -9.198  12.307  1.00 15.06 ? 42   LYS A CE  1 
ATOM   344 N  NZ  . LYS A 1 43  ? -9.095  -9.007  12.980  1.00 13.14 ? 42   LYS A NZ  1 
ATOM   345 N  N   . THR A 1 44  ? -1.823  -6.450  10.609  1.00 11.67 ? 43   THR A N   1 
ATOM   346 C  CA  . THR A 1 44  ? -0.515  -5.826  10.842  1.00 11.63 ? 43   THR A CA  1 
ATOM   347 C  C   . THR A 1 44  ? 0.045   -5.084  9.630   1.00 11.18 ? 43   THR A C   1 
ATOM   348 O  O   . THR A 1 44  ? 0.566   -3.991  9.786   1.00 11.12 ? 43   THR A O   1 
ATOM   349 C  CB  . THR A 1 44  ? 0.537   -6.840  11.372  1.00 11.54 ? 43   THR A CB  1 
ATOM   350 O  OG1 . THR A 1 44  ? 0.122   -7.338  12.655  1.00 12.55 ? 43   THR A OG1 1 
ATOM   351 C  CG2 . THR A 1 44  ? 1.902   -6.171  11.528  1.00 10.70 ? 43   THR A CG2 1 
ATOM   352 N  N   . GLN A 1 45  ? -0.032  -5.676  8.434   1.00 11.42 ? 44   GLN A N   1 
ATOM   353 C  CA  A GLN A 1 45  ? 0.471   -5.041  7.198   0.40 11.49 ? 44   GLN A CA  1 
ATOM   354 C  CA  B GLN A 1 45  ? 0.494   -5.011  7.254   0.60 11.76 ? 44   GLN A CA  1 
ATOM   355 C  C   . GLN A 1 45  ? -0.276  -3.736  6.905   1.00 11.78 ? 44   GLN A C   1 
ATOM   356 O  O   . GLN A 1 45  ? 0.333   -2.713  6.561   1.00 11.74 ? 44   GLN A O   1 
ATOM   357 C  CB  A GLN A 1 45  ? 0.291   -5.976  5.994   0.40 11.54 ? 44   GLN A CB  1 
ATOM   358 C  CB  B GLN A 1 45  ? 0.560   -5.973  6.070   0.60 12.01 ? 44   GLN A CB  1 
ATOM   359 C  CG  A GLN A 1 45  ? 1.527   -6.193  5.103   0.40 11.10 ? 44   GLN A CG  1 
ATOM   360 C  CG  B GLN A 1 45  ? 1.699   -6.972  6.201   0.60 12.62 ? 44   GLN A CG  1 
ATOM   361 C  CD  A GLN A 1 45  ? 2.484   -5.011  5.038   0.40 10.15 ? 44   GLN A CD  1 
ATOM   362 C  CD  B GLN A 1 45  ? 2.987   -6.318  6.670   0.60 12.01 ? 44   GLN A CD  1 
ATOM   363 O  OE1 A GLN A 1 45  ? 3.561   -5.051  5.630   0.40 12.04 ? 44   GLN A OE1 1 
ATOM   364 O  OE1 B GLN A 1 45  ? 3.522   -5.438  5.997   0.60 13.98 ? 44   GLN A OE1 1 
ATOM   365 N  NE2 A GLN A 1 45  ? 2.134   -3.989  4.262   0.40 8.00  ? 44   GLN A NE2 1 
ATOM   366 N  NE2 B GLN A 1 45  ? 3.481   -6.733  7.837   0.60 8.63  ? 44   GLN A NE2 1 
ATOM   367 N  N   . ALA A 1 46  ? -1.603  -3.788  7.013   1.00 11.06 ? 45   ALA A N   1 
ATOM   368 C  CA  . ALA A 1 46  ? -2.436  -2.619  6.759   1.00 11.21 ? 45   ALA A CA  1 
ATOM   369 C  C   . ALA A 1 46  ? -2.101  -1.473  7.716   1.00 11.23 ? 45   ALA A C   1 
ATOM   370 O  O   . ALA A 1 46  ? -1.976  -0.324  7.296   1.00 11.11 ? 45   ALA A O   1 
ATOM   371 C  CB  . ALA A 1 46  ? -3.911  -2.985  6.864   1.00 11.75 ? 45   ALA A CB  1 
ATOM   372 N  N   . GLY A 1 47  ? -1.958  -1.785  9.003   1.00 10.40 ? 46   GLY A N   1 
ATOM   373 C  CA  . GLY A 1 47  ? -1.640  -0.760  9.995   1.00 10.55 ? 46   GLY A CA  1 
ATOM   374 C  C   . GLY A 1 47  ? -0.341  -0.062  9.636   1.00 10.57 ? 46   GLY A C   1 
ATOM   375 O  O   . GLY A 1 47  ? -0.248  1.159   9.692   1.00 11.10 ? 46   GLY A O   1 
ATOM   376 N  N   . LYS A 1 48  ? 0.647   -0.852  9.227   1.00 10.85 ? 47   LYS A N   1 
ATOM   377 C  CA  . LYS A 1 48  ? 1.955   -0.346  8.834   1.00 11.13 ? 47   LYS A CA  1 
ATOM   378 C  C   . LYS A 1 48  ? 1.895   0.544   7.595   1.00 11.10 ? 47   LYS A C   1 
ATOM   379 O  O   . LYS A 1 48  ? 2.643   1.516   7.506   1.00 11.31 ? 47   LYS A O   1 
ATOM   380 C  CB  . LYS A 1 48  ? 2.918   -1.506  8.569   1.00 12.14 ? 47   LYS A CB  1 
ATOM   381 C  CG  . LYS A 1 48  ? 3.430   -2.238  9.805   1.00 13.75 ? 47   LYS A CG  1 
ATOM   382 C  CD  . LYS A 1 48  ? 4.503   -3.242  9.375   1.00 19.78 ? 47   LYS A CD  1 
ATOM   383 C  CE  . LYS A 1 48  ? 5.077   -4.042  10.543  1.00 25.20 ? 47   LYS A CE  1 
ATOM   384 N  NZ  . LYS A 1 48  ? 6.348   -4.762  10.152  1.00 28.66 ? 47   LYS A NZ  1 
ATOM   385 N  N   . THR A 1 49  ? 1.038   0.201   6.630   1.00 9.84  ? 48   THR A N   1 
ATOM   386 C  CA  . THR A 1 49  ? 0.846   1.050   5.461   1.00 9.54  ? 48   THR A CA  1 
ATOM   387 C  C   . THR A 1 49  ? 0.212   2.396   5.860   1.00 9.46  ? 48   THR A C   1 
ATOM   388 O  O   . THR A 1 49  ? 0.521   3.440   5.271   1.00 8.61  ? 48   THR A O   1 
ATOM   389 C  CB  . THR A 1 49  ? -0.046  0.363   4.396   1.00 9.42  ? 48   THR A CB  1 
ATOM   390 O  OG1 . THR A 1 49  ? 0.423   -0.963  4.152   1.00 9.01  ? 48   THR A OG1 1 
ATOM   391 C  CG2 . THR A 1 49  ? -0.028  1.147   3.087   1.00 8.97  ? 48   THR A CG2 1 
ATOM   392 N  N   . VAL A 1 50  ? -0.722  2.336   6.809   1.00 9.15  ? 49   VAL A N   1 
ATOM   393 C  CA  . VAL A 1 50  ? -1.401  3.516   7.341   1.00 9.08  ? 49   VAL A CA  1 
ATOM   394 C  C   . VAL A 1 50  ? -0.407  4.381   8.110   1.00 9.74  ? 49   VAL A C   1 
ATOM   395 O  O   . VAL A 1 50  ? -0.337  5.597   7.907   1.00 9.95  ? 49   VAL A O   1 
ATOM   396 C  CB  . VAL A 1 50  ? -2.585  3.121   8.261   1.00 9.51  ? 49   VAL A CB  1 
ATOM   397 C  CG1 . VAL A 1 50  ? -3.033  4.311   9.151   1.00 9.22  ? 49   VAL A CG1 1 
ATOM   398 C  CG2 . VAL A 1 50  ? -3.750  2.603   7.438   1.00 7.93  ? 49   VAL A CG2 1 
ATOM   399 N  N   . ASP A 1 51  ? 0.396   3.743   8.958   1.00 9.54  ? 50   ASP A N   1 
ATOM   400 C  CA  . ASP A 1 51  ? 1.520   4.428   9.580   1.00 9.90  ? 50   ASP A CA  1 
ATOM   401 C  C   . ASP A 1 51  ? 2.381   5.179   8.560   1.00 10.31 ? 50   ASP A C   1 
ATOM   402 O  O   . ASP A 1 51  ? 2.670   6.364   8.750   1.00 9.90  ? 50   ASP A O   1 
ATOM   403 C  CB  . ASP A 1 51  ? 2.358   3.456   10.411  1.00 9.83  ? 50   ASP A CB  1 
ATOM   404 C  CG  . ASP A 1 51  ? 1.587   2.883   11.586  1.00 10.22 ? 50   ASP A CG  1 
ATOM   405 O  OD1 . ASP A 1 51  ? 0.581   3.501   12.018  1.00 10.02 ? 50   ASP A OD1 1 
ATOM   406 O  OD2 . ASP A 1 51  ? 1.975   1.802   12.070  1.00 10.68 ? 50   ASP A OD2 1 
ATOM   407 N  N   . TYR A 1 52  ? 2.723   4.530   7.443   1.00 11.01 ? 51   TYR A N   1 
ATOM   408 C  CA  . TYR A 1 52  ? 3.622   5.163   6.464   1.00 11.28 ? 51   TYR A CA  1 
ATOM   409 C  C   . TYR A 1 52  ? 2.986   6.366   5.809   1.00 11.73 ? 51   TYR A C   1 
ATOM   410 O  O   . TYR A 1 52  ? 3.632   7.397   5.599   1.00 11.95 ? 51   TYR A O   1 
ATOM   411 C  CB  . TYR A 1 52  ? 4.102   4.197   5.378   1.00 11.00 ? 51   TYR A CB  1 
ATOM   412 C  CG  . TYR A 1 52  ? 5.142   4.852   4.482   1.00 9.78  ? 51   TYR A CG  1 
ATOM   413 C  CD1 . TYR A 1 52  ? 6.461   4.976   4.892   1.00 7.33  ? 51   TYR A CD1 1 
ATOM   414 C  CD2 . TYR A 1 52  ? 4.778   5.408   3.253   1.00 10.63 ? 51   TYR A CD2 1 
ATOM   415 C  CE1 . TYR A 1 52  ? 7.402   5.624   4.101   1.00 8.97  ? 51   TYR A CE1 1 
ATOM   416 C  CE2 . TYR A 1 52  ? 5.701   6.055   2.457   1.00 10.41 ? 51   TYR A CE2 1 
ATOM   417 C  CZ  . TYR A 1 52  ? 7.011   6.154   2.880   1.00 10.49 ? 51   TYR A CZ  1 
ATOM   418 O  OH  . TYR A 1 52  ? 7.922   6.794   2.083   1.00 11.36 ? 51   TYR A OH  1 
ATOM   419 N  N   . ILE A 1 53  ? 1.708   6.223   5.485   1.00 12.06 ? 52   ILE A N   1 
ATOM   420 C  CA  . ILE A 1 53  ? 0.935   7.323   4.935   1.00 11.56 ? 52   ILE A CA  1 
ATOM   421 C  C   . ILE A 1 53  ? 0.919   8.503   5.910   1.00 11.72 ? 52   ILE A C   1 
ATOM   422 O  O   . ILE A 1 53  ? 1.208   9.640   5.534   1.00 11.17 ? 52   ILE A O   1 
ATOM   423 C  CB  . ILE A 1 53  ? -0.476  6.855   4.574   1.00 10.91 ? 52   ILE A CB  1 
ATOM   424 C  CG1 . ILE A 1 53  ? -0.387  5.875   3.399   1.00 11.23 ? 52   ILE A CG1 1 
ATOM   425 C  CG2 . ILE A 1 53  ? -1.387  8.046   4.282   1.00 10.41 ? 52   ILE A CG2 1 
ATOM   426 C  CD1 . ILE A 1 53  ? -1.670  5.130   3.075   1.00 9.55  ? 52   ILE A CD1 1 
ATOM   427 N  N   . ASN A 1 54  ? 0.671   8.213   7.181   1.00 11.95 ? 53   ASN A N   1 
ATOM   428 C  CA  . ASN A 1 54  ? 0.688   9.260   8.186   1.00 12.46 ? 53   ASN A CA  1 
ATOM   429 C  C   . ASN A 1 54  ? 2.071   9.880   8.363   1.00 12.11 ? 53   ASN A C   1 
ATOM   430 O  O   . ASN A 1 54  ? 2.191   11.086  8.548   1.00 12.46 ? 53   ASN A O   1 
ATOM   431 C  CB  . ASN A 1 54  ? 0.083   8.767   9.507   1.00 12.54 ? 53   ASN A CB  1 
ATOM   432 C  CG  . ASN A 1 54  ? -1.438  8.601   9.428   1.00 14.41 ? 53   ASN A CG  1 
ATOM   433 O  OD1 . ASN A 1 54  ? -1.992  7.610   9.913   1.00 18.95 ? 53   ASN A OD1 1 
ATOM   434 N  ND2 . ASN A 1 54  ? -2.117  9.568   8.803   1.00 12.89 ? 53   ASN A ND2 1 
ATOM   435 N  N   . ALA A 1 55  ? 3.119   9.076   8.214   1.00 12.70 ? 54   ALA A N   1 
ATOM   436 C  CA  . ALA A 1 55  ? 4.483   9.603   8.215   1.00 12.73 ? 54   ALA A CA  1 
ATOM   437 C  C   . ALA A 1 55  ? 4.811   10.407  6.942   1.00 12.72 ? 54   ALA A C   1 
ATOM   438 O  O   . ALA A 1 55  ? 5.507   11.421  6.998   1.00 12.84 ? 54   ALA A O   1 
ATOM   439 C  CB  . ALA A 1 55  ? 5.497   8.473   8.419   1.00 12.47 ? 54   ALA A CB  1 
ATOM   440 N  N   . ALA A 1 56  ? 4.327   9.956   5.792   1.00 12.72 ? 55   ALA A N   1 
ATOM   441 C  CA  . ALA A 1 56  ? 4.556   10.703  4.557   1.00 13.36 ? 55   ALA A CA  1 
ATOM   442 C  C   . ALA A 1 56  ? 3.900   12.081  4.646   1.00 14.13 ? 55   ALA A C   1 
ATOM   443 O  O   . ALA A 1 56  ? 4.511   13.096  4.311   1.00 14.66 ? 55   ALA A O   1 
ATOM   444 C  CB  . ALA A 1 56  ? 4.039   9.927   3.353   1.00 13.09 ? 55   ALA A CB  1 
ATOM   445 N  N   . ILE A 1 57  ? 2.657   12.112  5.119   1.00 14.89 ? 56   ILE A N   1 
ATOM   446 C  CA  . ILE A 1 57  ? 1.948   13.367  5.331   1.00 15.21 ? 56   ILE A CA  1 
ATOM   447 C  C   . ILE A 1 57  ? 2.594   14.189  6.454   1.00 16.77 ? 56   ILE A C   1 
ATOM   448 O  O   . ILE A 1 57  ? 2.694   15.419  6.357   1.00 16.78 ? 56   ILE A O   1 
ATOM   449 C  CB  . ILE A 1 57  ? 0.453   13.126  5.656   1.00 15.00 ? 56   ILE A CB  1 
ATOM   450 C  CG1 . ILE A 1 57  ? -0.232  12.382  4.508   1.00 14.00 ? 56   ILE A CG1 1 
ATOM   451 C  CG2 . ILE A 1 57  ? -0.268  14.451  5.935   1.00 13.25 ? 56   ILE A CG2 1 
ATOM   452 C  CD1 . ILE A 1 57  ? -1.603  11.883  4.862   1.00 11.33 ? 56   ILE A CD1 1 
ATOM   453 N  N   . GLY A 1 58  ? 3.039   13.498  7.504   1.00 17.38 ? 57   GLY A N   1 
ATOM   454 C  CA  . GLY A 1 58  ? 3.710   14.127  8.631   1.00 18.28 ? 57   GLY A CA  1 
ATOM   455 C  C   . GLY A 1 58  ? 5.055   14.747  8.288   1.00 18.81 ? 57   GLY A C   1 
ATOM   456 O  O   . GLY A 1 58  ? 5.482   15.700  8.941   1.00 18.64 ? 57   GLY A O   1 
ATOM   457 N  N   . GLY A 1 59  ? 5.723   14.213  7.266   1.00 19.07 ? 58   GLY A N   1 
ATOM   458 C  CA  . GLY A 1 59  ? 7.063   14.688  6.874   1.00 19.39 ? 58   GLY A CA  1 
ATOM   459 C  C   . GLY A 1 59  ? 8.217   13.887  7.468   1.00 19.78 ? 58   GLY A C   1 
ATOM   460 O  O   . GLY A 1 59  ? 9.385   14.268  7.347   1.00 18.60 ? 58   GLY A O   1 
ATOM   461 N  N   . SER A 1 60  ? 7.890   12.762  8.097   1.00 20.66 ? 59   SER A N   1 
ATOM   462 C  CA  . SER A 1 60  ? 8.895   11.930  8.745   1.00 22.21 ? 59   SER A CA  1 
ATOM   463 C  C   . SER A 1 60  ? 9.225   10.662  7.942   1.00 22.74 ? 59   SER A C   1 
ATOM   464 O  O   . SER A 1 60  ? 10.177  9.946   8.274   1.00 23.16 ? 59   SER A O   1 
ATOM   465 C  CB  . SER A 1 60  ? 8.452   11.554  10.159  1.00 22.15 ? 59   SER A CB  1 
ATOM   466 O  OG  . SER A 1 60  ? 7.995   10.214  10.202  1.00 23.50 ? 59   SER A OG  1 
ATOM   467 N  N   . ALA A 1 61  ? 8.445   10.393  6.895   1.00 22.51 ? 60   ALA A N   1 
ATOM   468 C  CA  . ALA A 1 61  ? 8.609   9.166   6.104   1.00 21.78 ? 60   ALA A CA  1 
ATOM   469 C  C   . ALA A 1 61  ? 9.974   9.100   5.453   1.00 21.21 ? 60   ALA A C   1 
ATOM   470 O  O   . ALA A 1 61  ? 10.457  10.076  4.887   1.00 21.36 ? 60   ALA A O   1 
ATOM   471 C  CB  . ALA A 1 61  ? 7.521   9.043   5.052   1.00 20.92 ? 60   ALA A CB  1 
ATOM   472 N  N   . ASP A 1 62  ? 10.606  7.941   5.550   1.00 21.38 ? 61   ASP A N   1 
ATOM   473 C  CA  . ASP A 1 62  ? 11.845  7.719   4.840   1.00 20.72 ? 61   ASP A CA  1 
ATOM   474 C  C   . ASP A 1 62  ? 11.572  6.954   3.559   1.00 20.04 ? 61   ASP A C   1 
ATOM   475 O  O   . ASP A 1 62  ? 11.504  5.727   3.567   1.00 19.95 ? 61   ASP A O   1 
ATOM   476 C  CB  . ASP A 1 62  ? 12.835  6.957   5.712   1.00 21.45 ? 61   ASP A CB  1 
ATOM   477 C  CG  . ASP A 1 62  ? 14.173  6.737   5.015   1.00 22.20 ? 61   ASP A CG  1 
ATOM   478 O  OD1 . ASP A 1 62  ? 14.251  6.933   3.782   1.00 25.11 ? 61   ASP A OD1 1 
ATOM   479 O  OD2 . ASP A 1 62  ? 15.143  6.368   5.699   1.00 24.39 ? 61   ASP A OD2 1 
ATOM   480 N  N   . ALA A 1 63  ? 11.444  7.687   2.457   1.00 19.00 ? 62   ALA A N   1 
ATOM   481 C  CA  . ALA A 1 63  ? 11.051  7.098   1.182   1.00 18.00 ? 62   ALA A CA  1 
ATOM   482 C  C   . ALA A 1 63  ? 12.120  6.160   0.634   1.00 17.68 ? 62   ALA A C   1 
ATOM   483 O  O   . ALA A 1 63  ? 11.811  5.059   0.179   1.00 18.30 ? 62   ALA A O   1 
ATOM   484 C  CB  . ALA A 1 63  ? 10.721  8.188   0.176   1.00 18.01 ? 62   ALA A CB  1 
ATOM   485 N  N   . ALA A 1 64  ? 13.377  6.593   0.697   1.00 17.00 ? 63   ALA A N   1 
ATOM   486 C  CA  . ALA A 1 64  ? 14.513  5.761   0.319   1.00 16.21 ? 63   ALA A CA  1 
ATOM   487 C  C   . ALA A 1 64  ? 14.543  4.447   1.109   1.00 15.97 ? 63   ALA A C   1 
ATOM   488 O  O   . ALA A 1 64  ? 14.816  3.388   0.549   1.00 15.89 ? 63   ALA A O   1 
ATOM   489 C  CB  . ALA A 1 64  ? 15.833  6.534   0.518   1.00 16.57 ? 63   ALA A CB  1 
ATOM   490 N  N   . GLY A 1 65  ? 14.272  4.524   2.410   1.00 15.27 ? 64   GLY A N   1 
ATOM   491 C  CA  . GLY A 1 65  ? 14.280  3.338   3.266   1.00 15.15 ? 64   GLY A CA  1 
ATOM   492 C  C   . GLY A 1 65  ? 13.207  2.328   2.892   1.00 14.98 ? 64   GLY A C   1 
ATOM   493 O  O   . GLY A 1 65  ? 13.479  1.129   2.777   1.00 14.43 ? 64   GLY A O   1 
ATOM   494 N  N   . LEU A 1 66  ? 11.988  2.824   2.675   1.00 14.50 ? 65   LEU A N   1 
ATOM   495 C  CA  . LEU A 1 66  ? 10.887  1.999   2.193   1.00 14.61 ? 65   LEU A CA  1 
ATOM   496 C  C   . LEU A 1 66  ? 11.179  1.352   0.831   1.00 14.58 ? 65   LEU A C   1 
ATOM   497 O  O   . LEU A 1 66  ? 10.875  0.177   0.616   1.00 15.26 ? 65   LEU A O   1 
ATOM   498 C  CB  . LEU A 1 66  ? 9.582   2.810   2.132   1.00 14.85 ? 65   LEU A CB  1 
ATOM   499 C  CG  . LEU A 1 66  ? 8.319   1.948   1.985   1.00 14.76 ? 65   LEU A CG  1 
ATOM   500 C  CD1 . LEU A 1 66  ? 8.130   1.098   3.228   1.00 12.95 ? 65   LEU A CD1 1 
ATOM   501 C  CD2 . LEU A 1 66  ? 7.083   2.799   1.720   1.00 15.10 ? 65   LEU A CD2 1 
ATOM   502 N  N   . ALA A 1 67  ? 11.755  2.127   -0.083  1.00 14.43 ? 66   ALA A N   1 
ATOM   503 C  CA  . ALA A 1 67  ? 12.192  1.608   -1.379  1.00 14.22 ? 66   ALA A CA  1 
ATOM   504 C  C   . ALA A 1 67  ? 13.242  0.483   -1.260  1.00 14.48 ? 66   ALA A C   1 
ATOM   505 O  O   . ALA A 1 67  ? 13.065  -0.601  -1.812  1.00 14.45 ? 66   ALA A O   1 
ATOM   506 C  CB  . ALA A 1 67  ? 12.712  2.756   -2.257  1.00 14.39 ? 66   ALA A CB  1 
ATOM   507 N  N   . SER A 1 68  ? 14.325  0.724   -0.524  1.00 14.37 ? 67   SER A N   1 
ATOM   508 C  CA  . SER A 1 68  ? 15.311  -0.336  -0.276  1.00 14.42 ? 67   SER A CA  1 
ATOM   509 C  C   . SER A 1 68  ? 14.665  -1.604  0.308   1.00 14.99 ? 67   SER A C   1 
ATOM   510 O  O   . SER A 1 68  ? 15.058  -2.730  -0.023  1.00 15.49 ? 67   SER A O   1 
ATOM   511 C  CB  . SER A 1 68  ? 16.425  0.166   0.650   1.00 14.07 ? 67   SER A CB  1 
ATOM   512 O  OG  . SER A 1 68  ? 17.415  -0.827  0.843   1.00 13.42 ? 67   SER A OG  1 
ATOM   513 N  N   . ARG A 1 69  ? 13.667  -1.416  1.171   1.00 15.00 ? 68   ARG A N   1 
ATOM   514 C  CA  . ARG A 1 69  ? 13.026  -2.538  1.841   1.00 14.44 ? 68   ARG A CA  1 
ATOM   515 C  C   . ARG A 1 69  ? 12.120  -3.313  0.907   1.00 14.38 ? 68   ARG A C   1 
ATOM   516 O  O   . ARG A 1 69  ? 12.049  -4.537  0.981   1.00 14.79 ? 68   ARG A O   1 
ATOM   517 C  CB  . ARG A 1 69  ? 12.278  -2.076  3.081   1.00 13.92 ? 68   ARG A CB  1 
ATOM   518 C  CG  . ARG A 1 69  ? 13.182  -1.903  4.294   1.00 14.43 ? 68   ARG A CG  1 
ATOM   519 C  CD  . ARG A 1 69  ? 12.479  -1.183  5.433   1.00 10.71 ? 68   ARG A CD  1 
ATOM   520 N  NE  . ARG A 1 69  ? 13.318  -1.104  6.629   1.00 11.07 ? 68   ARG A NE  1 
ATOM   521 C  CZ  . ARG A 1 69  ? 14.286  -0.205  6.819   1.00 13.52 ? 68   ARG A CZ  1 
ATOM   522 N  NH1 . ARG A 1 69  ? 14.585  0.686   5.876   1.00 12.20 ? 68   ARG A NH1 1 
ATOM   523 N  NH2 . ARG A 1 69  ? 14.967  -0.197  7.957   1.00 12.28 ? 68   ARG A NH2 1 
ATOM   524 N  N   . HIS A 1 70  ? 11.463  -2.610  -0.007  1.00 14.97 ? 69   HIS A N   1 
ATOM   525 C  CA  . HIS A 1 70  ? 10.740  -3.283  -1.082  1.00 14.84 ? 69   HIS A CA  1 
ATOM   526 C  C   . HIS A 1 70  ? 11.657  -3.985  -2.101  1.00 15.53 ? 69   HIS A C   1 
ATOM   527 O  O   . HIS A 1 70  ? 11.425  -5.141  -2.447  1.00 15.48 ? 69   HIS A O   1 
ATOM   528 C  CB  . HIS A 1 70  ? 9.737   -2.341  -1.736  1.00 14.80 ? 69   HIS A CB  1 
ATOM   529 C  CG  . HIS A 1 70  ? 8.514   -2.110  -0.905  1.00 14.93 ? 69   HIS A CG  1 
ATOM   530 N  ND1 . HIS A 1 70  ? 8.485   -1.221  0.150   1.00 15.27 ? 69   HIS A ND1 1 
ATOM   531 C  CD2 . HIS A 1 70  ? 7.299   -2.705  -0.928  1.00 12.45 ? 69   HIS A CD2 1 
ATOM   532 C  CE1 . HIS A 1 70  ? 7.293   -1.252  0.717   1.00 13.07 ? 69   HIS A CE1 1 
ATOM   533 N  NE2 . HIS A 1 70  ? 6.558   -2.155  0.091   1.00 14.17 ? 69   HIS A NE2 1 
ATOM   534 N  N   . LYS A 1 71  ? 12.732  -3.319  -2.515  1.00 15.89 ? 70   LYS A N   1 
ATOM   535 C  CA  . LYS A 1 71  ? 13.799  -3.973  -3.274  1.00 17.20 ? 70   LYS A CA  1 
ATOM   536 C  C   . LYS A 1 71  ? 14.195  -5.281  -2.600  1.00 17.52 ? 70   LYS A C   1 
ATOM   537 O  O   . LYS A 1 71  ? 14.515  -6.265  -3.266  1.00 18.23 ? 70   LYS A O   1 
ATOM   538 C  CB  . LYS A 1 71  ? 15.038  -3.078  -3.371  1.00 16.90 ? 70   LYS A CB  1 
ATOM   539 C  CG  . LYS A 1 71  ? 14.989  -1.999  -4.436  1.00 19.73 ? 70   LYS A CG  1 
ATOM   540 C  CD  . LYS A 1 71  ? 16.355  -1.289  -4.545  1.00 24.07 ? 70   LYS A CD  1 
ATOM   541 C  CE  . LYS A 1 71  ? 16.361  -0.174  -5.601  1.00 26.11 ? 70   LYS A CE  1 
ATOM   542 N  NZ  . LYS A 1 71  ? 17.548  0.754   -5.493  1.00 26.28 ? 70   LYS A NZ  1 
ATOM   543 N  N   . GLY A 1 72  ? 14.200  -5.277  -1.273  1.00 17.31 ? 71   GLY A N   1 
ATOM   544 C  CA  . GLY A 1 72  ? 14.600  -6.450  -0.506  1.00 16.70 ? 71   GLY A CA  1 
ATOM   545 C  C   . GLY A 1 72  ? 13.566  -7.555  -0.534  1.00 16.08 ? 71   GLY A C   1 
ATOM   546 O  O   . GLY A 1 72  ? 13.778  -8.624  0.022   1.00 16.61 ? 71   GLY A O   1 
ATOM   547 N  N   . ARG A 1 73  ? 12.435  -7.283  -1.168  1.00 16.15 ? 72   ARG A N   1 
ATOM   548 C  CA  . ARG A 1 73  ? 11.427  -8.305  -1.410  1.00 16.51 ? 72   ARG A CA  1 
ATOM   549 C  C   . ARG A 1 73  ? 11.251  -8.546  -2.909  1.00 16.66 ? 72   ARG A C   1 
ATOM   550 O  O   . ARG A 1 73  ? 10.290  -9.191  -3.324  1.00 16.50 ? 72   ARG A O   1 
ATOM   551 C  CB  . ARG A 1 73  ? 10.081  -7.894  -0.803  1.00 16.29 ? 72   ARG A CB  1 
ATOM   552 C  CG  . ARG A 1 73  ? 10.130  -7.524  0.664   1.00 15.78 ? 72   ARG A CG  1 
ATOM   553 C  CD  . ARG A 1 73  ? 10.222  -8.758  1.530   1.00 12.19 ? 72   ARG A CD  1 
ATOM   554 N  NE  . ARG A 1 73  ? 10.312  -8.396  2.936   1.00 8.14  ? 72   ARG A NE  1 
ATOM   555 C  CZ  . ARG A 1 73  ? 9.858   -9.148  3.937   1.00 7.79  ? 72   ARG A CZ  1 
ATOM   556 N  NH1 . ARG A 1 73  ? 9.264   -10.314 3.691   1.00 2.00  ? 72   ARG A NH1 1 
ATOM   557 N  NH2 . ARG A 1 73  ? 10.003  -8.726  5.189   1.00 5.71  ? 72   ARG A NH2 1 
ATOM   558 N  N   . ASN A 1 74  ? 12.182  -8.032  -3.711  1.00 16.92 ? 73   ASN A N   1 
ATOM   559 C  CA  . ASN A 1 74  ? 12.080  -8.103  -5.169  1.00 18.02 ? 73   ASN A CA  1 
ATOM   560 C  C   . ASN A 1 74  ? 10.800  -7.417  -5.635  1.00 17.36 ? 73   ASN A C   1 
ATOM   561 O  O   . ASN A 1 74  ? 10.100  -7.924  -6.510  1.00 18.13 ? 73   ASN A O   1 
ATOM   562 C  CB  . ASN A 1 74  ? 12.131  -9.567  -5.676  1.00 18.02 ? 73   ASN A CB  1 
ATOM   563 C  CG  . ASN A 1 74  ? 13.527  -10.203 -5.545  1.00 21.92 ? 73   ASN A CG  1 
ATOM   564 O  OD1 . ASN A 1 74  ? 14.561  -9.531  -5.679  1.00 24.13 ? 73   ASN A OD1 1 
ATOM   565 N  ND2 . ASN A 1 74  ? 13.553  -11.509 -5.288  1.00 24.00 ? 73   ASN A ND2 1 
ATOM   566 N  N   . VAL A 1 75  ? 10.479  -6.298  -4.995  1.00 16.91 ? 74   VAL A N   1 
ATOM   567 C  CA  . VAL A 1 75  ? 9.378   -5.431  -5.398  1.00 16.67 ? 74   VAL A CA  1 
ATOM   568 C  C   . VAL A 1 75  ? 9.972   -4.111  -5.884  1.00 17.04 ? 74   VAL A C   1 
ATOM   569 O  O   . VAL A 1 75  ? 10.700  -3.443  -5.143  1.00 15.94 ? 74   VAL A O   1 
ATOM   570 C  CB  . VAL A 1 75  ? 8.408   -5.154  -4.213  1.00 16.73 ? 74   VAL A CB  1 
ATOM   571 C  CG1 . VAL A 1 75  ? 7.271   -4.238  -4.643  1.00 15.17 ? 74   VAL A CG1 1 
ATOM   572 C  CG2 . VAL A 1 75  ? 7.848   -6.459  -3.653  1.00 17.44 ? 74   VAL A CG2 1 
ATOM   573 N  N   . GLY A 1 76  ? 9.656   -3.735  -7.123  1.00 17.61 ? 75   GLY A N   1 
ATOM   574 C  CA  . GLY A 1 76  ? 10.366  -2.648  -7.795  1.00 18.31 ? 75   GLY A CA  1 
ATOM   575 C  C   . GLY A 1 76  ? 9.484   -1.561  -8.377  1.00 18.69 ? 75   GLY A C   1 
ATOM   576 O  O   . GLY A 1 76  ? 8.347   -1.363  -7.941  1.00 18.27 ? 75   GLY A O   1 
ATOM   577 N  N   . SER A 1 77  ? 10.012  -0.870  -9.388  1.00 19.43 ? 76   SER A N   1 
ATOM   578 C  CA  . SER A 1 77  ? 9.299   0.204   -10.087 1.00 19.73 ? 76   SER A CA  1 
ATOM   579 C  C   . SER A 1 77  ? 7.945   -0.222  -10.650 1.00 19.31 ? 76   SER A C   1 
ATOM   580 O  O   . SER A 1 77  ? 6.946   0.483   -10.482 1.00 19.52 ? 76   SER A O   1 
ATOM   581 C  CB  . SER A 1 77  ? 10.168  0.779   -11.209 1.00 19.80 ? 76   SER A CB  1 
ATOM   582 O  OG  . SER A 1 77  ? 11.235  1.537   -10.661 1.00 23.04 ? 76   SER A OG  1 
ATOM   583 N  N   . ALA A 1 78  ? 7.909   -1.366  -11.325 1.00 19.01 ? 77   ALA A N   1 
ATOM   584 C  CA  . ALA A 1 78  ? 6.700   -1.758  -12.032 1.00 19.04 ? 77   ALA A CA  1 
ATOM   585 C  C   . ALA A 1 78  ? 5.559   -1.942  -11.041 1.00 19.22 ? 77   ALA A C   1 
ATOM   586 O  O   . ALA A 1 78  ? 4.426   -1.533  -11.298 1.00 19.20 ? 77   ALA A O   1 
ATOM   587 C  CB  . ALA A 1 78  ? 6.931   -3.030  -12.844 1.00 18.89 ? 77   ALA A CB  1 
ATOM   588 N  N   . GLU A 1 79  ? 5.875   -2.530  -9.889  1.00 19.19 ? 78   GLU A N   1 
ATOM   589 C  CA  . GLU A 1 79  ? 4.871   -2.758  -8.860  1.00 19.45 ? 78   GLU A CA  1 
ATOM   590 C  C   . GLU A 1 79  ? 4.343   -1.444  -8.296  1.00 19.17 ? 78   GLU A C   1 
ATOM   591 O  O   . GLU A 1 79  ? 3.138   -1.284  -8.111  1.00 19.06 ? 78   GLU A O   1 
ATOM   592 C  CB  . GLU A 1 79  ? 5.429   -3.641  -7.744  1.00 19.46 ? 78   GLU A CB  1 
ATOM   593 C  CG  . GLU A 1 79  ? 5.661   -5.081  -8.180  1.00 20.49 ? 78   GLU A CG  1 
ATOM   594 C  CD  . GLU A 1 79  ? 7.025   -5.308  -8.801  1.00 21.45 ? 78   GLU A CD  1 
ATOM   595 O  OE1 . GLU A 1 79  ? 7.785   -4.338  -9.023  1.00 22.49 ? 78   GLU A OE1 1 
ATOM   596 O  OE2 . GLU A 1 79  ? 7.344   -6.479  -9.056  1.00 23.76 ? 78   GLU A OE2 1 
ATOM   597 N  N   . PHE A 1 80  ? 5.245   -0.496  -8.050  1.00 18.76 ? 79   PHE A N   1 
ATOM   598 C  CA  . PHE A 1 80  ? 4.854   0.774   -7.460  1.00 18.24 ? 79   PHE A CA  1 
ATOM   599 C  C   . PHE A 1 80  ? 4.147   1.691   -8.457  1.00 18.30 ? 79   PHE A C   1 
ATOM   600 O  O   . PHE A 1 80  ? 3.343   2.522   -8.064  1.00 19.02 ? 79   PHE A O   1 
ATOM   601 C  CB  . PHE A 1 80  ? 6.039   1.464   -6.768  1.00 17.81 ? 79   PHE A CB  1 
ATOM   602 C  CG  . PHE A 1 80  ? 6.226   1.039   -5.341  1.00 17.03 ? 79   PHE A CG  1 
ATOM   603 C  CD1 . PHE A 1 80  ? 5.633   1.745   -4.312  1.00 17.77 ? 79   PHE A CD1 1 
ATOM   604 C  CD2 . PHE A 1 80  ? 6.920   -0.117  -5.033  1.00 17.40 ? 79   PHE A CD2 1 
ATOM   605 C  CE1 . PHE A 1 80  ? 5.771   1.336   -2.999  1.00 15.30 ? 79   PHE A CE1 1 
ATOM   606 C  CE2 . PHE A 1 80  ? 7.052   -0.534  -3.718  1.00 16.51 ? 79   PHE A CE2 1 
ATOM   607 C  CZ  . PHE A 1 80  ? 6.476   0.193   -2.705  1.00 14.92 ? 79   PHE A CZ  1 
ATOM   608 N  N   . HIS A 1 81  ? 4.391   1.509   -9.749  1.00 18.47 ? 80   HIS A N   1 
ATOM   609 C  CA  . HIS A 1 81  ? 3.525   2.150   -10.736 1.00 19.31 ? 80   HIS A CA  1 
ATOM   610 C  C   . HIS A 1 81  ? 2.107   1.595   -10.685 1.00 18.69 ? 80   HIS A C   1 
ATOM   611 O  O   . HIS A 1 81  ? 1.140   2.358   -10.716 1.00 17.76 ? 80   HIS A O   1 
ATOM   612 C  CB  . HIS A 1 81  ? 4.102   2.056   -12.152 1.00 20.64 ? 80   HIS A CB  1 
ATOM   613 C  CG  . HIS A 1 81  ? 5.159   3.076   -12.427 1.00 24.14 ? 80   HIS A CG  1 
ATOM   614 N  ND1 . HIS A 1 81  ? 4.874   4.420   -12.554 1.00 28.26 ? 80   HIS A ND1 1 
ATOM   615 C  CD2 . HIS A 1 81  ? 6.504   2.964   -12.512 1.00 26.77 ? 80   HIS A CD2 1 
ATOM   616 C  CE1 . HIS A 1 81  ? 5.999   5.090   -12.734 1.00 28.41 ? 80   HIS A CE1 1 
ATOM   617 N  NE2 . HIS A 1 81  ? 7.004   4.229   -12.716 1.00 29.70 ? 80   HIS A NE2 1 
ATOM   618 N  N   . ASN A 1 82  ? 1.989   0.271   -10.586 1.00 18.03 ? 81   ASN A N   1 
ATOM   619 C  CA  . ASN A 1 82  ? 0.680   -0.364  -10.409 1.00 18.79 ? 81   ASN A CA  1 
ATOM   620 C  C   . ASN A 1 82  ? -0.055  0.107   -9.152  1.00 18.79 ? 81   ASN A C   1 
ATOM   621 O  O   . ASN A 1 82  ? -1.236  0.426   -9.205  1.00 18.82 ? 81   ASN A O   1 
ATOM   622 C  CB  . ASN A 1 82  ? 0.806   -1.888  -10.418 1.00 18.50 ? 81   ASN A CB  1 
ATOM   623 C  CG  . ASN A 1 82  ? 1.281   -2.429  -11.763 1.00 18.18 ? 81   ASN A CG  1 
ATOM   624 O  OD1 . ASN A 1 82  ? 1.919   -3.479  -11.830 1.00 18.74 ? 81   ASN A OD1 1 
ATOM   625 N  ND2 . ASN A 1 82  ? 0.968   -1.718  -12.833 1.00 17.14 ? 81   ASN A ND2 1 
ATOM   626 N  N   . ALA A 1 83  ? 0.664   0.167   -8.033  1.00 18.58 ? 82   ALA A N   1 
ATOM   627 C  CA  . ALA A 1 83  ? 0.122   0.647   -6.771  1.00 18.54 ? 82   ALA A CA  1 
ATOM   628 C  C   . ALA A 1 83  ? -0.353  2.098   -6.869  1.00 18.99 ? 82   ALA A C   1 
ATOM   629 O  O   . ALA A 1 83  ? -1.320  2.491   -6.215  1.00 19.20 ? 82   ALA A O   1 
ATOM   630 C  CB  . ALA A 1 83  ? 1.159   0.498   -5.659  1.00 17.93 ? 82   ALA A CB  1 
ATOM   631 N  N   . LYS A 1 84  ? 0.328   2.893   -7.685  1.00 19.60 ? 83   LYS A N   1 
ATOM   632 C  CA  . LYS A 1 84  ? -0.075  4.272   -7.915  1.00 19.25 ? 83   LYS A CA  1 
ATOM   633 C  C   . LYS A 1 84  ? -1.455  4.320   -8.575  1.00 18.83 ? 83   LYS A C   1 
ATOM   634 O  O   . LYS A 1 84  ? -2.297  5.136   -8.192  1.00 19.83 ? 83   LYS A O   1 
ATOM   635 C  CB  . LYS A 1 84  ? 0.980   5.004   -8.755  1.00 19.82 ? 83   LYS A CB  1 
ATOM   636 C  CG  . LYS A 1 84  ? 0.658   6.464   -9.042  1.00 20.16 ? 83   LYS A CG  1 
ATOM   637 C  CD  . LYS A 1 84  ? 1.907   7.273   -9.302  1.00 21.11 ? 83   LYS A CD  1 
ATOM   638 C  CE  . LYS A 1 84  ? 1.545   8.689   -9.680  1.00 24.55 ? 83   LYS A CE  1 
ATOM   639 N  NZ  . LYS A 1 84  ? 2.730   9.506   -10.065 1.00 27.14 ? 83   LYS A NZ  1 
ATOM   640 N  N   . ALA A 1 85  ? -1.705  3.409   -9.515  1.00 17.90 ? 84   ALA A N   1 
ATOM   641 C  CA  . ALA A 1 85  ? -3.031  3.256   -10.128 1.00 17.73 ? 84   ALA A CA  1 
ATOM   642 C  C   . ALA A 1 85  ? -4.084  2.873   -9.095  1.00 17.53 ? 84   ALA A C   1 
ATOM   643 O  O   . ALA A 1 85  ? -5.209  3.375   -9.108  1.00 17.65 ? 84   ALA A O   1 
ATOM   644 C  CB  . ALA A 1 85  ? -2.988  2.211   -11.246 1.00 17.80 ? 84   ALA A CB  1 
ATOM   645 N  N   . CYS A 1 86  ? -3.713  1.971   -8.199  1.00 17.44 ? 85   CYS A N   1 
ATOM   646 C  CA  . CYS A 1 86  ? -4.662  1.429   -7.247  1.00 17.34 ? 85   CYS A CA  1 
ATOM   647 C  C   . CYS A 1 86  ? -4.994  2.409   -6.123  1.00 17.11 ? 85   CYS A C   1 
ATOM   648 O  O   . CYS A 1 86  ? -6.144  2.493   -5.697  1.00 16.45 ? 85   CYS A O   1 
ATOM   649 C  CB  . CYS A 1 86  ? -4.158  0.089   -6.707  1.00 17.50 ? 85   CYS A CB  1 
ATOM   650 S  SG  . CYS A 1 86  ? -4.088  -1.192  -7.996  1.00 17.49 ? 85   CYS A SG  1 
ATOM   651 N  N   . ALA A 1 87  ? -3.991  3.157   -5.660  1.00 17.52 ? 86   ALA A N   1 
ATOM   652 C  CA  . ALA A 1 87  ? -4.183  4.146   -4.584  1.00 17.68 ? 86   ALA A CA  1 
ATOM   653 C  C   . ALA A 1 87  ? -4.991  5.326   -5.085  1.00 18.09 ? 86   ALA A C   1 
ATOM   654 O  O   . ALA A 1 87  ? -5.830  5.869   -4.363  1.00 19.15 ? 86   ALA A O   1 
ATOM   655 C  CB  . ALA A 1 87  ? -2.834  4.625   -4.044  1.00 17.33 ? 86   ALA A CB  1 
ATOM   656 N  N   . ALA A 1 88  ? -4.710  5.738   -6.317  1.00 18.54 ? 87   ALA A N   1 
ATOM   657 C  CA  . ALA A 1 88  ? -5.495  6.765   -6.986  1.00 19.20 ? 87   ALA A CA  1 
ATOM   658 C  C   . ALA A 1 88  ? -6.969  6.409   -6.951  1.00 18.89 ? 87   ALA A C   1 
ATOM   659 O  O   . ALA A 1 88  ? -7.789  7.208   -6.510  1.00 19.41 ? 87   ALA A O   1 
ATOM   660 C  CB  . ALA A 1 88  ? -5.013  6.962   -8.440  1.00 19.14 ? 87   ALA A CB  1 
ATOM   661 N  N   . LYS A 1 89  ? -7.296  5.187   -7.358  1.00 19.26 ? 88   LYS A N   1 
ATOM   662 C  CA  . LYS A 1 89  ? -8.674  4.673   -7.232  1.00 19.78 ? 88   LYS A CA  1 
ATOM   663 C  C   . LYS A 1 89  ? -9.244  4.672   -5.810  1.00 18.90 ? 88   LYS A C   1 
ATOM   664 O  O   . LYS A 1 89  ? -10.373 5.106   -5.594  1.00 19.99 ? 88   LYS A O   1 
ATOM   665 C  CB  . LYS A 1 89  ? -8.807  3.281   -7.854  1.00 19.86 ? 88   LYS A CB  1 
ATOM   666 C  CG  . LYS A 1 89  ? -9.637  3.257   -9.133  1.00 23.65 ? 88   LYS A CG  1 
ATOM   667 C  CD  . LYS A 1 89  ? -9.945  1.828   -9.600  1.00 27.40 ? 88   LYS A CD  1 
ATOM   668 C  CE  . LYS A 1 89  ? -8.849  1.272   -10.520 1.00 29.57 ? 88   LYS A CE  1 
ATOM   669 N  NZ  . LYS A 1 89  ? -8.848  1.886   -11.897 1.00 29.70 ? 88   LYS A NZ  1 
ATOM   670 N  N   . ALA A 1 90  ? -8.478  4.175   -4.847  1.00 17.84 ? 89   ALA A N   1 
ATOM   671 C  CA  . ALA A 1 90  ? -8.987  4.023   -3.483  1.00 17.42 ? 89   ALA A CA  1 
ATOM   672 C  C   . ALA A 1 90  ? -9.158  5.372   -2.766  1.00 17.62 ? 89   ALA A C   1 
ATOM   673 O  O   . ALA A 1 90  ? -10.086 5.556   -1.983  1.00 16.61 ? 89   ALA A O   1 
ATOM   674 C  CB  . ALA A 1 90  ? -8.091  3.091   -2.674  1.00 15.87 ? 89   ALA A CB  1 
ATOM   675 N  N   . CYS A 1 91  ? -8.239  6.298   -3.013  1.00 17.90 ? 90   CYS A N   1 
ATOM   676 C  CA  . CYS A 1 91  ? -8.382  7.654   -2.501  1.00 18.47 ? 90   CYS A CA  1 
ATOM   677 C  C   . CYS A 1 91  ? -9.607  8.305   -3.115  1.00 19.37 ? 90   CYS A C   1 
ATOM   678 O  O   . CYS A 1 91  ? -10.491 8.771   -2.401  1.00 19.63 ? 90   CYS A O   1 
ATOM   679 C  CB  . CYS A 1 91  ? -7.139  8.497   -2.812  1.00 17.82 ? 90   CYS A CB  1 
ATOM   680 S  SG  . CYS A 1 91  ? -5.685  8.041   -1.866  1.00 15.57 ? 90   CYS A SG  1 
ATOM   681 N  N   . SER A 1 92  ? -9.663  8.335   -4.440  1.00 20.82 ? 91   SER A N   1 
ATOM   682 C  CA  . SER A 1 92  ? -10.807 8.941   -5.121  1.00 23.14 ? 91   SER A CA  1 
ATOM   683 C  C   . SER A 1 92  ? -12.148 8.417   -4.603  1.00 23.41 ? 91   SER A C   1 
ATOM   684 O  O   . SER A 1 92  ? -13.099 9.185   -4.454  1.00 24.21 ? 91   SER A O   1 
ATOM   685 C  CB  . SER A 1 92  ? -10.711 8.748   -6.632  1.00 23.30 ? 91   SER A CB  1 
ATOM   686 O  OG  . SER A 1 92  ? -12.002 8.548   -7.187  1.00 26.60 ? 91   SER A OG  1 
ATOM   687 N  N   . ALA A 1 93  ? -12.215 7.118   -4.313  1.00 23.77 ? 92   ALA A N   1 
ATOM   688 C  CA  . ALA A 1 93  ? -13.443 6.499   -3.793  1.00 23.81 ? 92   ALA A CA  1 
ATOM   689 C  C   . ALA A 1 93  ? -13.835 7.006   -2.394  1.00 23.71 ? 92   ALA A C   1 
ATOM   690 O  O   . ALA A 1 93  ? -15.014 6.947   -2.007  1.00 23.37 ? 92   ALA A O   1 
ATOM   691 C  CB  . ALA A 1 93  ? -13.330 4.970   -3.806  1.00 23.54 ? 92   ALA A CB  1 
ATOM   692 N  N   . HIS A 1 94  ? -12.860 7.551   -1.666  1.00 23.05 ? 93   HIS A N   1 
ATOM   693 C  CA  . HIS A 1 94  ? -13.090 8.037   -0.300  1.00 22.63 ? 93   HIS A CA  1 
ATOM   694 C  C   . HIS A 1 94  ? -13.080 9.563   -0.193  1.00 22.29 ? 93   HIS A C   1 
ATOM   695 O  O   . HIS A 1 94  ? -13.206 10.120  0.901   1.00 22.46 ? 93   HIS A O   1 
ATOM   696 C  CB  . HIS A 1 94  ? -12.066 7.424   0.664   1.00 22.62 ? 93   HIS A CB  1 
ATOM   697 C  CG  . HIS A 1 94  ? -12.386 6.016   1.056   1.00 23.59 ? 93   HIS A CG  1 
ATOM   698 N  ND1 . HIS A 1 94  ? -13.068 5.704   2.211   1.00 26.83 ? 93   HIS A ND1 1 
ATOM   699 C  CD2 . HIS A 1 94  ? -12.187 4.845   0.406   1.00 24.41 ? 93   HIS A CD2 1 
ATOM   700 C  CE1 . HIS A 1 94  ? -13.262 4.397   2.265   1.00 26.91 ? 93   HIS A CE1 1 
ATOM   701 N  NE2 . HIS A 1 94  ? -12.732 3.852   1.184   1.00 24.55 ? 93   HIS A NE2 1 
ATOM   702 N  N   . GLY A 1 95  ? -12.935 10.237  -1.329  1.00 21.74 ? 94   GLY A N   1 
ATOM   703 C  CA  . GLY A 1 95  ? -12.805 11.693  -1.341  1.00 21.46 ? 94   GLY A CA  1 
ATOM   704 C  C   . GLY A 1 95  ? -11.579 12.155  -0.572  1.00 21.08 ? 94   GLY A C   1 
ATOM   705 O  O   . GLY A 1 95  ? -11.560 13.243  0.021   1.00 20.64 ? 94   GLY A O   1 
ATOM   706 N  N   . ALA A 1 96  ? -10.550 11.313  -0.579  1.00 20.47 ? 95   ALA A N   1 
ATOM   707 C  CA  . ALA A 1 96  ? -9.317  11.590  0.146   1.00 19.29 ? 95   ALA A CA  1 
ATOM   708 C  C   . ALA A 1 96  ? -8.338  12.190  -0.849  1.00 18.09 ? 95   ALA A C   1 
ATOM   709 O  O   . ALA A 1 96  ? -8.482  11.953  -2.051  1.00 18.33 ? 95   ALA A O   1 
ATOM   710 C  CB  . ALA A 1 96  ? -8.764  10.302  0.732   1.00 19.21 ? 95   ALA A CB  1 
ATOM   711 N  N   . PRO A 1 97  ? -7.362  12.990  -0.365  1.00 16.94 ? 96   PRO A N   1 
ATOM   712 C  CA  . PRO A 1 97  ? -6.321  13.506  -1.268  1.00 16.78 ? 96   PRO A CA  1 
ATOM   713 C  C   . PRO A 1 97  ? -5.537  12.348  -1.873  1.00 16.71 ? 96   PRO A C   1 
ATOM   714 O  O   . PRO A 1 97  ? -5.420  11.309  -1.240  1.00 17.33 ? 96   PRO A O   1 
ATOM   715 C  CB  . PRO A 1 97  ? -5.402  14.323  -0.342  1.00 16.73 ? 96   PRO A CB  1 
ATOM   716 C  CG  . PRO A 1 97  ? -6.036  14.323  1.006   1.00 16.64 ? 96   PRO A CG  1 
ATOM   717 C  CD  . PRO A 1 97  ? -7.039  13.216  1.054   1.00 16.43 ? 96   PRO A CD  1 
ATOM   718 N  N   . ASP A 1 98  ? -5.003  12.504  -3.079  1.00 17.24 ? 97   ASP A N   1 
ATOM   719 C  CA  . ASP A 1 98  ? -4.213  11.420  -3.648  1.00 17.70 ? 97   ASP A CA  1 
ATOM   720 C  C   . ASP A 1 98  ? -2.819  11.308  -3.015  1.00 17.16 ? 97   ASP A C   1 
ATOM   721 O  O   . ASP A 1 98  ? -2.306  12.264  -2.432  1.00 16.26 ? 97   ASP A O   1 
ATOM   722 C  CB  . ASP A 1 98  ? -4.173  11.468  -5.191  1.00 18.80 ? 97   ASP A CB  1 
ATOM   723 C  CG  . ASP A 1 98  ? -3.211  12.513  -5.736  1.00 20.99 ? 97   ASP A CG  1 
ATOM   724 O  OD1 . ASP A 1 98  ? -3.689  13.574  -6.190  1.00 25.21 ? 97   ASP A OD1 1 
ATOM   725 O  OD2 . ASP A 1 98  ? -1.985  12.267  -5.755  1.00 25.18 ? 97   ASP A OD2 1 
ATOM   726 N  N   . LEU A 1 99  ? -2.238  10.116  -3.102  1.00 17.44 ? 98   LEU A N   1 
ATOM   727 C  CA  . LEU A 1 99  ? -0.922  9.851   -2.544  1.00 17.66 ? 98   LEU A CA  1 
ATOM   728 C  C   . LEU A 1 99  ? 0.114   9.747   -3.657  1.00 18.60 ? 98   LEU A C   1 
ATOM   729 O  O   . LEU A 1 99  ? 1.214   9.226   -3.445  1.00 19.79 ? 98   LEU A O   1 
ATOM   730 C  CB  . LEU A 1 99  ? -0.940  8.570   -1.706  1.00 17.25 ? 98   LEU A CB  1 
ATOM   731 C  CG  . LEU A 1 99  ? -1.796  8.598   -0.436  1.00 16.97 ? 98   LEU A CG  1 
ATOM   732 C  CD1 . LEU A 1 99  ? -2.319  7.220   -0.102  1.00 16.56 ? 98   LEU A CD1 1 
ATOM   733 C  CD2 . LEU A 1 99  ? -1.051  9.200   0.760   1.00 13.44 ? 98   LEU A CD2 1 
ATOM   734 N  N   . GLY A 1 100 ? -0.233  10.268  -4.834  1.00 18.74 ? 99   GLY A N   1 
ATOM   735 C  CA  . GLY A 1 100 ? 0.650   10.216  -5.996  1.00 18.71 ? 99   GLY A CA  1 
ATOM   736 C  C   . GLY A 1 100 ? 2.022   10.782  -5.693  1.00 19.00 ? 99   GLY A C   1 
ATOM   737 O  O   . GLY A 1 100 ? 3.047   10.186  -6.043  1.00 18.82 ? 99   GLY A O   1 
ATOM   738 N  N   . HIS A 1 101 ? 2.039   11.926  -5.013  1.00 18.87 ? 100  HIS A N   1 
ATOM   739 C  CA  . HIS A 1 101 ? 3.293   12.604  -4.673  1.00 18.86 ? 100  HIS A CA  1 
ATOM   740 C  C   . HIS A 1 101 ? 4.156   11.785  -3.713  1.00 18.26 ? 100  HIS A C   1 
ATOM   741 O  O   . HIS A 1 101 ? 5.365   11.694  -3.899  1.00 19.44 ? 100  HIS A O   1 
ATOM   742 C  CB  . HIS A 1 101 ? 3.018   13.994  -4.085  1.00 19.18 ? 100  HIS A CB  1 
ATOM   743 C  CG  . HIS A 1 101 ? 2.219   13.965  -2.816  1.00 19.62 ? 100  HIS A CG  1 
ATOM   744 N  ND1 . HIS A 1 101 ? 2.776   14.214  -1.580  1.00 19.75 ? 100  HIS A ND1 1 
ATOM   745 C  CD2 . HIS A 1 101 ? 0.914   13.685  -2.589  1.00 20.38 ? 100  HIS A CD2 1 
ATOM   746 C  CE1 . HIS A 1 101 ? 1.850   14.094  -0.648  1.00 19.90 ? 100  HIS A CE1 1 
ATOM   747 N  NE2 . HIS A 1 101 ? 0.710   13.776  -1.234  1.00 21.79 ? 100  HIS A NE2 1 
ATOM   748 N  N   . ALA A 1 102 ? 3.542   11.188  -2.695  1.00 17.12 ? 101  ALA A N   1 
ATOM   749 C  CA  . ALA A 1 102 ? 4.282   10.312  -1.781  1.00 16.66 ? 101  ALA A CA  1 
ATOM   750 C  C   . ALA A 1 102 ? 4.764   9.040   -2.466  1.00 16.58 ? 101  ALA A C   1 
ATOM   751 O  O   . ALA A 1 102 ? 5.863   8.553   -2.187  1.00 16.47 ? 101  ALA A O   1 
ATOM   752 C  CB  . ALA A 1 102 ? 3.454   9.969   -0.562  1.00 15.78 ? 101  ALA A CB  1 
ATOM   753 N  N   . ILE A 1 103 ? 3.930   8.491   -3.344  1.00 16.23 ? 102  ILE A N   1 
ATOM   754 C  CA  . ILE A 1 103 ? 4.314   7.320   -4.109  1.00 16.28 ? 102  ILE A CA  1 
ATOM   755 C  C   . ILE A 1 103 ? 5.437   7.667   -5.091  1.00 16.92 ? 102  ILE A C   1 
ATOM   756 O  O   . ILE A 1 103 ? 6.334   6.856   -5.322  1.00 16.49 ? 102  ILE A O   1 
ATOM   757 C  CB  . ILE A 1 103 ? 3.094   6.667   -4.800  1.00 15.87 ? 102  ILE A CB  1 
ATOM   758 C  CG1 . ILE A 1 103 ? 2.147   6.115   -3.734  1.00 16.44 ? 102  ILE A CG1 1 
ATOM   759 C  CG2 . ILE A 1 103 ? 3.526   5.520   -5.722  1.00 14.76 ? 102  ILE A CG2 1 
ATOM   760 C  CD1 . ILE A 1 103 ? 0.821   5.627   -4.267  1.00 13.35 ? 102  ILE A CD1 1 
ATOM   761 N  N   . ASP A 1 104 ? 5.410   8.895   -5.611  1.00 17.93 ? 103  ASP A N   1 
ATOM   762 C  CA  . ASP A 1 104 ? 6.483   9.427   -6.460  1.00 19.13 ? 103  ASP A CA  1 
ATOM   763 C  C   . ASP A 1 104 ? 7.831   9.527   -5.728  1.00 19.51 ? 103  ASP A C   1 
ATOM   764 O  O   . ASP A 1 104 ? 8.881   9.284   -6.320  1.00 19.78 ? 103  ASP A O   1 
ATOM   765 C  CB  . ASP A 1 104 ? 6.099   10.805  -7.038  1.00 19.09 ? 103  ASP A CB  1 
ATOM   766 C  CG  . ASP A 1 104 ? 5.357   10.710  -8.375  1.00 20.35 ? 103  ASP A CG  1 
ATOM   767 O  OD1 . ASP A 1 104 ? 5.302   9.608   -8.961  1.00 23.44 ? 103  ASP A OD1 1 
ATOM   768 O  OD2 . ASP A 1 104 ? 4.814   11.737  -8.840  1.00 19.72 ? 103  ASP A OD2 1 
ATOM   769 N  N   . ASP A 1 105 ? 7.811   9.901   -4.453  1.00 20.37 ? 104  ASP A N   1 
ATOM   770 C  CA  . ASP A 1 105 ? 9.053   9.999   -3.691  1.00 21.19 ? 104  ASP A CA  1 
ATOM   771 C  C   . ASP A 1 105 ? 9.695   8.611   -3.573  1.00 20.90 ? 104  ASP A C   1 
ATOM   772 O  O   . ASP A 1 105 ? 10.913  8.456   -3.701  1.00 20.52 ? 104  ASP A O   1 
ATOM   773 C  CB  . ASP A 1 105 ? 8.817   10.600  -2.301  1.00 22.22 ? 104  ASP A CB  1 
ATOM   774 C  CG  . ASP A 1 105 ? 8.302   12.045  -2.343  1.00 26.56 ? 104  ASP A CG  1 
ATOM   775 O  OD1 . ASP A 1 105 ? 8.696   12.831  -3.240  1.00 31.73 ? 104  ASP A OD1 1 
ATOM   776 O  OD2 . ASP A 1 105 ? 7.524   12.416  -1.434  1.00 31.11 ? 104  ASP A OD2 1 
ATOM   777 N  N   . ILE A 1 106 ? 8.866   7.598   -3.354  1.00 20.42 ? 105  ILE A N   1 
ATOM   778 C  CA  . ILE A 1 106 ? 9.355   6.229   -3.295  1.00 19.97 ? 105  ILE A CA  1 
ATOM   779 C  C   . ILE A 1 106 ? 9.915   5.805   -4.645  1.00 20.70 ? 105  ILE A C   1 
ATOM   780 O  O   . ILE A 1 106 ? 11.025  5.275   -4.724  1.00 20.50 ? 105  ILE A O   1 
ATOM   781 C  CB  . ILE A 1 106 ? 8.259   5.259   -2.861  1.00 19.66 ? 105  ILE A CB  1 
ATOM   782 C  CG1 . ILE A 1 106 ? 7.734   5.648   -1.475  1.00 18.42 ? 105  ILE A CG1 1 
ATOM   783 C  CG2 . ILE A 1 106 ? 8.785   3.832   -2.878  1.00 17.88 ? 105  ILE A CG2 1 
ATOM   784 C  CD1 . ILE A 1 106 ? 6.296   5.243   -1.228  1.00 18.03 ? 105  ILE A CD1 1 
ATOM   785 N  N   . LEU A 1 107 ? 9.164   6.076   -5.711  1.00 20.93 ? 106  LEU A N   1 
ATOM   786 C  CA  . LEU A 1 107 ? 9.610   5.728   -7.053  1.00 21.15 ? 106  LEU A CA  1 
ATOM   787 C  C   . LEU A 1 107 ? 10.974  6.339   -7.386  1.00 21.43 ? 106  LEU A C   1 
ATOM   788 O  O   . LEU A 1 107 ? 11.784  5.721   -8.074  1.00 21.43 ? 106  LEU A O   1 
ATOM   789 C  CB  . LEU A 1 107 ? 8.563   6.124   -8.099  1.00 20.44 ? 106  LEU A CB  1 
ATOM   790 C  CG  . LEU A 1 107 ? 7.447   5.095   -8.317  1.00 21.21 ? 106  LEU A CG  1 
ATOM   791 C  CD1 . LEU A 1 107 ? 6.293   5.661   -9.140  1.00 18.93 ? 106  LEU A CD1 1 
ATOM   792 C  CD2 . LEU A 1 107 ? 7.975   3.811   -8.948  1.00 20.49 ? 106  LEU A CD2 1 
ATOM   793 N  N   . SER A 1 108 ? 11.230  7.543   -6.886  1.00 21.81 ? 107  SER A N   1 
ATOM   794 C  CA  . SER A 1 108 ? 12.473  8.242   -7.178  1.00 22.74 ? 107  SER A CA  1 
ATOM   795 C  C   . SER A 1 108 ? 13.694  7.494   -6.639  1.00 23.45 ? 107  SER A C   1 
ATOM   796 O  O   . SER A 1 108 ? 14.832  7.852   -6.930  1.00 23.84 ? 107  SER A O   1 
ATOM   797 C  CB  . SER A 1 108 ? 12.422  9.676   -6.640  1.00 22.81 ? 107  SER A CB  1 
ATOM   798 O  OG  . SER A 1 108 ? 12.592  9.723   -5.231  1.00 22.33 ? 107  SER A OG  1 
ATOM   799 N  N   . HIS A 1 109 ? 13.451  6.443   -5.862  1.00 24.41 ? 108  HIS A N   1 
ATOM   800 C  CA  . HIS A 1 109 ? 14.535  5.666   -5.289  1.00 24.98 ? 108  HIS A CA  1 
ATOM   801 C  C   . HIS A 1 109 ? 14.577  4.255   -5.848  1.00 25.25 ? 108  HIS A C   1 
ATOM   802 O  O   . HIS A 1 109 ? 15.536  3.520   -5.624  1.00 26.90 ? 108  HIS A O   1 
ATOM   803 C  CB  . HIS A 1 109 ? 14.427  5.650   -3.764  1.00 24.70 ? 108  HIS A CB  1 
ATOM   804 C  CG  . HIS A 1 109 ? 14.746  6.966   -3.130  1.00 24.78 ? 108  HIS A CG  1 
ATOM   805 N  ND1 . HIS A 1 109 ? 13.772  7.837   -2.694  1.00 25.24 ? 108  HIS A ND1 1 
ATOM   806 C  CD2 . HIS A 1 109 ? 15.931  7.573   -2.884  1.00 25.44 ? 108  HIS A CD2 1 
ATOM   807 C  CE1 . HIS A 1 109 ? 14.342  8.918   -2.193  1.00 25.59 ? 108  HIS A CE1 1 
ATOM   808 N  NE2 . HIS A 1 109 ? 15.651  8.784   -2.299  1.00 27.07 ? 108  HIS A NE2 1 
ATOM   809 N  N   . LEU A 1 110 ? 13.544  3.887   -6.598  1.00 25.43 ? 109  LEU A N   1 
ATOM   810 C  CA  . LEU A 1 110 ? 13.443  2.546   -7.167  1.00 25.26 ? 109  LEU A CA  1 
ATOM   811 C  C   . LEU A 1 110 ? 13.972  2.503   -8.592  1.00 25.81 ? 109  LEU A C   1 
ATOM   812 O  O   . LEU A 1 110 ? 13.859  1.494   -9.291  1.00 26.56 ? 109  LEU A O   1 
ATOM   813 C  CB  . LEU A 1 110 ? 11.995  2.061   -7.134  1.00 24.71 ? 109  LEU A CB  1 
ATOM   814 C  CG  . LEU A 1 110 ? 11.388  1.786   -5.753  1.00 25.25 ? 109  LEU A CG  1 
ATOM   815 C  CD1 . LEU A 1 110 ? 9.861   1.659   -5.838  1.00 21.86 ? 109  LEU A CD1 1 
ATOM   816 C  CD2 . LEU A 1 110 ? 12.017  0.537   -5.118  1.00 24.84 ? 109  LEU A CD2 1 
ATOM   817 O  OXT . LEU A 1 110 ? 14.534  3.478   -9.083  1.00 26.27 ? 109  LEU A OXT 1 
HETATM 818 C  CHA . HEM B 2 .   ? 6.227   -4.068  3.563   1.00 17.90 ? 1110 HEM A CHA 1 
HETATM 819 C  CHB . HEM B 2 .   ? 3.960   0.096   2.624   1.00 18.24 ? 1110 HEM A CHB 1 
HETATM 820 C  CHC . HEM B 2 .   ? 3.209   -1.314  -1.996  1.00 19.14 ? 1110 HEM A CHC 1 
HETATM 821 C  CHD . HEM B 2 .   ? 5.064   -5.649  -0.985  1.00 12.47 ? 1110 HEM A CHD 1 
HETATM 822 C  C1A . HEM B 2 .   ? 5.716   -2.802  3.679   1.00 18.88 ? 1110 HEM A C1A 1 
HETATM 823 C  C2A . HEM B 2 .   ? 5.873   -1.930  4.826   1.00 21.01 ? 1110 HEM A C2A 1 
HETATM 824 C  C3A . HEM B 2 .   ? 5.256   -0.779  4.557   1.00 19.14 ? 1110 HEM A C3A 1 
HETATM 825 C  C4A . HEM B 2 .   ? 4.681   -0.891  3.236   1.00 17.83 ? 1110 HEM A C4A 1 
HETATM 826 C  CMA . HEM B 2 .   ? 5.159   0.463   5.471   1.00 17.04 ? 1110 HEM A CMA 1 
HETATM 827 C  CAA . HEM B 2 .   ? 6.669   -2.259  6.103   1.00 22.71 ? 1110 HEM A CAA 1 
HETATM 828 C  CBA . HEM B 2 .   ? 8.012   -1.553  5.972   1.00 25.37 ? 1110 HEM A CBA 1 
HETATM 829 C  CGA . HEM B 2 .   ? 8.967   -2.205  6.919   1.00 27.49 ? 1110 HEM A CGA 1 
HETATM 830 O  O1A . HEM B 2 .   ? 8.979   -1.790  8.105   1.00 30.24 ? 1110 HEM A O1A 1 
HETATM 831 O  O2A . HEM B 2 .   ? 9.687   -3.149  6.494   1.00 28.80 ? 1110 HEM A O2A 1 
HETATM 832 C  C1B . HEM B 2 .   ? 3.693   0.129   1.279   1.00 19.09 ? 1110 HEM A C1B 1 
HETATM 833 C  C2B . HEM B 2 .   ? 3.225   1.258   0.512   1.00 19.72 ? 1110 HEM A C2B 1 
HETATM 834 C  C3B . HEM B 2 .   ? 3.032   0.845   -0.751  1.00 18.20 ? 1110 HEM A C3B 1 
HETATM 835 C  C4B . HEM B 2 .   ? 3.373   -0.547  -0.861  1.00 15.76 ? 1110 HEM A C4B 1 
HETATM 836 C  CMB . HEM B 2 .   ? 3.006   2.672   1.101   1.00 18.71 ? 1110 HEM A CMB 1 
HETATM 837 C  CAB . HEM B 2 .   ? 2.554   1.648   -1.974  1.00 19.06 ? 1110 HEM A CAB 1 
HETATM 838 C  CBB . HEM B 2 .   ? 2.021   2.861   -1.838  1.00 21.32 ? 1110 HEM A CBB 1 
HETATM 839 C  C1C . HEM B 2 .   ? 3.608   -2.620  -2.142  1.00 13.64 ? 1110 HEM A C1C 1 
HETATM 840 C  C2C . HEM B 2 .   ? 3.518   -3.430  -3.334  1.00 14.56 ? 1110 HEM A C2C 1 
HETATM 841 C  C3C . HEM B 2 .   ? 4.029   -4.625  -3.050  1.00 12.12 ? 1110 HEM A C3C 1 
HETATM 842 C  C4C . HEM B 2 .   ? 4.449   -4.626  -1.669  1.00 12.59 ? 1110 HEM A C4C 1 
HETATM 843 C  CMC . HEM B 2 .   ? 2.948   -2.992  -4.698  1.00 6.33  ? 1110 HEM A CMC 1 
HETATM 844 C  CAC . HEM B 2 .   ? 4.140   -5.801  -4.034  1.00 17.80 ? 1110 HEM A CAC 1 
HETATM 845 C  CBC . HEM B 2 .   ? 3.854   -7.029  -3.592  1.00 15.24 ? 1110 HEM A CBC 1 
HETATM 846 C  C1D . HEM B 2 .   ? 5.482   -5.594  0.329   1.00 14.18 ? 1110 HEM A C1D 1 
HETATM 847 C  C2D . HEM B 2 .   ? 5.895   -6.761  1.059   1.00 15.33 ? 1110 HEM A C2D 1 
HETATM 848 C  C3D . HEM B 2 .   ? 6.256   -6.293  2.464   1.00 14.18 ? 1110 HEM A C3D 1 
HETATM 849 C  C4D . HEM B 2 .   ? 6.023   -4.873  2.470   1.00 15.84 ? 1110 HEM A C4D 1 
HETATM 850 C  CMD . HEM B 2 .   ? 5.969   -8.185  0.497   1.00 7.43  ? 1110 HEM A CMD 1 
HETATM 851 C  CAD . HEM B 2 .   ? 6.745   -7.169  3.630   1.00 10.82 ? 1110 HEM A CAD 1 
HETATM 852 C  CBD . HEM B 2 .   ? 5.646   -8.169  3.965   1.00 11.29 ? 1110 HEM A CBD 1 
HETATM 853 C  CGD . HEM B 2 .   ? 5.980   -8.843  5.267   1.00 10.85 ? 1110 HEM A CGD 1 
HETATM 854 O  O1D . HEM B 2 .   ? 5.291   -9.825  5.613   1.00 10.52 ? 1110 HEM A O1D 1 
HETATM 855 O  O2D . HEM B 2 .   ? 6.925   -8.404  5.967   1.00 9.19  ? 1110 HEM A O2D 1 
HETATM 856 N  NA  . HEM B 2 .   ? 4.970   -2.148  2.707   1.00 17.81 ? 1110 HEM A NA  1 
HETATM 857 N  NB  . HEM B 2 .   ? 3.608   -0.991  0.436   1.00 20.16 ? 1110 HEM A NB  1 
HETATM 858 N  NC  . HEM B 2 .   ? 4.175   -3.380  -1.147  1.00 17.47 ? 1110 HEM A NC  1 
HETATM 859 N  ND  . HEM B 2 .   ? 5.565   -4.467  1.184   1.00 19.41 ? 1110 HEM A ND  1 
HETATM 860 FE FE  . HEM B 2 .   ? 4.578   -2.711  0.628   1.00 18.24 ? 1110 HEM A FE  1 
HETATM 861 O  O1  . OXY C 3 .   ? 3.316   -3.944  1.322   1.00 35.48 ? 1111 OXY A O1  1 
HETATM 862 O  O2  . OXY C 3 .   ? 2.410   -3.260  1.735   1.00 38.13 ? 1111 OXY A O2  1 
HETATM 863 S  S   . SO4 D 4 .   ? 14.090  -2.641  9.911   1.00 20.61 ? 1112 SO4 A S   1 
HETATM 864 O  O1  . SO4 D 4 .   ? 13.401  -2.857  11.189  1.00 25.63 ? 1112 SO4 A O1  1 
HETATM 865 O  O2  . SO4 D 4 .   ? 14.817  -1.379  9.952   1.00 17.84 ? 1112 SO4 A O2  1 
HETATM 866 O  O3  . SO4 D 4 .   ? 15.004  -3.755  9.636   1.00 17.46 ? 1112 SO4 A O3  1 
HETATM 867 O  O4  . SO4 D 4 .   ? 13.083  -2.598  8.850   1.00 25.39 ? 1112 SO4 A O4  1 
HETATM 868 XE XE  . XE  E 5 .   ? -1.414  3.357   -0.360  0.65 35.51 ? 1113 XE  A XE  1 
HETATM 869 XE XE  . XE  F 5 .   ? 2.280   6.523   0.318   0.65 22.26 ? 1114 XE  A XE  1 
HETATM 870 O  O   . HOH G 6 .   ? -13.304 11.430  7.251   1.00 16.00 ? 2001 HOH A O   1 
HETATM 871 O  O   . HOH G 6 .   ? -15.009 6.949   6.435   1.00 25.34 ? 2002 HOH A O   1 
HETATM 872 O  O   . HOH G 6 .   ? -5.488  -0.966  9.652   1.00 12.09 ? 2003 HOH A O   1 
HETATM 873 O  O   . HOH G 6 .   ? -7.576  5.703   10.004  1.00 20.23 ? 2004 HOH A O   1 
HETATM 874 O  O   . HOH G 6 .   ? -6.550  -0.843  7.045   1.00 10.46 ? 2005 HOH A O   1 
HETATM 875 O  O   . HOH G 6 .   ? -13.504 -7.976  -1.000  1.00 17.60 ? 2006 HOH A O   1 
HETATM 876 O  O   . HOH G 6 .   ? -7.971  -4.606  9.230   1.00 26.87 ? 2007 HOH A O   1 
HETATM 877 O  O   . HOH G 6 .   ? -8.862  -10.804 -9.215  1.00 12.55 ? 2008 HOH A O   1 
HETATM 878 O  O   . HOH G 6 .   ? 1.272   -8.076  -13.138 1.00 14.84 ? 2009 HOH A O   1 
HETATM 879 O  O   . HOH G 6 .   ? -3.092  -1.661  -11.350 1.00 12.09 ? 2010 HOH A O   1 
HETATM 880 O  O   . HOH G 6 .   ? 3.682   -15.758 -7.431  1.00 17.08 ? 2011 HOH A O   1 
HETATM 881 O  O   . HOH G 6 .   ? 5.929   -11.878 3.835   1.00 13.90 ? 2012 HOH A O   1 
HETATM 882 O  O   . HOH G 6 .   ? 9.642   -11.555 -7.820  1.00 28.70 ? 2013 HOH A O   1 
HETATM 883 O  O   . HOH G 6 .   ? 13.024  -2.195  -11.007 1.00 20.19 ? 2014 HOH A O   1 
HETATM 884 O  O   . HOH G 6 .   ? -0.600  -17.447 3.999   1.00 23.80 ? 2015 HOH A O   1 
HETATM 885 O  O   . HOH G 6 .   ? -2.426  -15.194 -2.305  1.00 15.98 ? 2016 HOH A O   1 
HETATM 886 O  O   . HOH G 6 .   ? -1.945  9.606   -8.412  1.00 13.28 ? 2017 HOH A O   1 
HETATM 887 O  O   . HOH G 6 .   ? -6.793  -14.349 -2.633  1.00 17.76 ? 2018 HOH A O   1 
HETATM 888 O  O   . HOH G 6 .   ? -10.497 -13.993 -3.117  1.00 10.14 ? 2019 HOH A O   1 
HETATM 889 O  O   . HOH G 6 .   ? -12.006 17.741  0.956   1.00 16.89 ? 2020 HOH A O   1 
HETATM 890 O  O   . HOH G 6 .   ? -12.181 -8.658  5.048   1.00 32.42 ? 2021 HOH A O   1 
HETATM 891 O  O   . HOH G 6 .   ? -12.239 -0.705  5.314   1.00 24.17 ? 2022 HOH A O   1 
HETATM 892 O  O   . HOH G 6 .   ? -6.600  -16.331 7.989   1.00 16.81 ? 2023 HOH A O   1 
HETATM 893 O  O   . HOH G 6 .   ? -5.303  -14.657 11.751  1.00 28.53 ? 2024 HOH A O   1 
HETATM 894 O  O   . HOH G 6 .   ? 1.858   -8.909  7.944   1.00 21.66 ? 2025 HOH A O   1 
HETATM 895 O  O   . HOH G 6 .   ? -8.176  -4.956  2.088   1.00 12.25 ? 2026 HOH A O   1 
HETATM 896 O  O   . HOH G 6 .   ? -5.190  -3.209  10.442  1.00 8.99  ? 2027 HOH A O   1 
HETATM 897 O  O   A HOH G 6 .   ? 0.506   -2.459  12.420  0.50 2.00  ? 2028 HOH A O   1 
HETATM 898 O  O   B HOH G 6 .   ? 0.248   -0.475  13.382  0.50 2.00  ? 2028 HOH A O   1 
HETATM 899 O  O   . HOH G 6 .   ? 5.137   1.860   8.595   1.00 10.89 ? 2029 HOH A O   1 
HETATM 900 O  O   . HOH G 6 .   ? 15.998  -5.259  11.372  1.00 17.47 ? 2030 HOH A O   1 
HETATM 901 O  O   . HOH G 6 .   ? -2.213  2.630   12.254  1.00 8.79  ? 2031 HOH A O   1 
HETATM 902 O  O   . HOH G 6 .   ? 6.819   8.497   0.623   1.00 9.84  ? 2032 HOH A O   1 
HETATM 903 O  O   . HOH G 6 .   ? 5.878   4.352   8.935   1.00 17.53 ? 2033 HOH A O   1 
HETATM 904 O  O   . HOH G 6 .   ? -1.836  12.003  8.310   1.00 21.72 ? 2034 HOH A O   1 
HETATM 905 O  O   . HOH G 6 .   ? 0.159   12.973  9.715   1.00 17.99 ? 2035 HOH A O   1 
HETATM 906 O  O   . HOH G 6 .   ? 7.330   12.670  3.384   1.00 29.37 ? 2036 HOH A O   1 
HETATM 907 O  O   . HOH G 6 .   ? 4.046   15.224  2.668   1.00 12.78 ? 2037 HOH A O   1 
HETATM 908 O  O   . HOH G 6 .   ? 15.708  7.661   8.382   1.00 24.67 ? 2038 HOH A O   1 
HETATM 909 O  O   . HOH G 6 .   ? 17.074  -3.963  -0.749  1.00 5.24  ? 2039 HOH A O   1 
HETATM 910 O  O   . HOH G 6 .   ? 17.341  1.853   4.622   1.00 19.59 ? 2040 HOH A O   1 
HETATM 911 O  O   . HOH G 6 .   ? 12.007  -6.987  6.257   1.00 16.10 ? 2041 HOH A O   1 
HETATM 912 O  O   . HOH G 6 .   ? 9.800   -8.285  -9.034  1.00 8.07  ? 2042 HOH A O   1 
HETATM 913 O  O   . HOH G 6 .   ? 10.297  -2.952  -12.225 1.00 29.62 ? 2043 HOH A O   1 
HETATM 914 O  O   . HOH G 6 .   ? 6.379   -8.378  -6.981  1.00 14.14 ? 2044 HOH A O   1 
HETATM 915 O  O   . HOH G 6 .   ? -1.903  7.369   -6.607  1.00 13.67 ? 2045 HOH A O   1 
HETATM 916 O  O   . HOH G 6 .   ? -14.188 7.471   4.131   1.00 13.52 ? 2046 HOH A O   1 
HETATM 917 O  O   . HOH G 6 .   ? -9.825  15.580  1.694   1.00 18.73 ? 2047 HOH A O   1 
HETATM 918 O  O   . HOH G 6 .   ? -6.334  13.725  -6.552  1.00 12.79 ? 2048 HOH A O   1 
HETATM 919 O  O   . HOH G 6 .   ? 5.674   14.883  -1.349  1.00 19.75 ? 2049 HOH A O   1 
HETATM 920 O  O   . HOH G 6 .   ? 1.871   12.527  -8.665  1.00 20.12 ? 2050 HOH A O   1 
HETATM 921 O  O   . HOH G 6 .   ? 7.223   11.301  0.738   1.00 18.80 ? 2051 HOH A O   1 
HETATM 922 O  O   . HOH G 6 .   ? 11.014  4.504   -10.576 1.00 22.23 ? 2052 HOH A O   1 
HETATM 923 O  O   . HOH G 6 .   ? 18.274  8.785   -0.412  1.00 23.41 ? 2053 HOH A O   1 
HETATM 924 O  O   . HOH G 6 .   ? 9.521   -4.770  4.725   1.00 11.66 ? 2054 HOH A O   1 
HETATM 925 O  O   . HOH G 6 .   ? 2.735   -10.077 5.500   1.00 19.38 ? 2055 HOH A O   1 
HETATM 926 O  O   . HOH G 6 .   ? 7.472   -5.977  6.801   1.00 21.02 ? 2056 HOH A O   1 
HETATM 927 O  O   . HOH G 6 .   ? 5.786   -11.378 7.818   1.00 14.27 ? 2057 HOH A O   1 
HETATM 928 O  O   . HOH G 6 .   ? 11.456  -4.574  7.874   1.00 16.96 ? 2058 HOH A O   1 
HETATM 929 O  O   . HOH G 6 .   ? 10.711  -1.911  9.694   1.00 21.57 ? 2059 HOH A O   1 
HETATM 930 O  O   . HOH G 6 .   ? 14.254  -4.433  13.274  1.00 12.92 ? 2060 HOH A O   1 
HETATM 931 O  O   . HOH G 6 .   ? 10.613  -4.212  12.094  1.00 19.63 ? 2061 HOH A O   1 
# 
loop_
_pdbx_poly_seq_scheme.asym_id 
_pdbx_poly_seq_scheme.entity_id 
_pdbx_poly_seq_scheme.seq_id 
_pdbx_poly_seq_scheme.mon_id 
_pdbx_poly_seq_scheme.ndb_seq_num 
_pdbx_poly_seq_scheme.pdb_seq_num 
_pdbx_poly_seq_scheme.auth_seq_num 
_pdbx_poly_seq_scheme.pdb_mon_id 
_pdbx_poly_seq_scheme.auth_mon_id 
_pdbx_poly_seq_scheme.pdb_strand_id 
_pdbx_poly_seq_scheme.pdb_ins_code 
_pdbx_poly_seq_scheme.hetero 
A 1 1   MET 1   0   0   MET MET A . n 
A 1 2   VAL 2   1   1   VAL VAL A . n 
A 1 3   ASN 3   2   2   ASN ASN A . n 
A 1 4   TRP 4   3   3   TRP TRP A . n 
A 1 5   ALA 5   4   4   ALA ALA A . n 
A 1 6   ALA 6   5   5   ALA ALA A . n 
A 1 7   VAL 7   6   6   VAL VAL A . n 
A 1 8   VAL 8   7   7   VAL VAL A . n 
A 1 9   ASP 9   8   8   ASP ASP A . n 
A 1 10  ASP 10  9   9   ASP ASP A . n 
A 1 11  PHE 11  10  10  PHE PHE A . n 
A 1 12  TYR 12  11  11  TYR TYR A . n 
A 1 13  GLN 13  12  12  GLN GLN A . n 
A 1 14  GLU 14  13  13  GLU GLU A . n 
A 1 15  LEU 15  14  14  LEU LEU A . n 
A 1 16  PHE 16  15  15  PHE PHE A . n 
A 1 17  LYS 17  16  16  LYS LYS A . n 
A 1 18  ALA 18  17  17  ALA ALA A . n 
A 1 19  HIS 19  18  18  HIS HIS A . n 
A 1 20  PRO 20  19  19  PRO PRO A . n 
A 1 21  GLU 21  20  20  GLU GLU A . n 
A 1 22  TYR 22  21  21  TYR TYR A . n 
A 1 23  GLN 23  22  22  GLN GLN A . n 
A 1 24  ASN 24  23  23  ASN ASN A . n 
A 1 25  LYS 25  24  24  LYS LYS A . n 
A 1 26  PHE 26  25  25  PHE PHE A . n 
A 1 27  GLY 27  26  26  GLY GLY A . n 
A 1 28  PHE 28  27  27  PHE PHE A . n 
A 1 29  LYS 29  28  28  LYS LYS A . n 
A 1 30  GLY 30  29  29  GLY GLY A . n 
A 1 31  VAL 31  30  30  VAL VAL A . n 
A 1 32  ALA 32  31  31  ALA ALA A . n 
A 1 33  LEU 33  32  32  LEU LEU A . n 
A 1 34  GLY 34  33  33  GLY GLY A . n 
A 1 35  SER 35  34  34  SER SER A . n 
A 1 36  LEU 36  35  35  LEU LEU A . n 
A 1 37  LYS 37  36  36  LYS LYS A . n 
A 1 38  GLY 38  37  37  GLY GLY A . n 
A 1 39  ASN 39  38  38  ASN ASN A . n 
A 1 40  ALA 40  39  39  ALA ALA A . n 
A 1 41  ALA 41  40  40  ALA ALA A . n 
A 1 42  TYR 42  41  41  TYR TYR A . n 
A 1 43  LYS 43  42  42  LYS LYS A . n 
A 1 44  THR 44  43  43  THR THR A . n 
A 1 45  GLN 45  44  44  GLN GLN A . n 
A 1 46  ALA 46  45  45  ALA ALA A . n 
A 1 47  GLY 47  46  46  GLY GLY A . n 
A 1 48  LYS 48  47  47  LYS LYS A . n 
A 1 49  THR 49  48  48  THR THR A . n 
A 1 50  VAL 50  49  49  VAL VAL A . n 
A 1 51  ASP 51  50  50  ASP ASP A . n 
A 1 52  TYR 52  51  51  TYR TYR A . n 
A 1 53  ILE 53  52  52  ILE ILE A . n 
A 1 54  ASN 54  53  53  ASN ASN A . n 
A 1 55  ALA 55  54  54  ALA ALA A . n 
A 1 56  ALA 56  55  55  ALA ALA A . n 
A 1 57  ILE 57  56  56  ILE ILE A . n 
A 1 58  GLY 58  57  57  GLY GLY A . n 
A 1 59  GLY 59  58  58  GLY GLY A . n 
A 1 60  SER 60  59  59  SER SER A . n 
A 1 61  ALA 61  60  60  ALA ALA A . n 
A 1 62  ASP 62  61  61  ASP ASP A . n 
A 1 63  ALA 63  62  62  ALA ALA A . n 
A 1 64  ALA 64  63  63  ALA ALA A . n 
A 1 65  GLY 65  64  64  GLY GLY A . n 
A 1 66  LEU 66  65  65  LEU LEU A . n 
A 1 67  ALA 67  66  66  ALA ALA A . n 
A 1 68  SER 68  67  67  SER SER A . n 
A 1 69  ARG 69  68  68  ARG ARG A . n 
A 1 70  HIS 70  69  69  HIS HIS A . n 
A 1 71  LYS 71  70  70  LYS LYS A . n 
A 1 72  GLY 72  71  71  GLY GLY A . n 
A 1 73  ARG 73  72  72  ARG ARG A . n 
A 1 74  ASN 74  73  73  ASN ASN A . n 
A 1 75  VAL 75  74  74  VAL VAL A . n 
A 1 76  GLY 76  75  75  GLY GLY A . n 
A 1 77  SER 77  76  76  SER SER A . n 
A 1 78  ALA 78  77  77  ALA ALA A . n 
A 1 79  GLU 79  78  78  GLU GLU A . n 
A 1 80  PHE 80  79  79  PHE PHE A . n 
A 1 81  HIS 81  80  80  HIS HIS A . n 
A 1 82  ASN 82  81  81  ASN ASN A . n 
A 1 83  ALA 83  82  82  ALA ALA A . n 
A 1 84  LYS 84  83  83  LYS LYS A . n 
A 1 85  ALA 85  84  84  ALA ALA A . n 
A 1 86  CYS 86  85  85  CYS CYS A . n 
A 1 87  ALA 87  86  86  ALA ALA A . n 
A 1 88  ALA 88  87  87  ALA ALA A . n 
A 1 89  LYS 89  88  88  LYS LYS A . n 
A 1 90  ALA 90  89  89  ALA ALA A . n 
A 1 91  CYS 91  90  90  CYS CYS A . n 
A 1 92  SER 92  91  91  SER SER A . n 
A 1 93  ALA 93  92  92  ALA ALA A . n 
A 1 94  HIS 94  93  93  HIS HIS A . n 
A 1 95  GLY 95  94  94  GLY GLY A . n 
A 1 96  ALA 96  95  95  ALA ALA A . n 
A 1 97  PRO 97  96  96  PRO PRO A . n 
A 1 98  ASP 98  97  97  ASP ASP A . n 
A 1 99  LEU 99  98  98  LEU LEU A . n 
A 1 100 GLY 100 99  99  GLY GLY A . n 
A 1 101 HIS 101 100 100 HIS HIS A . n 
A 1 102 ALA 102 101 101 ALA ALA A . n 
A 1 103 ILE 103 102 102 ILE ILE A . n 
A 1 104 ASP 104 103 103 ASP ASP A . n 
A 1 105 ASP 105 104 104 ASP ASP A . n 
A 1 106 ILE 106 105 105 ILE ILE A . n 
A 1 107 LEU 107 106 106 LEU LEU A . n 
A 1 108 SER 108 107 107 SER SER A . n 
A 1 109 HIS 109 108 108 HIS HIS A . n 
A 1 110 LEU 110 109 109 LEU LEU A . n 
# 
loop_
_pdbx_nonpoly_scheme.asym_id 
_pdbx_nonpoly_scheme.entity_id 
_pdbx_nonpoly_scheme.mon_id 
_pdbx_nonpoly_scheme.ndb_seq_num 
_pdbx_nonpoly_scheme.pdb_seq_num 
_pdbx_nonpoly_scheme.auth_seq_num 
_pdbx_nonpoly_scheme.pdb_mon_id 
_pdbx_nonpoly_scheme.auth_mon_id 
_pdbx_nonpoly_scheme.pdb_strand_id 
_pdbx_nonpoly_scheme.pdb_ins_code 
B 2 HEM 1  1110 1110 HEM HEM A . 
C 3 OXY 1  1111 1111 OXY OXY A . 
D 4 SO4 1  1112 1112 SO4 SO4 A . 
E 5 XE  1  1113 1113 XE  XE  A . 
F 5 XE  1  1114 1114 XE  XE  A . 
G 6 HOH 1  2001 2001 HOH HOH A . 
G 6 HOH 2  2002 2002 HOH HOH A . 
G 6 HOH 3  2003 2003 HOH HOH A . 
G 6 HOH 4  2004 2004 HOH HOH A . 
G 6 HOH 5  2005 2005 HOH HOH A . 
G 6 HOH 6  2006 2006 HOH HOH A . 
G 6 HOH 7  2007 2007 HOH HOH A . 
G 6 HOH 8  2008 2008 HOH HOH A . 
G 6 HOH 9  2009 2009 HOH HOH A . 
G 6 HOH 10 2010 2010 HOH HOH A . 
G 6 HOH 11 2011 2011 HOH HOH A . 
G 6 HOH 12 2012 2012 HOH HOH A . 
G 6 HOH 13 2013 2013 HOH HOH A . 
G 6 HOH 14 2014 2014 HOH HOH A . 
G 6 HOH 15 2015 2015 HOH HOH A . 
G 6 HOH 16 2016 2016 HOH HOH A . 
G 6 HOH 17 2017 2017 HOH HOH A . 
G 6 HOH 18 2018 2018 HOH HOH A . 
G 6 HOH 19 2019 2019 HOH HOH A . 
G 6 HOH 20 2020 2020 HOH HOH A . 
G 6 HOH 21 2021 2021 HOH HOH A . 
G 6 HOH 22 2022 2022 HOH HOH A . 
G 6 HOH 23 2023 2023 HOH HOH A . 
G 6 HOH 24 2024 2024 HOH HOH A . 
G 6 HOH 25 2025 2025 HOH HOH A . 
G 6 HOH 26 2026 2026 HOH HOH A . 
G 6 HOH 27 2027 2027 HOH HOH A . 
G 6 HOH 28 2028 2028 HOH HOH A . 
G 6 HOH 29 2029 2029 HOH HOH A . 
G 6 HOH 30 2030 2030 HOH HOH A . 
G 6 HOH 31 2031 2031 HOH HOH A . 
G 6 HOH 32 2032 2032 HOH HOH A . 
G 6 HOH 33 2033 2033 HOH HOH A . 
G 6 HOH 34 2034 2034 HOH HOH A . 
G 6 HOH 35 2035 2035 HOH HOH A . 
G 6 HOH 36 2036 2036 HOH HOH A . 
G 6 HOH 37 2037 2037 HOH HOH A . 
G 6 HOH 38 2038 2038 HOH HOH A . 
G 6 HOH 39 2039 2039 HOH HOH A . 
G 6 HOH 40 2040 2040 HOH HOH A . 
G 6 HOH 41 2041 2041 HOH HOH A . 
G 6 HOH 42 2042 2042 HOH HOH A . 
G 6 HOH 43 2043 2043 HOH HOH A . 
G 6 HOH 44 2044 2044 HOH HOH A . 
G 6 HOH 45 2045 2045 HOH HOH A . 
G 6 HOH 46 2046 2046 HOH HOH A . 
G 6 HOH 47 2047 2047 HOH HOH A . 
G 6 HOH 48 2048 2048 HOH HOH A . 
G 6 HOH 49 2049 2049 HOH HOH A . 
G 6 HOH 50 2050 2050 HOH HOH A . 
G 6 HOH 51 2051 2051 HOH HOH A . 
G 6 HOH 52 2052 2052 HOH HOH A . 
G 6 HOH 53 2053 2053 HOH HOH A . 
G 6 HOH 54 2054 2054 HOH HOH A . 
G 6 HOH 55 2055 2055 HOH HOH A . 
G 6 HOH 56 2056 2056 HOH HOH A . 
G 6 HOH 57 2057 2057 HOH HOH A . 
G 6 HOH 58 2058 2058 HOH HOH A . 
G 6 HOH 59 2059 2059 HOH HOH A . 
G 6 HOH 60 2060 2060 HOH HOH A . 
G 6 HOH 61 2061 2061 HOH HOH A . 
# 
_pdbx_struct_assembly.id                   1 
_pdbx_struct_assembly.details              author_and_software_defined_assembly 
_pdbx_struct_assembly.method_details       PISA 
_pdbx_struct_assembly.oligomeric_details   monomeric 
_pdbx_struct_assembly.oligomeric_count     1 
# 
_pdbx_struct_assembly_gen.assembly_id       1 
_pdbx_struct_assembly_gen.oper_expression   1 
_pdbx_struct_assembly_gen.asym_id_list      A,B,C,D,E,F,G 
# 
_pdbx_struct_oper_list.id                   1 
_pdbx_struct_oper_list.type                 'identity operation' 
_pdbx_struct_oper_list.name                 1_555 
_pdbx_struct_oper_list.symmetry_operation   x,y,z 
_pdbx_struct_oper_list.matrix[1][1]         1.0000000000 
_pdbx_struct_oper_list.matrix[1][2]         0.0000000000 
_pdbx_struct_oper_list.matrix[1][3]         0.0000000000 
_pdbx_struct_oper_list.vector[1]            0.0000000000 
_pdbx_struct_oper_list.matrix[2][1]         0.0000000000 
_pdbx_struct_oper_list.matrix[2][2]         1.0000000000 
_pdbx_struct_oper_list.matrix[2][3]         0.0000000000 
_pdbx_struct_oper_list.vector[2]            0.0000000000 
_pdbx_struct_oper_list.matrix[3][1]         0.0000000000 
_pdbx_struct_oper_list.matrix[3][2]         0.0000000000 
_pdbx_struct_oper_list.matrix[3][3]         1.0000000000 
_pdbx_struct_oper_list.vector[3]            0.0000000000 
# 
loop_
_pdbx_struct_conn_angle.id 
_pdbx_struct_conn_angle.ptnr1_label_atom_id 
_pdbx_struct_conn_angle.ptnr1_label_alt_id 
_pdbx_struct_conn_angle.ptnr1_label_asym_id 
_pdbx_struct_conn_angle.ptnr1_label_comp_id 
_pdbx_struct_conn_angle.ptnr1_label_seq_id 
_pdbx_struct_conn_angle.ptnr1_auth_atom_id 
_pdbx_struct_conn_angle.ptnr1_auth_asym_id 
_pdbx_struct_conn_angle.ptnr1_auth_comp_id 
_pdbx_struct_conn_angle.ptnr1_auth_seq_id 
_pdbx_struct_conn_angle.ptnr1_PDB_ins_code 
_pdbx_struct_conn_angle.ptnr1_symmetry 
_pdbx_struct_conn_angle.ptnr2_label_atom_id 
_pdbx_struct_conn_angle.ptnr2_label_alt_id 
_pdbx_struct_conn_angle.ptnr2_label_asym_id 
_pdbx_struct_conn_angle.ptnr2_label_comp_id 
_pdbx_struct_conn_angle.ptnr2_label_seq_id 
_pdbx_struct_conn_angle.ptnr2_auth_atom_id 
_pdbx_struct_conn_angle.ptnr2_auth_asym_id 
_pdbx_struct_conn_angle.ptnr2_auth_comp_id 
_pdbx_struct_conn_angle.ptnr2_auth_seq_id 
_pdbx_struct_conn_angle.ptnr2_PDB_ins_code 
_pdbx_struct_conn_angle.ptnr2_symmetry 
_pdbx_struct_conn_angle.ptnr3_label_atom_id 
_pdbx_struct_conn_angle.ptnr3_label_alt_id 
_pdbx_struct_conn_angle.ptnr3_label_asym_id 
_pdbx_struct_conn_angle.ptnr3_label_comp_id 
_pdbx_struct_conn_angle.ptnr3_label_seq_id 
_pdbx_struct_conn_angle.ptnr3_auth_atom_id 
_pdbx_struct_conn_angle.ptnr3_auth_asym_id 
_pdbx_struct_conn_angle.ptnr3_auth_comp_id 
_pdbx_struct_conn_angle.ptnr3_auth_seq_id 
_pdbx_struct_conn_angle.ptnr3_PDB_ins_code 
_pdbx_struct_conn_angle.ptnr3_symmetry 
_pdbx_struct_conn_angle.value 
_pdbx_struct_conn_angle.value_esd 
1  NE2 ? A HIS 70 ? A HIS 69   ? 1_555 FE ? B HEM . ? A HEM 1110 ? 1_555 NA ? B HEM . ? A HEM 1110 ? 1_555 90.3  ? 
2  NE2 ? A HIS 70 ? A HIS 69   ? 1_555 FE ? B HEM . ? A HEM 1110 ? 1_555 NB ? B HEM . ? A HEM 1110 ? 1_555 101.8 ? 
3  NA  ? B HEM .  ? A HEM 1110 ? 1_555 FE ? B HEM . ? A HEM 1110 ? 1_555 NB ? B HEM . ? A HEM 1110 ? 1_555 87.5  ? 
4  NE2 ? A HIS 70 ? A HIS 69   ? 1_555 FE ? B HEM . ? A HEM 1110 ? 1_555 NC ? B HEM . ? A HEM 1110 ? 1_555 93.0  ? 
5  NA  ? B HEM .  ? A HEM 1110 ? 1_555 FE ? B HEM . ? A HEM 1110 ? 1_555 NC ? B HEM . ? A HEM 1110 ? 1_555 174.4 ? 
6  NB  ? B HEM .  ? A HEM 1110 ? 1_555 FE ? B HEM . ? A HEM 1110 ? 1_555 NC ? B HEM . ? A HEM 1110 ? 1_555 96.2  ? 
7  NE2 ? A HIS 70 ? A HIS 69   ? 1_555 FE ? B HEM . ? A HEM 1110 ? 1_555 ND ? B HEM . ? A HEM 1110 ? 1_555 81.2  ? 
8  NA  ? B HEM .  ? A HEM 1110 ? 1_555 FE ? B HEM . ? A HEM 1110 ? 1_555 ND ? B HEM . ? A HEM 1110 ? 1_555 83.1  ? 
9  NB  ? B HEM .  ? A HEM 1110 ? 1_555 FE ? B HEM . ? A HEM 1110 ? 1_555 ND ? B HEM . ? A HEM 1110 ? 1_555 170.1 ? 
10 NC  ? B HEM .  ? A HEM 1110 ? 1_555 FE ? B HEM . ? A HEM 1110 ? 1_555 ND ? B HEM . ? A HEM 1110 ? 1_555 93.0  ? 
11 NE2 ? A HIS 70 ? A HIS 69   ? 1_555 FE ? B HEM . ? A HEM 1110 ? 1_555 O2 ? C OXY . ? A OXY 1111 ? 1_555 168.2 ? 
12 NA  ? B HEM .  ? A HEM 1110 ? 1_555 FE ? B HEM . ? A HEM 1110 ? 1_555 O2 ? C OXY . ? A OXY 1111 ? 1_555 77.9  ? 
13 NB  ? B HEM .  ? A HEM 1110 ? 1_555 FE ? B HEM . ? A HEM 1110 ? 1_555 O2 ? C OXY . ? A OXY 1111 ? 1_555 79.0  ? 
14 NC  ? B HEM .  ? A HEM 1110 ? 1_555 FE ? B HEM . ? A HEM 1110 ? 1_555 O2 ? C OXY . ? A OXY 1111 ? 1_555 98.6  ? 
15 ND  ? B HEM .  ? A HEM 1110 ? 1_555 FE ? B HEM . ? A HEM 1110 ? 1_555 O2 ? C OXY . ? A OXY 1111 ? 1_555 96.2  ? 
16 NE2 ? A HIS 70 ? A HIS 69   ? 1_555 FE ? B HEM . ? A HEM 1110 ? 1_555 O1 ? C OXY . ? A OXY 1111 ? 1_555 152.0 ? 
17 NA  ? B HEM .  ? A HEM 1110 ? 1_555 FE ? B HEM . ? A HEM 1110 ? 1_555 O1 ? C OXY . ? A OXY 1111 ? 1_555 86.5  ? 
18 NB  ? B HEM .  ? A HEM 1110 ? 1_555 FE ? B HEM . ? A HEM 1110 ? 1_555 O1 ? C OXY . ? A OXY 1111 ? 1_555 105.9 ? 
19 NC  ? B HEM .  ? A HEM 1110 ? 1_555 FE ? B HEM . ? A HEM 1110 ? 1_555 O1 ? C OXY . ? A OXY 1111 ? 1_555 88.4  ? 
20 ND  ? B HEM .  ? A HEM 1110 ? 1_555 FE ? B HEM . ? A HEM 1110 ? 1_555 O1 ? C OXY . ? A OXY 1111 ? 1_555 70.8  ? 
21 O2  ? C OXY .  ? A OXY 1111 ? 1_555 FE ? B HEM . ? A HEM 1110 ? 1_555 O1 ? C OXY . ? A OXY 1111 ? 1_555 27.9  ? 
# 
loop_
_pdbx_audit_revision_history.ordinal 
_pdbx_audit_revision_history.data_content_type 
_pdbx_audit_revision_history.major_revision 
_pdbx_audit_revision_history.minor_revision 
_pdbx_audit_revision_history.revision_date 
1 'Structure model' 1 0 2010-12-08 
2 'Structure model' 1 1 2011-07-07 
3 'Structure model' 1 2 2011-07-13 
4 'Structure model' 1 3 2019-05-15 
5 'Structure model' 1 4 2023-12-20 
# 
_pdbx_audit_revision_details.ordinal             1 
_pdbx_audit_revision_details.revision_ordinal    1 
_pdbx_audit_revision_details.data_content_type   'Structure model' 
_pdbx_audit_revision_details.provider            repository 
_pdbx_audit_revision_details.type                'Initial release' 
_pdbx_audit_revision_details.description         ? 
_pdbx_audit_revision_details.details             ? 
# 
loop_
_pdbx_audit_revision_group.ordinal 
_pdbx_audit_revision_group.revision_ordinal 
_pdbx_audit_revision_group.data_content_type 
_pdbx_audit_revision_group.group 
1  2 'Structure model' 'Version format compliance' 
2  3 'Structure model' 'Version format compliance' 
3  4 'Structure model' 'Data collection'           
4  4 'Structure model' 'Experimental preparation'  
5  4 'Structure model' Other                       
6  5 'Structure model' 'Data collection'           
7  5 'Structure model' 'Database references'       
8  5 'Structure model' 'Derived calculations'      
9  5 'Structure model' Other                       
10 5 'Structure model' 'Refinement description'    
# 
loop_
_pdbx_audit_revision_category.ordinal 
_pdbx_audit_revision_category.revision_ordinal 
_pdbx_audit_revision_category.data_content_type 
_pdbx_audit_revision_category.category 
1 4 'Structure model' exptl_crystal_grow            
2 4 'Structure model' pdbx_database_proc            
3 4 'Structure model' pdbx_database_status          
4 5 'Structure model' chem_comp_atom                
5 5 'Structure model' chem_comp_bond                
6 5 'Structure model' database_2                    
7 5 'Structure model' pdbx_database_status          
8 5 'Structure model' pdbx_initial_refinement_model 
9 5 'Structure model' struct_site                   
# 
loop_
_pdbx_audit_revision_item.ordinal 
_pdbx_audit_revision_item.revision_ordinal 
_pdbx_audit_revision_item.data_content_type 
_pdbx_audit_revision_item.item 
1 4 'Structure model' '_exptl_crystal_grow.temp'                    
2 4 'Structure model' '_pdbx_database_status.recvd_author_approval' 
3 5 'Structure model' '_database_2.pdbx_DOI'                        
4 5 'Structure model' '_database_2.pdbx_database_accession'         
5 5 'Structure model' '_pdbx_database_status.status_code_sf'        
6 5 'Structure model' '_struct_site.pdbx_auth_asym_id'              
7 5 'Structure model' '_struct_site.pdbx_auth_comp_id'              
8 5 'Structure model' '_struct_site.pdbx_auth_seq_id'               
# 
loop_
_software.name 
_software.classification 
_software.version 
_software.citation_id 
_software.pdbx_ordinal 
REFMAC refinement       5.5.0072 ? 1 
MOSFLM 'data reduction' .        ? 2 
SCALA  'data scaling'   .        ? 3 
MOLREP phasing          .        ? 4 
# 
_pdbx_entry_details.entry_id                 2XKH 
_pdbx_entry_details.compound_details         'ENGINEERED RESIDUE IN CHAIN A, LEU 87 TO ALA' 
_pdbx_entry_details.source_details           ? 
_pdbx_entry_details.nonpolymer_details       ? 
_pdbx_entry_details.sequence_details         'UNP LEU87 HAS BEEN MUTATED TO ALA (RESIDUE 86 IN COORDINATES)' 
_pdbx_entry_details.has_ligand_of_interest   ? 
# 
_pdbx_validate_rmsd_bond.id                        1 
_pdbx_validate_rmsd_bond.PDB_model_num             1 
_pdbx_validate_rmsd_bond.auth_atom_id_1            CE2 
_pdbx_validate_rmsd_bond.auth_asym_id_1            A 
_pdbx_validate_rmsd_bond.auth_comp_id_1            TYR 
_pdbx_validate_rmsd_bond.auth_seq_id_1             11 
_pdbx_validate_rmsd_bond.PDB_ins_code_1            ? 
_pdbx_validate_rmsd_bond.label_alt_id_1            ? 
_pdbx_validate_rmsd_bond.auth_atom_id_2            CD2 
_pdbx_validate_rmsd_bond.auth_asym_id_2            A 
_pdbx_validate_rmsd_bond.auth_comp_id_2            TYR 
_pdbx_validate_rmsd_bond.auth_seq_id_2             11 
_pdbx_validate_rmsd_bond.PDB_ins_code_2            ? 
_pdbx_validate_rmsd_bond.label_alt_id_2            ? 
_pdbx_validate_rmsd_bond.bond_value                1.270 
_pdbx_validate_rmsd_bond.bond_target_value         1.389 
_pdbx_validate_rmsd_bond.bond_deviation            -0.119 
_pdbx_validate_rmsd_bond.bond_standard_deviation   0.015 
_pdbx_validate_rmsd_bond.linker_flag               N 
# 
loop_
_chem_comp_atom.comp_id 
_chem_comp_atom.atom_id 
_chem_comp_atom.type_symbol 
_chem_comp_atom.pdbx_aromatic_flag 
_chem_comp_atom.pdbx_stereo_config 
_chem_comp_atom.pdbx_ordinal 
ALA N    N  N N 1   
ALA CA   C  N S 2   
ALA C    C  N N 3   
ALA O    O  N N 4   
ALA CB   C  N N 5   
ALA OXT  O  N N 6   
ALA H    H  N N 7   
ALA H2   H  N N 8   
ALA HA   H  N N 9   
ALA HB1  H  N N 10  
ALA HB2  H  N N 11  
ALA HB3  H  N N 12  
ALA HXT  H  N N 13  
ARG N    N  N N 14  
ARG CA   C  N S 15  
ARG C    C  N N 16  
ARG O    O  N N 17  
ARG CB   C  N N 18  
ARG CG   C  N N 19  
ARG CD   C  N N 20  
ARG NE   N  N N 21  
ARG CZ   C  N N 22  
ARG NH1  N  N N 23  
ARG NH2  N  N N 24  
ARG OXT  O  N N 25  
ARG H    H  N N 26  
ARG H2   H  N N 27  
ARG HA   H  N N 28  
ARG HB2  H  N N 29  
ARG HB3  H  N N 30  
ARG HG2  H  N N 31  
ARG HG3  H  N N 32  
ARG HD2  H  N N 33  
ARG HD3  H  N N 34  
ARG HE   H  N N 35  
ARG HH11 H  N N 36  
ARG HH12 H  N N 37  
ARG HH21 H  N N 38  
ARG HH22 H  N N 39  
ARG HXT  H  N N 40  
ASN N    N  N N 41  
ASN CA   C  N S 42  
ASN C    C  N N 43  
ASN O    O  N N 44  
ASN CB   C  N N 45  
ASN CG   C  N N 46  
ASN OD1  O  N N 47  
ASN ND2  N  N N 48  
ASN OXT  O  N N 49  
ASN H    H  N N 50  
ASN H2   H  N N 51  
ASN HA   H  N N 52  
ASN HB2  H  N N 53  
ASN HB3  H  N N 54  
ASN HD21 H  N N 55  
ASN HD22 H  N N 56  
ASN HXT  H  N N 57  
ASP N    N  N N 58  
ASP CA   C  N S 59  
ASP C    C  N N 60  
ASP O    O  N N 61  
ASP CB   C  N N 62  
ASP CG   C  N N 63  
ASP OD1  O  N N 64  
ASP OD2  O  N N 65  
ASP OXT  O  N N 66  
ASP H    H  N N 67  
ASP H2   H  N N 68  
ASP HA   H  N N 69  
ASP HB2  H  N N 70  
ASP HB3  H  N N 71  
ASP HD2  H  N N 72  
ASP HXT  H  N N 73  
CYS N    N  N N 74  
CYS CA   C  N R 75  
CYS C    C  N N 76  
CYS O    O  N N 77  
CYS CB   C  N N 78  
CYS SG   S  N N 79  
CYS OXT  O  N N 80  
CYS H    H  N N 81  
CYS H2   H  N N 82  
CYS HA   H  N N 83  
CYS HB2  H  N N 84  
CYS HB3  H  N N 85  
CYS HG   H  N N 86  
CYS HXT  H  N N 87  
GLN N    N  N N 88  
GLN CA   C  N S 89  
GLN C    C  N N 90  
GLN O    O  N N 91  
GLN CB   C  N N 92  
GLN CG   C  N N 93  
GLN CD   C  N N 94  
GLN OE1  O  N N 95  
GLN NE2  N  N N 96  
GLN OXT  O  N N 97  
GLN H    H  N N 98  
GLN H2   H  N N 99  
GLN HA   H  N N 100 
GLN HB2  H  N N 101 
GLN HB3  H  N N 102 
GLN HG2  H  N N 103 
GLN HG3  H  N N 104 
GLN HE21 H  N N 105 
GLN HE22 H  N N 106 
GLN HXT  H  N N 107 
GLU N    N  N N 108 
GLU CA   C  N S 109 
GLU C    C  N N 110 
GLU O    O  N N 111 
GLU CB   C  N N 112 
GLU CG   C  N N 113 
GLU CD   C  N N 114 
GLU OE1  O  N N 115 
GLU OE2  O  N N 116 
GLU OXT  O  N N 117 
GLU H    H  N N 118 
GLU H2   H  N N 119 
GLU HA   H  N N 120 
GLU HB2  H  N N 121 
GLU HB3  H  N N 122 
GLU HG2  H  N N 123 
GLU HG3  H  N N 124 
GLU HE2  H  N N 125 
GLU HXT  H  N N 126 
GLY N    N  N N 127 
GLY CA   C  N N 128 
GLY C    C  N N 129 
GLY O    O  N N 130 
GLY OXT  O  N N 131 
GLY H    H  N N 132 
GLY H2   H  N N 133 
GLY HA2  H  N N 134 
GLY HA3  H  N N 135 
GLY HXT  H  N N 136 
HEM CHA  C  N N 137 
HEM CHB  C  N N 138 
HEM CHC  C  N N 139 
HEM CHD  C  N N 140 
HEM C1A  C  Y N 141 
HEM C2A  C  Y N 142 
HEM C3A  C  Y N 143 
HEM C4A  C  Y N 144 
HEM CMA  C  N N 145 
HEM CAA  C  N N 146 
HEM CBA  C  N N 147 
HEM CGA  C  N N 148 
HEM O1A  O  N N 149 
HEM O2A  O  N N 150 
HEM C1B  C  N N 151 
HEM C2B  C  N N 152 
HEM C3B  C  N N 153 
HEM C4B  C  N N 154 
HEM CMB  C  N N 155 
HEM CAB  C  N N 156 
HEM CBB  C  N N 157 
HEM C1C  C  Y N 158 
HEM C2C  C  Y N 159 
HEM C3C  C  Y N 160 
HEM C4C  C  Y N 161 
HEM CMC  C  N N 162 
HEM CAC  C  N N 163 
HEM CBC  C  N N 164 
HEM C1D  C  N N 165 
HEM C2D  C  N N 166 
HEM C3D  C  N N 167 
HEM C4D  C  N N 168 
HEM CMD  C  N N 169 
HEM CAD  C  N N 170 
HEM CBD  C  N N 171 
HEM CGD  C  N N 172 
HEM O1D  O  N N 173 
HEM O2D  O  N N 174 
HEM NA   N  Y N 175 
HEM NB   N  N N 176 
HEM NC   N  Y N 177 
HEM ND   N  N N 178 
HEM FE   FE N N 179 
HEM HHB  H  N N 180 
HEM HHC  H  N N 181 
HEM HHD  H  N N 182 
HEM HMA  H  N N 183 
HEM HMAA H  N N 184 
HEM HMAB H  N N 185 
HEM HAA  H  N N 186 
HEM HAAA H  N N 187 
HEM HBA  H  N N 188 
HEM HBAA H  N N 189 
HEM HMB  H  N N 190 
HEM HMBA H  N N 191 
HEM HMBB H  N N 192 
HEM HAB  H  N N 193 
HEM HBB  H  N N 194 
HEM HBBA H  N N 195 
HEM HMC  H  N N 196 
HEM HMCA H  N N 197 
HEM HMCB H  N N 198 
HEM HAC  H  N N 199 
HEM HBC  H  N N 200 
HEM HBCA H  N N 201 
HEM HMD  H  N N 202 
HEM HMDA H  N N 203 
HEM HMDB H  N N 204 
HEM HAD  H  N N 205 
HEM HADA H  N N 206 
HEM HBD  H  N N 207 
HEM HBDA H  N N 208 
HEM H2A  H  N N 209 
HEM H2D  H  N N 210 
HEM HHA  H  N N 211 
HIS N    N  N N 212 
HIS CA   C  N S 213 
HIS C    C  N N 214 
HIS O    O  N N 215 
HIS CB   C  N N 216 
HIS CG   C  Y N 217 
HIS ND1  N  Y N 218 
HIS CD2  C  Y N 219 
HIS CE1  C  Y N 220 
HIS NE2  N  Y N 221 
HIS OXT  O  N N 222 
HIS H    H  N N 223 
HIS H2   H  N N 224 
HIS HA   H  N N 225 
HIS HB2  H  N N 226 
HIS HB3  H  N N 227 
HIS HD1  H  N N 228 
HIS HD2  H  N N 229 
HIS HE1  H  N N 230 
HIS HE2  H  N N 231 
HIS HXT  H  N N 232 
HOH O    O  N N 233 
HOH H1   H  N N 234 
HOH H2   H  N N 235 
ILE N    N  N N 236 
ILE CA   C  N S 237 
ILE C    C  N N 238 
ILE O    O  N N 239 
ILE CB   C  N S 240 
ILE CG1  C  N N 241 
ILE CG2  C  N N 242 
ILE CD1  C  N N 243 
ILE OXT  O  N N 244 
ILE H    H  N N 245 
ILE H2   H  N N 246 
ILE HA   H  N N 247 
ILE HB   H  N N 248 
ILE HG12 H  N N 249 
ILE HG13 H  N N 250 
ILE HG21 H  N N 251 
ILE HG22 H  N N 252 
ILE HG23 H  N N 253 
ILE HD11 H  N N 254 
ILE HD12 H  N N 255 
ILE HD13 H  N N 256 
ILE HXT  H  N N 257 
LEU N    N  N N 258 
LEU CA   C  N S 259 
LEU C    C  N N 260 
LEU O    O  N N 261 
LEU CB   C  N N 262 
LEU CG   C  N N 263 
LEU CD1  C  N N 264 
LEU CD2  C  N N 265 
LEU OXT  O  N N 266 
LEU H    H  N N 267 
LEU H2   H  N N 268 
LEU HA   H  N N 269 
LEU HB2  H  N N 270 
LEU HB3  H  N N 271 
LEU HG   H  N N 272 
LEU HD11 H  N N 273 
LEU HD12 H  N N 274 
LEU HD13 H  N N 275 
LEU HD21 H  N N 276 
LEU HD22 H  N N 277 
LEU HD23 H  N N 278 
LEU HXT  H  N N 279 
LYS N    N  N N 280 
LYS CA   C  N S 281 
LYS C    C  N N 282 
LYS O    O  N N 283 
LYS CB   C  N N 284 
LYS CG   C  N N 285 
LYS CD   C  N N 286 
LYS CE   C  N N 287 
LYS NZ   N  N N 288 
LYS OXT  O  N N 289 
LYS H    H  N N 290 
LYS H2   H  N N 291 
LYS HA   H  N N 292 
LYS HB2  H  N N 293 
LYS HB3  H  N N 294 
LYS HG2  H  N N 295 
LYS HG3  H  N N 296 
LYS HD2  H  N N 297 
LYS HD3  H  N N 298 
LYS HE2  H  N N 299 
LYS HE3  H  N N 300 
LYS HZ1  H  N N 301 
LYS HZ2  H  N N 302 
LYS HZ3  H  N N 303 
LYS HXT  H  N N 304 
MET N    N  N N 305 
MET CA   C  N S 306 
MET C    C  N N 307 
MET O    O  N N 308 
MET CB   C  N N 309 
MET CG   C  N N 310 
MET SD   S  N N 311 
MET CE   C  N N 312 
MET OXT  O  N N 313 
MET H    H  N N 314 
MET H2   H  N N 315 
MET HA   H  N N 316 
MET HB2  H  N N 317 
MET HB3  H  N N 318 
MET HG2  H  N N 319 
MET HG3  H  N N 320 
MET HE1  H  N N 321 
MET HE2  H  N N 322 
MET HE3  H  N N 323 
MET HXT  H  N N 324 
OXY O1   O  N N 325 
OXY O2   O  N N 326 
PHE N    N  N N 327 
PHE CA   C  N S 328 
PHE C    C  N N 329 
PHE O    O  N N 330 
PHE CB   C  N N 331 
PHE CG   C  Y N 332 
PHE CD1  C  Y N 333 
PHE CD2  C  Y N 334 
PHE CE1  C  Y N 335 
PHE CE2  C  Y N 336 
PHE CZ   C  Y N 337 
PHE OXT  O  N N 338 
PHE H    H  N N 339 
PHE H2   H  N N 340 
PHE HA   H  N N 341 
PHE HB2  H  N N 342 
PHE HB3  H  N N 343 
PHE HD1  H  N N 344 
PHE HD2  H  N N 345 
PHE HE1  H  N N 346 
PHE HE2  H  N N 347 
PHE HZ   H  N N 348 
PHE HXT  H  N N 349 
PRO N    N  N N 350 
PRO CA   C  N S 351 
PRO C    C  N N 352 
PRO O    O  N N 353 
PRO CB   C  N N 354 
PRO CG   C  N N 355 
PRO CD   C  N N 356 
PRO OXT  O  N N 357 
PRO H    H  N N 358 
PRO HA   H  N N 359 
PRO HB2  H  N N 360 
PRO HB3  H  N N 361 
PRO HG2  H  N N 362 
PRO HG3  H  N N 363 
PRO HD2  H  N N 364 
PRO HD3  H  N N 365 
PRO HXT  H  N N 366 
SER N    N  N N 367 
SER CA   C  N S 368 
SER C    C  N N 369 
SER O    O  N N 370 
SER CB   C  N N 371 
SER OG   O  N N 372 
SER OXT  O  N N 373 
SER H    H  N N 374 
SER H2   H  N N 375 
SER HA   H  N N 376 
SER HB2  H  N N 377 
SER HB3  H  N N 378 
SER HG   H  N N 379 
SER HXT  H  N N 380 
SO4 S    S  N N 381 
SO4 O1   O  N N 382 
SO4 O2   O  N N 383 
SO4 O3   O  N N 384 
SO4 O4   O  N N 385 
THR N    N  N N 386 
THR CA   C  N S 387 
THR C    C  N N 388 
THR O    O  N N 389 
THR CB   C  N R 390 
THR OG1  O  N N 391 
THR CG2  C  N N 392 
THR OXT  O  N N 393 
THR H    H  N N 394 
THR H2   H  N N 395 
THR HA   H  N N 396 
THR HB   H  N N 397 
THR HG1  H  N N 398 
THR HG21 H  N N 399 
THR HG22 H  N N 400 
THR HG23 H  N N 401 
THR HXT  H  N N 402 
TRP N    N  N N 403 
TRP CA   C  N S 404 
TRP C    C  N N 405 
TRP O    O  N N 406 
TRP CB   C  N N 407 
TRP CG   C  Y N 408 
TRP CD1  C  Y N 409 
TRP CD2  C  Y N 410 
TRP NE1  N  Y N 411 
TRP CE2  C  Y N 412 
TRP CE3  C  Y N 413 
TRP CZ2  C  Y N 414 
TRP CZ3  C  Y N 415 
TRP CH2  C  Y N 416 
TRP OXT  O  N N 417 
TRP H    H  N N 418 
TRP H2   H  N N 419 
TRP HA   H  N N 420 
TRP HB2  H  N N 421 
TRP HB3  H  N N 422 
TRP HD1  H  N N 423 
TRP HE1  H  N N 424 
TRP HE3  H  N N 425 
TRP HZ2  H  N N 426 
TRP HZ3  H  N N 427 
TRP HH2  H  N N 428 
TRP HXT  H  N N 429 
TYR N    N  N N 430 
TYR CA   C  N S 431 
TYR C    C  N N 432 
TYR O    O  N N 433 
TYR CB   C  N N 434 
TYR CG   C  Y N 435 
TYR CD1  C  Y N 436 
TYR CD2  C  Y N 437 
TYR CE1  C  Y N 438 
TYR CE2  C  Y N 439 
TYR CZ   C  Y N 440 
TYR OH   O  N N 441 
TYR OXT  O  N N 442 
TYR H    H  N N 443 
TYR H2   H  N N 444 
TYR HA   H  N N 445 
TYR HB2  H  N N 446 
TYR HB3  H  N N 447 
TYR HD1  H  N N 448 
TYR HD2  H  N N 449 
TYR HE1  H  N N 450 
TYR HE2  H  N N 451 
TYR HH   H  N N 452 
TYR HXT  H  N N 453 
VAL N    N  N N 454 
VAL CA   C  N S 455 
VAL C    C  N N 456 
VAL O    O  N N 457 
VAL CB   C  N N 458 
VAL CG1  C  N N 459 
VAL CG2  C  N N 460 
VAL OXT  O  N N 461 
VAL H    H  N N 462 
VAL H2   H  N N 463 
VAL HA   H  N N 464 
VAL HB   H  N N 465 
VAL HG11 H  N N 466 
VAL HG12 H  N N 467 
VAL HG13 H  N N 468 
VAL HG21 H  N N 469 
VAL HG22 H  N N 470 
VAL HG23 H  N N 471 
VAL HXT  H  N N 472 
XE  XE   XE N N 473 
# 
loop_
_chem_comp_bond.comp_id 
_chem_comp_bond.atom_id_1 
_chem_comp_bond.atom_id_2 
_chem_comp_bond.value_order 
_chem_comp_bond.pdbx_aromatic_flag 
_chem_comp_bond.pdbx_stereo_config 
_chem_comp_bond.pdbx_ordinal 
ALA N   CA   sing N N 1   
ALA N   H    sing N N 2   
ALA N   H2   sing N N 3   
ALA CA  C    sing N N 4   
ALA CA  CB   sing N N 5   
ALA CA  HA   sing N N 6   
ALA C   O    doub N N 7   
ALA C   OXT  sing N N 8   
ALA CB  HB1  sing N N 9   
ALA CB  HB2  sing N N 10  
ALA CB  HB3  sing N N 11  
ALA OXT HXT  sing N N 12  
ARG N   CA   sing N N 13  
ARG N   H    sing N N 14  
ARG N   H2   sing N N 15  
ARG CA  C    sing N N 16  
ARG CA  CB   sing N N 17  
ARG CA  HA   sing N N 18  
ARG C   O    doub N N 19  
ARG C   OXT  sing N N 20  
ARG CB  CG   sing N N 21  
ARG CB  HB2  sing N N 22  
ARG CB  HB3  sing N N 23  
ARG CG  CD   sing N N 24  
ARG CG  HG2  sing N N 25  
ARG CG  HG3  sing N N 26  
ARG CD  NE   sing N N 27  
ARG CD  HD2  sing N N 28  
ARG CD  HD3  sing N N 29  
ARG NE  CZ   sing N N 30  
ARG NE  HE   sing N N 31  
ARG CZ  NH1  sing N N 32  
ARG CZ  NH2  doub N N 33  
ARG NH1 HH11 sing N N 34  
ARG NH1 HH12 sing N N 35  
ARG NH2 HH21 sing N N 36  
ARG NH2 HH22 sing N N 37  
ARG OXT HXT  sing N N 38  
ASN N   CA   sing N N 39  
ASN N   H    sing N N 40  
ASN N   H2   sing N N 41  
ASN CA  C    sing N N 42  
ASN CA  CB   sing N N 43  
ASN CA  HA   sing N N 44  
ASN C   O    doub N N 45  
ASN C   OXT  sing N N 46  
ASN CB  CG   sing N N 47  
ASN CB  HB2  sing N N 48  
ASN CB  HB3  sing N N 49  
ASN CG  OD1  doub N N 50  
ASN CG  ND2  sing N N 51  
ASN ND2 HD21 sing N N 52  
ASN ND2 HD22 sing N N 53  
ASN OXT HXT  sing N N 54  
ASP N   CA   sing N N 55  
ASP N   H    sing N N 56  
ASP N   H2   sing N N 57  
ASP CA  C    sing N N 58  
ASP CA  CB   sing N N 59  
ASP CA  HA   sing N N 60  
ASP C   O    doub N N 61  
ASP C   OXT  sing N N 62  
ASP CB  CG   sing N N 63  
ASP CB  HB2  sing N N 64  
ASP CB  HB3  sing N N 65  
ASP CG  OD1  doub N N 66  
ASP CG  OD2  sing N N 67  
ASP OD2 HD2  sing N N 68  
ASP OXT HXT  sing N N 69  
CYS N   CA   sing N N 70  
CYS N   H    sing N N 71  
CYS N   H2   sing N N 72  
CYS CA  C    sing N N 73  
CYS CA  CB   sing N N 74  
CYS CA  HA   sing N N 75  
CYS C   O    doub N N 76  
CYS C   OXT  sing N N 77  
CYS CB  SG   sing N N 78  
CYS CB  HB2  sing N N 79  
CYS CB  HB3  sing N N 80  
CYS SG  HG   sing N N 81  
CYS OXT HXT  sing N N 82  
GLN N   CA   sing N N 83  
GLN N   H    sing N N 84  
GLN N   H2   sing N N 85  
GLN CA  C    sing N N 86  
GLN CA  CB   sing N N 87  
GLN CA  HA   sing N N 88  
GLN C   O    doub N N 89  
GLN C   OXT  sing N N 90  
GLN CB  CG   sing N N 91  
GLN CB  HB2  sing N N 92  
GLN CB  HB3  sing N N 93  
GLN CG  CD   sing N N 94  
GLN CG  HG2  sing N N 95  
GLN CG  HG3  sing N N 96  
GLN CD  OE1  doub N N 97  
GLN CD  NE2  sing N N 98  
GLN NE2 HE21 sing N N 99  
GLN NE2 HE22 sing N N 100 
GLN OXT HXT  sing N N 101 
GLU N   CA   sing N N 102 
GLU N   H    sing N N 103 
GLU N   H2   sing N N 104 
GLU CA  C    sing N N 105 
GLU CA  CB   sing N N 106 
GLU CA  HA   sing N N 107 
GLU C   O    doub N N 108 
GLU C   OXT  sing N N 109 
GLU CB  CG   sing N N 110 
GLU CB  HB2  sing N N 111 
GLU CB  HB3  sing N N 112 
GLU CG  CD   sing N N 113 
GLU CG  HG2  sing N N 114 
GLU CG  HG3  sing N N 115 
GLU CD  OE1  doub N N 116 
GLU CD  OE2  sing N N 117 
GLU OE2 HE2  sing N N 118 
GLU OXT HXT  sing N N 119 
GLY N   CA   sing N N 120 
GLY N   H    sing N N 121 
GLY N   H2   sing N N 122 
GLY CA  C    sing N N 123 
GLY CA  HA2  sing N N 124 
GLY CA  HA3  sing N N 125 
GLY C   O    doub N N 126 
GLY C   OXT  sing N N 127 
GLY OXT HXT  sing N N 128 
HEM CHA C1A  sing N N 129 
HEM CHA C4D  doub N N 130 
HEM CHA HHA  sing N N 131 
HEM CHB C4A  sing N N 132 
HEM CHB C1B  doub N N 133 
HEM CHB HHB  sing N N 134 
HEM CHC C4B  sing N N 135 
HEM CHC C1C  doub N N 136 
HEM CHC HHC  sing N N 137 
HEM CHD C4C  doub N N 138 
HEM CHD C1D  sing N N 139 
HEM CHD HHD  sing N N 140 
HEM C1A C2A  doub Y N 141 
HEM C1A NA   sing Y N 142 
HEM C2A C3A  sing Y N 143 
HEM C2A CAA  sing N N 144 
HEM C3A C4A  doub Y N 145 
HEM C3A CMA  sing N N 146 
HEM C4A NA   sing Y N 147 
HEM CMA HMA  sing N N 148 
HEM CMA HMAA sing N N 149 
HEM CMA HMAB sing N N 150 
HEM CAA CBA  sing N N 151 
HEM CAA HAA  sing N N 152 
HEM CAA HAAA sing N N 153 
HEM CBA CGA  sing N N 154 
HEM CBA HBA  sing N N 155 
HEM CBA HBAA sing N N 156 
HEM CGA O1A  doub N N 157 
HEM CGA O2A  sing N N 158 
HEM C1B C2B  sing N N 159 
HEM C1B NB   sing N N 160 
HEM C2B C3B  doub N N 161 
HEM C2B CMB  sing N N 162 
HEM C3B C4B  sing N N 163 
HEM C3B CAB  sing N N 164 
HEM C4B NB   doub N N 165 
HEM CMB HMB  sing N N 166 
HEM CMB HMBA sing N N 167 
HEM CMB HMBB sing N N 168 
HEM CAB CBB  doub N N 169 
HEM CAB HAB  sing N N 170 
HEM CBB HBB  sing N N 171 
HEM CBB HBBA sing N N 172 
HEM C1C C2C  sing Y N 173 
HEM C1C NC   sing Y N 174 
HEM C2C C3C  doub Y N 175 
HEM C2C CMC  sing N N 176 
HEM C3C C4C  sing Y N 177 
HEM C3C CAC  sing N N 178 
HEM C4C NC   sing Y N 179 
HEM CMC HMC  sing N N 180 
HEM CMC HMCA sing N N 181 
HEM CMC HMCB sing N N 182 
HEM CAC CBC  doub N N 183 
HEM CAC HAC  sing N N 184 
HEM CBC HBC  sing N N 185 
HEM CBC HBCA sing N N 186 
HEM C1D C2D  sing N N 187 
HEM C1D ND   doub N N 188 
HEM C2D C3D  doub N N 189 
HEM C2D CMD  sing N N 190 
HEM C3D C4D  sing N N 191 
HEM C3D CAD  sing N N 192 
HEM C4D ND   sing N N 193 
HEM CMD HMD  sing N N 194 
HEM CMD HMDA sing N N 195 
HEM CMD HMDB sing N N 196 
HEM CAD CBD  sing N N 197 
HEM CAD HAD  sing N N 198 
HEM CAD HADA sing N N 199 
HEM CBD CGD  sing N N 200 
HEM CBD HBD  sing N N 201 
HEM CBD HBDA sing N N 202 
HEM CGD O1D  doub N N 203 
HEM CGD O2D  sing N N 204 
HEM O2A H2A  sing N N 205 
HEM O2D H2D  sing N N 206 
HEM FE  NA   sing N N 207 
HEM FE  NB   sing N N 208 
HEM FE  NC   sing N N 209 
HEM FE  ND   sing N N 210 
HIS N   CA   sing N N 211 
HIS N   H    sing N N 212 
HIS N   H2   sing N N 213 
HIS CA  C    sing N N 214 
HIS CA  CB   sing N N 215 
HIS CA  HA   sing N N 216 
HIS C   O    doub N N 217 
HIS C   OXT  sing N N 218 
HIS CB  CG   sing N N 219 
HIS CB  HB2  sing N N 220 
HIS CB  HB3  sing N N 221 
HIS CG  ND1  sing Y N 222 
HIS CG  CD2  doub Y N 223 
HIS ND1 CE1  doub Y N 224 
HIS ND1 HD1  sing N N 225 
HIS CD2 NE2  sing Y N 226 
HIS CD2 HD2  sing N N 227 
HIS CE1 NE2  sing Y N 228 
HIS CE1 HE1  sing N N 229 
HIS NE2 HE2  sing N N 230 
HIS OXT HXT  sing N N 231 
HOH O   H1   sing N N 232 
HOH O   H2   sing N N 233 
ILE N   CA   sing N N 234 
ILE N   H    sing N N 235 
ILE N   H2   sing N N 236 
ILE CA  C    sing N N 237 
ILE CA  CB   sing N N 238 
ILE CA  HA   sing N N 239 
ILE C   O    doub N N 240 
ILE C   OXT  sing N N 241 
ILE CB  CG1  sing N N 242 
ILE CB  CG2  sing N N 243 
ILE CB  HB   sing N N 244 
ILE CG1 CD1  sing N N 245 
ILE CG1 HG12 sing N N 246 
ILE CG1 HG13 sing N N 247 
ILE CG2 HG21 sing N N 248 
ILE CG2 HG22 sing N N 249 
ILE CG2 HG23 sing N N 250 
ILE CD1 HD11 sing N N 251 
ILE CD1 HD12 sing N N 252 
ILE CD1 HD13 sing N N 253 
ILE OXT HXT  sing N N 254 
LEU N   CA   sing N N 255 
LEU N   H    sing N N 256 
LEU N   H2   sing N N 257 
LEU CA  C    sing N N 258 
LEU CA  CB   sing N N 259 
LEU CA  HA   sing N N 260 
LEU C   O    doub N N 261 
LEU C   OXT  sing N N 262 
LEU CB  CG   sing N N 263 
LEU CB  HB2  sing N N 264 
LEU CB  HB3  sing N N 265 
LEU CG  CD1  sing N N 266 
LEU CG  CD2  sing N N 267 
LEU CG  HG   sing N N 268 
LEU CD1 HD11 sing N N 269 
LEU CD1 HD12 sing N N 270 
LEU CD1 HD13 sing N N 271 
LEU CD2 HD21 sing N N 272 
LEU CD2 HD22 sing N N 273 
LEU CD2 HD23 sing N N 274 
LEU OXT HXT  sing N N 275 
LYS N   CA   sing N N 276 
LYS N   H    sing N N 277 
LYS N   H2   sing N N 278 
LYS CA  C    sing N N 279 
LYS CA  CB   sing N N 280 
LYS CA  HA   sing N N 281 
LYS C   O    doub N N 282 
LYS C   OXT  sing N N 283 
LYS CB  CG   sing N N 284 
LYS CB  HB2  sing N N 285 
LYS CB  HB3  sing N N 286 
LYS CG  CD   sing N N 287 
LYS CG  HG2  sing N N 288 
LYS CG  HG3  sing N N 289 
LYS CD  CE   sing N N 290 
LYS CD  HD2  sing N N 291 
LYS CD  HD3  sing N N 292 
LYS CE  NZ   sing N N 293 
LYS CE  HE2  sing N N 294 
LYS CE  HE3  sing N N 295 
LYS NZ  HZ1  sing N N 296 
LYS NZ  HZ2  sing N N 297 
LYS NZ  HZ3  sing N N 298 
LYS OXT HXT  sing N N 299 
MET N   CA   sing N N 300 
MET N   H    sing N N 301 
MET N   H2   sing N N 302 
MET CA  C    sing N N 303 
MET CA  CB   sing N N 304 
MET CA  HA   sing N N 305 
MET C   O    doub N N 306 
MET C   OXT  sing N N 307 
MET CB  CG   sing N N 308 
MET CB  HB2  sing N N 309 
MET CB  HB3  sing N N 310 
MET CG  SD   sing N N 311 
MET CG  HG2  sing N N 312 
MET CG  HG3  sing N N 313 
MET SD  CE   sing N N 314 
MET CE  HE1  sing N N 315 
MET CE  HE2  sing N N 316 
MET CE  HE3  sing N N 317 
MET OXT HXT  sing N N 318 
OXY O1  O2   doub N N 319 
PHE N   CA   sing N N 320 
PHE N   H    sing N N 321 
PHE N   H2   sing N N 322 
PHE CA  C    sing N N 323 
PHE CA  CB   sing N N 324 
PHE CA  HA   sing N N 325 
PHE C   O    doub N N 326 
PHE C   OXT  sing N N 327 
PHE CB  CG   sing N N 328 
PHE CB  HB2  sing N N 329 
PHE CB  HB3  sing N N 330 
PHE CG  CD1  doub Y N 331 
PHE CG  CD2  sing Y N 332 
PHE CD1 CE1  sing Y N 333 
PHE CD1 HD1  sing N N 334 
PHE CD2 CE2  doub Y N 335 
PHE CD2 HD2  sing N N 336 
PHE CE1 CZ   doub Y N 337 
PHE CE1 HE1  sing N N 338 
PHE CE2 CZ   sing Y N 339 
PHE CE2 HE2  sing N N 340 
PHE CZ  HZ   sing N N 341 
PHE OXT HXT  sing N N 342 
PRO N   CA   sing N N 343 
PRO N   CD   sing N N 344 
PRO N   H    sing N N 345 
PRO CA  C    sing N N 346 
PRO CA  CB   sing N N 347 
PRO CA  HA   sing N N 348 
PRO C   O    doub N N 349 
PRO C   OXT  sing N N 350 
PRO CB  CG   sing N N 351 
PRO CB  HB2  sing N N 352 
PRO CB  HB3  sing N N 353 
PRO CG  CD   sing N N 354 
PRO CG  HG2  sing N N 355 
PRO CG  HG3  sing N N 356 
PRO CD  HD2  sing N N 357 
PRO CD  HD3  sing N N 358 
PRO OXT HXT  sing N N 359 
SER N   CA   sing N N 360 
SER N   H    sing N N 361 
SER N   H2   sing N N 362 
SER CA  C    sing N N 363 
SER CA  CB   sing N N 364 
SER CA  HA   sing N N 365 
SER C   O    doub N N 366 
SER C   OXT  sing N N 367 
SER CB  OG   sing N N 368 
SER CB  HB2  sing N N 369 
SER CB  HB3  sing N N 370 
SER OG  HG   sing N N 371 
SER OXT HXT  sing N N 372 
SO4 S   O1   doub N N 373 
SO4 S   O2   doub N N 374 
SO4 S   O3   sing N N 375 
SO4 S   O4   sing N N 376 
THR N   CA   sing N N 377 
THR N   H    sing N N 378 
THR N   H2   sing N N 379 
THR CA  C    sing N N 380 
THR CA  CB   sing N N 381 
THR CA  HA   sing N N 382 
THR C   O    doub N N 383 
THR C   OXT  sing N N 384 
THR CB  OG1  sing N N 385 
THR CB  CG2  sing N N 386 
THR CB  HB   sing N N 387 
THR OG1 HG1  sing N N 388 
THR CG2 HG21 sing N N 389 
THR CG2 HG22 sing N N 390 
THR CG2 HG23 sing N N 391 
THR OXT HXT  sing N N 392 
TRP N   CA   sing N N 393 
TRP N   H    sing N N 394 
TRP N   H2   sing N N 395 
TRP CA  C    sing N N 396 
TRP CA  CB   sing N N 397 
TRP CA  HA   sing N N 398 
TRP C   O    doub N N 399 
TRP C   OXT  sing N N 400 
TRP CB  CG   sing N N 401 
TRP CB  HB2  sing N N 402 
TRP CB  HB3  sing N N 403 
TRP CG  CD1  doub Y N 404 
TRP CG  CD2  sing Y N 405 
TRP CD1 NE1  sing Y N 406 
TRP CD1 HD1  sing N N 407 
TRP CD2 CE2  doub Y N 408 
TRP CD2 CE3  sing Y N 409 
TRP NE1 CE2  sing Y N 410 
TRP NE1 HE1  sing N N 411 
TRP CE2 CZ2  sing Y N 412 
TRP CE3 CZ3  doub Y N 413 
TRP CE3 HE3  sing N N 414 
TRP CZ2 CH2  doub Y N 415 
TRP CZ2 HZ2  sing N N 416 
TRP CZ3 CH2  sing Y N 417 
TRP CZ3 HZ3  sing N N 418 
TRP CH2 HH2  sing N N 419 
TRP OXT HXT  sing N N 420 
TYR N   CA   sing N N 421 
TYR N   H    sing N N 422 
TYR N   H2   sing N N 423 
TYR CA  C    sing N N 424 
TYR CA  CB   sing N N 425 
TYR CA  HA   sing N N 426 
TYR C   O    doub N N 427 
TYR C   OXT  sing N N 428 
TYR CB  CG   sing N N 429 
TYR CB  HB2  sing N N 430 
TYR CB  HB3  sing N N 431 
TYR CG  CD1  doub Y N 432 
TYR CG  CD2  sing Y N 433 
TYR CD1 CE1  sing Y N 434 
TYR CD1 HD1  sing N N 435 
TYR CD2 CE2  doub Y N 436 
TYR CD2 HD2  sing N N 437 
TYR CE1 CZ   doub Y N 438 
TYR CE1 HE1  sing N N 439 
TYR CE2 CZ   sing Y N 440 
TYR CE2 HE2  sing N N 441 
TYR CZ  OH   sing N N 442 
TYR OH  HH   sing N N 443 
TYR OXT HXT  sing N N 444 
VAL N   CA   sing N N 445 
VAL N   H    sing N N 446 
VAL N   H2   sing N N 447 
VAL CA  C    sing N N 448 
VAL CA  CB   sing N N 449 
VAL CA  HA   sing N N 450 
VAL C   O    doub N N 451 
VAL C   OXT  sing N N 452 
VAL CB  CG1  sing N N 453 
VAL CB  CG2  sing N N 454 
VAL CB  HB   sing N N 455 
VAL CG1 HG11 sing N N 456 
VAL CG1 HG12 sing N N 457 
VAL CG1 HG13 sing N N 458 
VAL CG2 HG21 sing N N 459 
VAL CG2 HG22 sing N N 460 
VAL CG2 HG23 sing N N 461 
VAL OXT HXT  sing N N 462 
# 
loop_
_pdbx_entity_nonpoly.entity_id 
_pdbx_entity_nonpoly.name 
_pdbx_entity_nonpoly.comp_id 
2 'PROTOPORPHYRIN IX CONTAINING FE' HEM 
3 'OXYGEN MOLECULE'                 OXY 
4 'SULFATE ION'                     SO4 
5 XENON                             XE  
6 water                             HOH 
# 
_pdbx_initial_refinement_model.id               1 
_pdbx_initial_refinement_model.entity_id_list   ? 
_pdbx_initial_refinement_model.type             'experimental model' 
_pdbx_initial_refinement_model.source_name      PDB 
_pdbx_initial_refinement_model.accession_code   1KR7 
_pdbx_initial_refinement_model.details          'PDB ENTRY 1KR7' 
# 
